data_3G7A
# 
_entry.id   3G7A 
# 
_audit_conform.dict_name       mmcif_pdbx.dic 
_audit_conform.dict_version    5.381 
_audit_conform.dict_location   http://mmcif.pdb.org/dictionaries/ascii/mmcif_pdbx.dic 
# 
loop_
_database_2.database_id 
_database_2.database_code 
_database_2.pdbx_database_accession 
_database_2.pdbx_DOI 
PDB   3G7A         pdb_00003g7a 10.2210/pdb3g7a/pdb 
RCSB  RCSB051512   ?            ?                   
WWPDB D_1000051512 ?            ?                   
# 
loop_
_pdbx_database_related.db_name 
_pdbx_database_related.db_id 
_pdbx_database_related.details 
_pdbx_database_related.content_type 
PDB 3F4Y 'HIV gp41 six-helix bundle with mutated CHR sequence'               unspecified 
PDB 3F50 'HIV gp41 six-helix bundle with an alpha/beta-peptide CHR analogue' unspecified 
PDB 1AIK 'HIV gp41 six-helix bundle structure with native CHR sequence'      unspecified 
# 
_pdbx_database_status.status_code                     REL 
_pdbx_database_status.entry_id                        3G7A 
_pdbx_database_status.recvd_initial_deposition_date   2009-02-09 
_pdbx_database_status.deposit_site                    RCSB 
_pdbx_database_status.process_site                    RCSB 
_pdbx_database_status.status_code_sf                  REL 
_pdbx_database_status.status_code_mr                  ? 
_pdbx_database_status.SG_entry                        . 
_pdbx_database_status.pdb_format_compatible           Y 
_pdbx_database_status.status_code_cs                  ? 
_pdbx_database_status.status_code_nmr_data            ? 
_pdbx_database_status.methods_development_category    ? 
# 
loop_
_audit_author.name 
_audit_author.pdbx_ordinal 
'Horne, W.S.'   1 
'Johnson, L.M.' 2 
'Gellman, S.H.' 3 
# 
_citation.id                        primary 
_citation.title                     
'Structural and biological mimicry of protein surface recognition by alpha/beta-peptide foldamers' 
_citation.journal_abbrev            Proc.Natl.Acad.Sci.USA 
_citation.journal_volume            106 
_citation.page_first                14751 
_citation.page_last                 14756 
_citation.year                      2009 
_citation.journal_id_ASTM           PNASA6 
_citation.country                   US 
_citation.journal_id_ISSN           0027-8424 
_citation.journal_id_CSD            0040 
_citation.book_publisher            ? 
_citation.pdbx_database_id_PubMed   19706443 
_citation.pdbx_database_id_DOI      10.1073/pnas.0902663106 
# 
loop_
_citation_author.citation_id 
_citation_author.name 
_citation_author.ordinal 
_citation_author.identifier_ORCID 
primary 'Horne, W.S.'   1 ? 
primary 'Johnson, L.M.' 2 ? 
primary 'Ketas, T.J.'   3 ? 
primary 'Klasse, P.J.'  4 ? 
primary 'Lu, M.'        5 ? 
primary 'Moore, J.P.'   6 ? 
primary 'Gellman, S.H.' 7 ? 
# 
_cell.entry_id           3G7A 
_cell.length_a           57.043 
_cell.length_b           57.043 
_cell.length_c           186.314 
_cell.angle_alpha        90.00 
_cell.angle_beta         90.00 
_cell.angle_gamma        120.00 
_cell.Z_PDB              18 
_cell.pdbx_unique_axis   ? 
_cell.length_a_esd       ? 
_cell.length_b_esd       ? 
_cell.length_c_esd       ? 
_cell.angle_alpha_esd    ? 
_cell.angle_beta_esd     ? 
_cell.angle_gamma_esd    ? 
# 
_symmetry.entry_id                         3G7A 
_symmetry.space_group_name_H-M             'H 3 2' 
_symmetry.pdbx_full_space_group_name_H-M   ? 
_symmetry.cell_setting                     ? 
_symmetry.Int_Tables_number                155 
_symmetry.space_group_name_Hall            ? 
# 
loop_
_entity.id 
_entity.type 
_entity.src_method 
_entity.pdbx_description 
_entity.formula_weight 
_entity.pdbx_number_of_molecules 
_entity.pdbx_ec 
_entity.pdbx_mutation 
_entity.pdbx_fragment 
_entity.details 
1 polymer     syn 'Envelope glycoprotein gp160'                                           4126.805 1  ? ? ? ? 
2 polymer     syn 'Chimeric alpha+alpha/beta-peptide analogue of the HIV gp41 CHR domain' 4478.988 1  ? ? ? ? 
3 non-polymer syn 'ACETYL GROUP'                                                          44.053   1  ? ? ? ? 
4 non-polymer syn GLYCEROL                                                                92.094   4  ? ? ? ? 
5 water       nat water                                                                   18.015   12 ? ? ? ? 
# 
_entity_name_com.entity_id   1 
_entity_name_com.name        
'Env polyprotein, Surface protein, SU, Glycoprotein 120, gp120, Transmembrane protein, TM, Glycoprotein 41, gp41' 
# 
loop_
_entity_poly.entity_id 
_entity_poly.type 
_entity_poly.nstd_linkage 
_entity_poly.nstd_monomer 
_entity_poly.pdbx_seq_one_letter_code 
_entity_poly.pdbx_seq_one_letter_code_can 
_entity_poly.pdbx_strand_id 
_entity_poly.pdbx_target_identifier 
1 'polypeptide(L)' no no  SGIVQQQNNLLRAIEAQQHLLQLTVWGIKQLQARIL                                 
SGIVQQQNNLLRAIEAQQHLLQLTVWGIKQLQARIL   A ? 
2 'polypeptide(L)' no yes 'TTWEAWDRAIAEYA(XCP)RIE(XCP)LI(XPC)AAQ(B3E)QQ(B3E)KNE(XCP)AL(XPC)EL' 
TTWEAWDRAIAEYAXRIEXLIXAAQEQQEKNEXALXEL B ? 
# 
loop_
_entity_poly_seq.entity_id 
_entity_poly_seq.num 
_entity_poly_seq.mon_id 
_entity_poly_seq.hetero 
1 1  SER n 
1 2  GLY n 
1 3  ILE n 
1 4  VAL n 
1 5  GLN n 
1 6  GLN n 
1 7  GLN n 
1 8  ASN n 
1 9  ASN n 
1 10 LEU n 
1 11 LEU n 
1 12 ARG n 
1 13 ALA n 
1 14 ILE n 
1 15 GLU n 
1 16 ALA n 
1 17 GLN n 
1 18 GLN n 
1 19 HIS n 
1 20 LEU n 
1 21 LEU n 
1 22 GLN n 
1 23 LEU n 
1 24 THR n 
1 25 VAL n 
1 26 TRP n 
1 27 GLY n 
1 28 ILE n 
1 29 LYS n 
1 30 GLN n 
1 31 LEU n 
1 32 GLN n 
1 33 ALA n 
1 34 ARG n 
1 35 ILE n 
1 36 LEU n 
2 1  THR n 
2 2  THR n 
2 3  TRP n 
2 4  GLU n 
2 5  ALA n 
2 6  TRP n 
2 7  ASP n 
2 8  ARG n 
2 9  ALA n 
2 10 ILE n 
2 11 ALA n 
2 12 GLU n 
2 13 TYR n 
2 14 ALA n 
2 15 XCP n 
2 16 ARG n 
2 17 ILE n 
2 18 GLU n 
2 19 XCP n 
2 20 LEU n 
2 21 ILE n 
2 22 XPC n 
2 23 ALA n 
2 24 ALA n 
2 25 GLN n 
2 26 B3E n 
2 27 GLN n 
2 28 GLN n 
2 29 B3E n 
2 30 LYS n 
2 31 ASN n 
2 32 GLU n 
2 33 XCP n 
2 34 ALA n 
2 35 LEU n 
2 36 XPC n 
2 37 GLU n 
2 38 LEU n 
# 
loop_
_pdbx_entity_src_syn.entity_id 
_pdbx_entity_src_syn.pdbx_src_id 
_pdbx_entity_src_syn.pdbx_alt_source_flag 
_pdbx_entity_src_syn.pdbx_beg_seq_num 
_pdbx_entity_src_syn.pdbx_end_seq_num 
_pdbx_entity_src_syn.organism_scientific 
_pdbx_entity_src_syn.organism_common_name 
_pdbx_entity_src_syn.ncbi_taxonomy_id 
_pdbx_entity_src_syn.details 
1 1 sample ? ? ? ? ? 'synthetic peptide' 
2 1 sample ? ? ? ? ? 'synthetic peptide' 
# 
loop_
_struct_ref.id 
_struct_ref.db_name 
_struct_ref.db_code 
_struct_ref.pdbx_db_accession 
_struct_ref.entity_id 
_struct_ref.pdbx_seq_one_letter_code 
_struct_ref.pdbx_align_begin 
_struct_ref.pdbx_db_isoform 
1 UNP ENV_HV1Z6 P04580 1 SGIVQQQNNLLRAIEAQQHLLQLTVWGIKQLQARIL                                 545 ? 
2 PDB 3G7A      3G7A   2 'TTWEAWDRAIAEYA(XCP)RIE(XCP)LI(XPC)AAQ(B3E)QQ(B3E)KNE(XCP)AL(XPC)EL' 1   ? 
# 
loop_
_struct_ref_seq.align_id 
_struct_ref_seq.ref_id 
_struct_ref_seq.pdbx_PDB_id_code 
_struct_ref_seq.pdbx_strand_id 
_struct_ref_seq.seq_align_beg 
_struct_ref_seq.pdbx_seq_align_beg_ins_code 
_struct_ref_seq.seq_align_end 
_struct_ref_seq.pdbx_seq_align_end_ins_code 
_struct_ref_seq.pdbx_db_accession 
_struct_ref_seq.db_align_beg 
_struct_ref_seq.pdbx_db_align_beg_ins_code 
_struct_ref_seq.db_align_end 
_struct_ref_seq.pdbx_db_align_end_ins_code 
_struct_ref_seq.pdbx_auth_seq_align_beg 
_struct_ref_seq.pdbx_auth_seq_align_end 
1 1 3G7A A 1 ? 36 ? P04580 545 ? 580 ? 1 36 
2 2 3G7A B 1 ? 38 ? 3G7A   1   ? 38  ? 1 38 
# 
loop_
_chem_comp.id 
_chem_comp.type 
_chem_comp.mon_nstd_flag 
_chem_comp.name 
_chem_comp.pdbx_synonyms 
_chem_comp.formula 
_chem_comp.formula_weight 
ACE non-polymer         . 'ACETYL GROUP'                                 ?                                              'C2 H4 O' 
44.053  
ALA 'L-peptide linking' y ALANINE                                        ?                                              
'C3 H7 N O2'     89.093  
ARG 'L-peptide linking' y ARGININE                                       ?                                              
'C6 H15 N4 O2 1' 175.209 
ASN 'L-peptide linking' y ASPARAGINE                                     ?                                              
'C4 H8 N2 O3'    132.118 
ASP 'L-peptide linking' y 'ASPARTIC ACID'                                ?                                              
'C4 H7 N O4'     133.103 
B3E 'L-peptide linking' n '(3S)-3-AMINOHEXANEDIOIC ACID'                 ?                                              
'C6 H11 N O4'    161.156 
GLN 'L-peptide linking' y GLUTAMINE                                      ?                                              
'C5 H10 N2 O3'   146.144 
GLU 'L-peptide linking' y 'GLUTAMIC ACID'                                ?                                              
'C5 H9 N O4'     147.129 
GLY 'peptide linking'   y GLYCINE                                        ?                                              
'C2 H5 N O2'     75.067  
GOL non-polymer         . GLYCEROL                                       'GLYCERIN; PROPANE-1,2,3-TRIOL'                'C3 H8 O3' 
92.094  
HIS 'L-peptide linking' y HISTIDINE                                      ?                                              
'C6 H10 N3 O2 1' 156.162 
HOH non-polymer         . WATER                                          ?                                              'H2 O' 
18.015  
ILE 'L-peptide linking' y ISOLEUCINE                                     ?                                              
'C6 H13 N O2'    131.173 
LEU 'L-peptide linking' y LEUCINE                                        ?                                              
'C6 H13 N O2'    131.173 
LYS 'L-peptide linking' y LYSINE                                         ?                                              
'C6 H15 N2 O2 1' 147.195 
SER 'L-peptide linking' y SERINE                                         ?                                              
'C3 H7 N O3'     105.093 
THR 'L-peptide linking' y THREONINE                                      ?                                              
'C4 H9 N O3'     119.119 
TRP 'L-peptide linking' y TRYPTOPHAN                                     ?                                              
'C11 H12 N2 O2'  204.225 
TYR 'L-peptide linking' y TYROSINE                                       ?                                              
'C9 H11 N O3'    181.189 
VAL 'L-peptide linking' y VALINE                                         ?                                              
'C5 H11 N O2'    117.146 
XCP peptide-like        . '(1S,2S)-2-aminocyclopentanecarboxylic acid'   ?                                              
'C6 H11 N O2'    129.157 
XPC peptide-like        . '(3S,4R)-4-aminopyrrolidine-3-carboxylic acid' '(3R,4S)-3-Aminopyrrolidine-4-carboxylic acid' 
'C5 H10 N2 O2'   130.145 
# 
_exptl.entry_id          3G7A 
_exptl.method            'X-RAY DIFFRACTION' 
_exptl.crystals_number   1 
# 
_exptl_crystal.id                    1 
_exptl_crystal.density_meas          ? 
_exptl_crystal.density_Matthews      3.39 
_exptl_crystal.density_percent_sol   63.71 
_exptl_crystal.description           ? 
# 
_exptl_crystal_grow.crystal_id      1 
_exptl_crystal_grow.method          'VAPOR DIFFUSION, HANGING DROP' 
_exptl_crystal_grow.temp            298 
_exptl_crystal_grow.temp_details    ? 
_exptl_crystal_grow.pH              7 
_exptl_crystal_grow.pdbx_pH_range   ? 
_exptl_crystal_grow.pdbx_details    
'0.4 M lithium sulfate, 12% w/v PEG 8000, 20% v/v glycerol, pH 7, VAPOR DIFFUSION, HANGING DROP, temperature 298K' 
# 
_diffrn.id                     1 
_diffrn.ambient_temp           100 
_diffrn.ambient_temp_details   ? 
_diffrn.crystal_id             1 
# 
_diffrn_detector.diffrn_id              1 
_diffrn_detector.detector               CCD 
_diffrn_detector.type                   'BRUKER SMART 6000' 
_diffrn_detector.pdbx_collection_date   2008-11-18 
_diffrn_detector.details                'confocal mirrors' 
# 
_diffrn_radiation.diffrn_id                        1 
_diffrn_radiation.wavelength_id                    1 
_diffrn_radiation.pdbx_monochromatic_or_laue_m_l   M 
_diffrn_radiation.monochromator                    'gobel mirrors' 
_diffrn_radiation.pdbx_diffrn_protocol             'SINGLE WAVELENGTH' 
_diffrn_radiation.pdbx_scattering_type             x-ray 
# 
_diffrn_radiation_wavelength.id           1 
_diffrn_radiation_wavelength.wavelength   1.5418 
_diffrn_radiation_wavelength.wt           1.0 
# 
_diffrn_source.diffrn_id                   1 
_diffrn_source.source                      'ROTATING ANODE' 
_diffrn_source.type                        'BRUKER AXS MICROSTAR' 
_diffrn_source.pdbx_synchrotron_site       ? 
_diffrn_source.pdbx_synchrotron_beamline   ? 
_diffrn_source.pdbx_wavelength             ? 
_diffrn_source.pdbx_wavelength_list        1.5418 
# 
_reflns.entry_id                     3G7A 
_reflns.observed_criterion_sigma_I   ? 
_reflns.observed_criterion_sigma_F   ? 
_reflns.d_resolution_low             50.0 
_reflns.d_resolution_high            2.8 
_reflns.number_obs                   3085 
_reflns.number_all                   3100 
_reflns.percent_possible_obs         99.5 
_reflns.pdbx_Rmerge_I_obs            ? 
_reflns.pdbx_Rsym_value              0.058 
_reflns.pdbx_netI_over_sigmaI        16.8 
_reflns.B_iso_Wilson_estimate        ? 
_reflns.pdbx_redundancy              5.9 
_reflns.pdbx_ordinal                 1 
_reflns.pdbx_diffrn_id               1 
# 
_reflns_shell.d_res_high             2.8 
_reflns_shell.d_res_low              2.9 
_reflns_shell.percent_possible_all   100 
_reflns_shell.Rmerge_I_obs           ? 
_reflns_shell.pdbx_Rsym_value        0.388 
_reflns_shell.meanI_over_sigI_obs    3.7 
_reflns_shell.pdbx_redundancy        6.2 
_reflns_shell.pdbx_ordinal           1 
_reflns_shell.pdbx_diffrn_id         1 
# 
_refine.pdbx_refine_id                           'X-RAY DIFFRACTION' 
_refine.entry_id                                 3G7A 
_refine.ls_number_reflns_obs                     2947 
_refine.ls_number_reflns_all                     ? 
_refine.pdbx_ls_sigma_I                          ? 
_refine.pdbx_ls_sigma_F                          . 
_refine.pdbx_data_cutoff_high_absF               ? 
_refine.pdbx_data_cutoff_low_absF                ? 
_refine.pdbx_data_cutoff_high_rms_absF           ? 
_refine.ls_d_res_low                             25.00 
_refine.ls_d_res_high                            2.80 
_refine.ls_percent_reflns_obs                    99.58 
_refine.ls_R_factor_obs                          0.25425 
_refine.ls_R_factor_all                          ? 
_refine.ls_R_factor_R_work                       0.25177 
_refine.ls_R_factor_R_free                       0.31083 
_refine.ls_R_factor_R_free_error                 ? 
_refine.ls_R_factor_R_free_error_details         ? 
_refine.ls_percent_reflns_R_free                 4.3 
_refine.ls_number_reflns_R_free                  132 
_refine.ls_number_parameters                     ? 
_refine.ls_number_restraints                     ? 
_refine.occupancy_min                            ? 
_refine.occupancy_max                            ? 
_refine.correlation_coeff_Fo_to_Fc               0.945 
_refine.correlation_coeff_Fo_to_Fc_free          0.898 
_refine.B_iso_mean                               32.413 
_refine.aniso_B[1][1]                            3.54 
_refine.aniso_B[2][2]                            3.54 
_refine.aniso_B[3][3]                            -5.31 
_refine.aniso_B[1][2]                            1.77 
_refine.aniso_B[1][3]                            0.00 
_refine.aniso_B[2][3]                            0.00 
_refine.solvent_model_details                    MASK 
_refine.solvent_model_param_ksol                 ? 
_refine.solvent_model_param_bsol                 ? 
_refine.pdbx_solvent_vdw_probe_radii             1.20 
_refine.pdbx_solvent_ion_probe_radii             0.80 
_refine.pdbx_solvent_shrinkage_radii             0.80 
_refine.pdbx_ls_cross_valid_method               THROUGHOUT 
_refine.details                                  'HYDROGENS HAVE BEEN ADDED IN THE RIDING POSITIONS' 
_refine.pdbx_starting_model                      'PDB entries 3F4Y, 3F50' 
_refine.pdbx_method_to_determine_struct          'MOLECULAR REPLACEMENT' 
_refine.pdbx_isotropic_thermal_model             ? 
_refine.pdbx_stereochemistry_target_values       'MAXIMUM LIKELIHOOD' 
_refine.pdbx_stereochem_target_val_spec_case     ? 
_refine.pdbx_R_Free_selection_details            RANDOM 
_refine.pdbx_overall_ESU_R                       0.797 
_refine.pdbx_overall_ESU_R_Free                  0.403 
_refine.overall_SU_ML                            0.329 
_refine.pdbx_overall_phase_error                 ? 
_refine.overall_SU_B                             39.290 
_refine.pdbx_TLS_residual_ADP_flag               'LIKELY RESIDUAL' 
_refine.pdbx_diffrn_id                           1 
_refine.overall_SU_R_Cruickshank_DPI             ? 
_refine.pdbx_overall_SU_R_free_Cruickshank_DPI   ? 
_refine.pdbx_overall_SU_R_Blow_DPI               ? 
_refine.pdbx_overall_SU_R_free_Blow_DPI          ? 
# 
_refine_hist.pdbx_refine_id                   'X-RAY DIFFRACTION' 
_refine_hist.cycle_id                         LAST 
_refine_hist.pdbx_number_atoms_protein        574 
_refine_hist.pdbx_number_atoms_nucleic_acid   0 
_refine_hist.pdbx_number_atoms_ligand         27 
_refine_hist.number_atoms_solvent             12 
_refine_hist.number_atoms_total               613 
_refine_hist.d_res_high                       2.80 
_refine_hist.d_res_low                        25.00 
# 
loop_
_refine_ls_restr.type 
_refine_ls_restr.dev_ideal 
_refine_ls_restr.dev_ideal_target 
_refine_ls_restr.weight 
_refine_ls_restr.number 
_refine_ls_restr.pdbx_refine_id 
_refine_ls_restr.pdbx_restraint_function 
r_bond_refined_d             0.018  0.021  ? 608  'X-RAY DIFFRACTION' ? 
r_bond_other_d               0.005  0.020  ? 417  'X-RAY DIFFRACTION' ? 
r_angle_refined_deg          1.751  2.038  ? 820  'X-RAY DIFFRACTION' ? 
r_angle_other_deg            0.970  3.000  ? 1026 'X-RAY DIFFRACTION' ? 
r_dihedral_angle_1_deg       5.362  5.000  ? 57   'X-RAY DIFFRACTION' ? 
r_dihedral_angle_2_deg       32.576 26.538 ? 26   'X-RAY DIFFRACTION' ? 
r_dihedral_angle_3_deg       21.476 15.000 ? 92   'X-RAY DIFFRACTION' ? 
r_dihedral_angle_4_deg       14.274 15.000 ? 2    'X-RAY DIFFRACTION' ? 
r_chiral_restr               0.081  0.200  ? 95   'X-RAY DIFFRACTION' ? 
r_gen_planes_refined         0.004  0.018  ? 603  'X-RAY DIFFRACTION' ? 
r_gen_planes_other           0.001  0.017  ? 100  'X-RAY DIFFRACTION' ? 
r_nbd_refined                ?      ?      ? ?    'X-RAY DIFFRACTION' ? 
r_nbd_other                  ?      ?      ? ?    'X-RAY DIFFRACTION' ? 
r_nbtor_refined              ?      ?      ? ?    'X-RAY DIFFRACTION' ? 
r_nbtor_other                ?      ?      ? ?    'X-RAY DIFFRACTION' ? 
r_xyhbond_nbd_refined        ?      ?      ? ?    'X-RAY DIFFRACTION' ? 
r_xyhbond_nbd_other          ?      ?      ? ?    'X-RAY DIFFRACTION' ? 
r_metal_ion_refined          ?      ?      ? ?    'X-RAY DIFFRACTION' ? 
r_metal_ion_other            ?      ?      ? ?    'X-RAY DIFFRACTION' ? 
r_symmetry_vdw_refined       ?      ?      ? ?    'X-RAY DIFFRACTION' ? 
r_symmetry_vdw_other         ?      ?      ? ?    'X-RAY DIFFRACTION' ? 
r_symmetry_hbond_refined     ?      ?      ? ?    'X-RAY DIFFRACTION' ? 
r_symmetry_hbond_other       ?      ?      ? ?    'X-RAY DIFFRACTION' ? 
r_symmetry_metal_ion_refined ?      ?      ? ?    'X-RAY DIFFRACTION' ? 
r_symmetry_metal_ion_other   ?      ?      ? ?    'X-RAY DIFFRACTION' ? 
r_mcbond_it                  5.461  2.000  ? 369  'X-RAY DIFFRACTION' ? 
r_mcbond_other               2.261  2.000  ? 150  'X-RAY DIFFRACTION' ? 
r_mcangle_it                 7.709  3.000  ? 582  'X-RAY DIFFRACTION' ? 
r_scbond_it                  4.422  2.000  ? 239  'X-RAY DIFFRACTION' ? 
r_scangle_it                 7.095  3.000  ? 238  'X-RAY DIFFRACTION' ? 
r_rigid_bond_restr           ?      ?      ? ?    'X-RAY DIFFRACTION' ? 
r_sphericity_free            ?      ?      ? ?    'X-RAY DIFFRACTION' ? 
r_sphericity_bonded          ?      ?      ? ?    'X-RAY DIFFRACTION' ? 
# 
_refine_ls_shell.pdbx_refine_id                   'X-RAY DIFFRACTION' 
_refine_ls_shell.pdbx_total_number_of_bins_used   20 
_refine_ls_shell.d_res_high                       2.800 
_refine_ls_shell.d_res_low                        2.872 
_refine_ls_shell.number_reflns_R_work             208 
_refine_ls_shell.R_factor_R_work                  0.455 
_refine_ls_shell.percent_reflns_obs               100.00 
_refine_ls_shell.R_factor_R_free                  0.462 
_refine_ls_shell.R_factor_R_free_error            ? 
_refine_ls_shell.percent_reflns_R_free            ? 
_refine_ls_shell.number_reflns_R_free             5 
_refine_ls_shell.number_reflns_all                ? 
_refine_ls_shell.R_factor_all                     ? 
# 
_struct.entry_id                  3G7A 
_struct.title                     
;HIV gp41 six-helix bundle composed of a chimeric alpha+alpha/beta-peptide analogue of the CHR domain in complex with an NHR domain alpha-peptide
;
_struct.pdbx_model_details        ? 
_struct.pdbx_CASP_flag            ? 
_struct.pdbx_model_type_details   ? 
# 
_struct_keywords.entry_id        3G7A 
_struct_keywords.pdbx_keywords   'VIRAL PROTEIN' 
_struct_keywords.text            
;HIV, viral fusion, gp41, helix-bundle, alpha/beta-peptide, foldamer, AIDS, Apoptosis, Cell membrane, Cleavage on pair of basic residues, Envelope protein, Fusion protein, Glycoprotein, Host-virus interaction, Lipoprotein, Membrane, Palmitate, Transmembrane, Viral immunoevasion, Virion, VIRAL PROTEIN
;
# 
loop_
_struct_asym.id 
_struct_asym.pdbx_blank_PDB_chainid_flag 
_struct_asym.pdbx_modified 
_struct_asym.entity_id 
_struct_asym.details 
A N N 1 ? 
B N N 2 ? 
C N N 3 ? 
D N N 4 ? 
E N N 4 ? 
F N N 4 ? 
G N N 4 ? 
H N N 5 ? 
I N N 5 ? 
# 
_struct_biol.id        1 
_struct_biol.details   ? 
# 
loop_
_struct_conf.conf_type_id 
_struct_conf.id 
_struct_conf.pdbx_PDB_helix_id 
_struct_conf.beg_label_comp_id 
_struct_conf.beg_label_asym_id 
_struct_conf.beg_label_seq_id 
_struct_conf.pdbx_beg_PDB_ins_code 
_struct_conf.end_label_comp_id 
_struct_conf.end_label_asym_id 
_struct_conf.end_label_seq_id 
_struct_conf.pdbx_end_PDB_ins_code 
_struct_conf.beg_auth_comp_id 
_struct_conf.beg_auth_asym_id 
_struct_conf.beg_auth_seq_id 
_struct_conf.end_auth_comp_id 
_struct_conf.end_auth_asym_id 
_struct_conf.end_auth_seq_id 
_struct_conf.pdbx_PDB_helix_class 
_struct_conf.details 
_struct_conf.pdbx_PDB_helix_length 
HELX_P HELX_P1 1 SER A 1 ? ILE A 35 ? SER A 1 ILE A 35 1 ? 35 
HELX_P HELX_P2 2 THR B 2 ? LEU B 38 ? THR B 2 LEU B 38 1 ? 37 
# 
_struct_conf_type.id          HELX_P 
_struct_conf_type.criteria    ? 
_struct_conf_type.reference   ? 
# 
loop_
_struct_conn.id 
_struct_conn.conn_type_id 
_struct_conn.pdbx_leaving_atom_flag 
_struct_conn.pdbx_PDB_id 
_struct_conn.ptnr1_label_asym_id 
_struct_conn.ptnr1_label_comp_id 
_struct_conn.ptnr1_label_seq_id 
_struct_conn.ptnr1_label_atom_id 
_struct_conn.pdbx_ptnr1_label_alt_id 
_struct_conn.pdbx_ptnr1_PDB_ins_code 
_struct_conn.pdbx_ptnr1_standard_comp_id 
_struct_conn.ptnr1_symmetry 
_struct_conn.ptnr2_label_asym_id 
_struct_conn.ptnr2_label_comp_id 
_struct_conn.ptnr2_label_seq_id 
_struct_conn.ptnr2_label_atom_id 
_struct_conn.pdbx_ptnr2_label_alt_id 
_struct_conn.pdbx_ptnr2_PDB_ins_code 
_struct_conn.ptnr1_auth_asym_id 
_struct_conn.ptnr1_auth_comp_id 
_struct_conn.ptnr1_auth_seq_id 
_struct_conn.ptnr2_auth_asym_id 
_struct_conn.ptnr2_auth_comp_id 
_struct_conn.ptnr2_auth_seq_id 
_struct_conn.ptnr2_symmetry 
_struct_conn.pdbx_ptnr3_label_atom_id 
_struct_conn.pdbx_ptnr3_label_seq_id 
_struct_conn.pdbx_ptnr3_label_comp_id 
_struct_conn.pdbx_ptnr3_label_asym_id 
_struct_conn.pdbx_ptnr3_label_alt_id 
_struct_conn.pdbx_ptnr3_PDB_ins_code 
_struct_conn.details 
_struct_conn.pdbx_dist_value 
_struct_conn.pdbx_value_order 
_struct_conn.pdbx_role 
covale1  covale both ? C ACE .  C ? ? ? 1_555 A SER 1  N ? ? A ACE 0  A SER 1  1_555 ? ? ? ? ? ? ? 1.337 ? ? 
covale2  covale both ? B ALA 14 C ? ? ? 1_555 B XCP 15 N ? ? B ALA 14 B XCP 15 1_555 ? ? ? ? ? ? ? 1.308 ? ? 
covale3  covale both ? B XCP 15 C ? ? ? 1_555 B ARG 16 N ? ? B XCP 15 B ARG 16 1_555 ? ? ? ? ? ? ? 1.324 ? ? 
covale4  covale both ? B GLU 18 C ? ? ? 1_555 B XCP 19 N ? ? B GLU 18 B XCP 19 1_555 ? ? ? ? ? ? ? 1.327 ? ? 
covale5  covale both ? B XCP 19 C ? ? ? 1_555 B LEU 20 N ? ? B XCP 19 B LEU 20 1_555 ? ? ? ? ? ? ? 1.324 ? ? 
covale6  covale both ? B ILE 21 C ? ? ? 1_555 B XPC 22 N ? ? B ILE 21 B XPC 22 1_555 ? ? ? ? ? ? ? 1.291 ? ? 
covale7  covale both ? B XPC 22 C ? ? ? 1_555 B ALA 23 N ? ? B XPC 22 B ALA 23 1_555 ? ? ? ? ? ? ? 1.334 ? ? 
covale8  covale both ? B GLN 25 C ? ? ? 1_555 B B3E 26 N ? ? B GLN 25 B B3E 26 1_555 ? ? ? ? ? ? ? 1.338 ? ? 
covale9  covale both ? B B3E 26 C ? ? ? 1_555 B GLN 27 N ? ? B B3E 26 B GLN 27 1_555 ? ? ? ? ? ? ? 1.341 ? ? 
covale10 covale both ? B GLN 28 C ? ? ? 1_555 B B3E 29 N ? ? B GLN 28 B B3E 29 1_555 ? ? ? ? ? ? ? 1.281 ? ? 
covale11 covale both ? B B3E 29 C ? ? ? 1_555 B LYS 30 N ? ? B B3E 29 B LYS 30 1_555 ? ? ? ? ? ? ? 1.341 ? ? 
covale12 covale both ? B GLU 32 C ? ? ? 1_555 B XCP 33 N ? ? B GLU 32 B XCP 33 1_555 ? ? ? ? ? ? ? 1.340 ? ? 
covale13 covale both ? B XCP 33 C ? ? ? 1_555 B ALA 34 N ? ? B XCP 33 B ALA 34 1_555 ? ? ? ? ? ? ? 1.343 ? ? 
covale14 covale both ? B LEU 35 C ? ? ? 1_555 B XPC 36 N ? ? B LEU 35 B XPC 36 1_555 ? ? ? ? ? ? ? 1.297 ? ? 
covale15 covale both ? B XPC 36 C ? ? ? 1_555 B GLU 37 N ? ? B XPC 36 B GLU 37 1_555 ? ? ? ? ? ? ? 1.344 ? ? 
# 
_struct_conn_type.id          covale 
_struct_conn_type.criteria    ? 
_struct_conn_type.reference   ? 
# 
loop_
_struct_site.id 
_struct_site.pdbx_evidence_code 
_struct_site.pdbx_auth_asym_id 
_struct_site.pdbx_auth_comp_id 
_struct_site.pdbx_auth_seq_id 
_struct_site.pdbx_auth_ins_code 
_struct_site.pdbx_num_residues 
_struct_site.details 
AC1 Software A ACE 0  ? 4 'BINDING SITE FOR RESIDUE ACE A 0'  
AC2 Software A GOL 37 ? 4 'BINDING SITE FOR RESIDUE GOL A 37' 
AC3 Software A GOL 38 ? 2 'BINDING SITE FOR RESIDUE GOL A 38' 
AC4 Software B GOL 39 ? 1 'BINDING SITE FOR RESIDUE GOL B 39' 
AC5 Software B GOL 40 ? 4 'BINDING SITE FOR RESIDUE GOL B 40' 
# 
loop_
_struct_site_gen.id 
_struct_site_gen.site_id 
_struct_site_gen.pdbx_num_res 
_struct_site_gen.label_comp_id 
_struct_site_gen.label_asym_id 
_struct_site_gen.label_seq_id 
_struct_site_gen.pdbx_auth_ins_code 
_struct_site_gen.auth_comp_id 
_struct_site_gen.auth_asym_id 
_struct_site_gen.auth_seq_id 
_struct_site_gen.label_atom_id 
_struct_site_gen.label_alt_id 
_struct_site_gen.symmetry 
_struct_site_gen.details 
1  AC1 4 SER A 1  ? SER A 1  . ? 1_555 ? 
2  AC1 4 GLY A 2  ? GLY A 2  . ? 1_555 ? 
3  AC1 4 ILE A 3  ? ILE A 3  . ? 1_555 ? 
4  AC1 4 VAL A 4  ? VAL A 4  . ? 1_555 ? 
5  AC2 4 ARG A 12 ? ARG A 12 . ? 1_555 ? 
6  AC2 4 THR B 2  ? THR B 2  . ? 4_655 ? 
7  AC2 4 GLU B 4  ? GLU B 4  . ? 4_655 ? 
8  AC2 4 ARG B 8  ? ARG B 8  . ? 4_655 ? 
9  AC3 2 GLU A 15 ? GLU A 15 . ? 1_555 ? 
10 AC3 2 HOH H .  ? HOH A 39 . ? 1_555 ? 
11 AC4 1 LYS A 29 ? LYS A 29 . ? 6_555 ? 
12 AC5 4 GLU B 12 ? GLU B 12 . ? 1_555 ? 
13 AC5 4 GLU B 12 ? GLU B 12 . ? 6_555 ? 
14 AC5 4 TYR B 13 ? TYR B 13 . ? 1_555 ? 
15 AC5 4 ARG B 16 ? ARG B 16 . ? 1_555 ? 
# 
_atom_sites.entry_id                    3G7A 
_atom_sites.fract_transf_matrix[1][1]   0.01552702 
_atom_sites.fract_transf_matrix[1][2]   0.01003068 
_atom_sites.fract_transf_matrix[1][3]   0.00825032 
_atom_sites.fract_transf_matrix[2][1]   0.00082637 
_atom_sites.fract_transf_matrix[2][2]   0.02018653 
_atom_sites.fract_transf_matrix[2][3]   -0.00126496 
_atom_sites.fract_transf_matrix[3][1]   -0.00271063 
_atom_sites.fract_transf_matrix[3][2]   0.00040015 
_atom_sites.fract_transf_matrix[3][3]   0.00461488 
_atom_sites.fract_transf_vector[1]      0.191135 
_atom_sites.fract_transf_vector[2]      -0.346555 
_atom_sites.fract_transf_vector[3]      0.027927 
# 
loop_
_atom_type.symbol 
C 
H 
N 
O 
# 
loop_
_atom_site.group_PDB 
_atom_site.id 
_atom_site.type_symbol 
_atom_site.label_atom_id 
_atom_site.label_alt_id 
_atom_site.label_comp_id 
_atom_site.label_asym_id 
_atom_site.label_entity_id 
_atom_site.label_seq_id 
_atom_site.pdbx_PDB_ins_code 
_atom_site.Cartn_x 
_atom_site.Cartn_y 
_atom_site.Cartn_z 
_atom_site.occupancy 
_atom_site.B_iso_or_equiv 
_atom_site.pdbx_formal_charge 
_atom_site.auth_seq_id 
_atom_site.auth_comp_id 
_atom_site.auth_asym_id 
_atom_site.auth_atom_id 
_atom_site.pdbx_PDB_model_num 
ATOM   1    N N    . SER A 1 1  ? -7.650  10.398  21.107  1.00 45.08 ? 1  SER A N    1 
ATOM   2    C CA   . SER A 1 1  ? -7.910  10.936  19.753  1.00 46.68 ? 1  SER A CA   1 
ATOM   3    C C    . SER A 1 1  ? -6.656  11.111  18.915  1.00 34.46 ? 1  SER A C    1 
ATOM   4    O O    . SER A 1 1  ? -6.723  10.946  17.724  1.00 32.43 ? 1  SER A O    1 
ATOM   5    C CB   . SER A 1 1  ? -8.674  12.272  19.804  1.00 53.60 ? 1  SER A CB   1 
ATOM   6    O OG   . SER A 1 1  ? -8.863  12.793  18.490  1.00 59.13 ? 1  SER A OG   1 
ATOM   7    H H1   . SER A 1 1  ? -7.921  10.930  21.753  1.00 44.16 ? 1  SER A H1   1 
ATOM   8    H HA   . SER A 1 1  ? -8.487  10.298  19.279  1.00 22.00 ? 1  SER A HA   1 
ATOM   9    H HB2  . SER A 1 1  ? -9.540  12.126  20.215  1.00 53.49 ? 1  SER A HB2  1 
ATOM   10   H HB3  . SER A 1 1  ? -8.162  12.909  20.325  1.00 53.49 ? 1  SER A HB3  1 
ATOM   11   H HG   . SER A 1 1  ? -9.240  13.515  18.513  0.00 61.82 ? 1  SER A HG   1 
ATOM   12   N N    . GLY A 1 2  ? -5.545  11.485  19.534  1.00 35.14 ? 2  GLY A N    1 
ATOM   13   C CA   . GLY A 1 2  ? -4.260  11.639  18.835  1.00 42.58 ? 2  GLY A CA   1 
ATOM   14   C C    . GLY A 1 2  ? -3.629  10.348  18.280  1.00 47.31 ? 2  GLY A C    1 
ATOM   15   O O    . GLY A 1 2  ? -3.183  10.305  17.120  1.00 52.02 ? 2  GLY A O    1 
ATOM   16   H H    . GLY A 1 2  ? -5.504  11.673  20.389  1.00 36.94 ? 2  GLY A H    1 
ATOM   17   H HA2  . GLY A 1 2  ? -4.378  12.253  18.093  1.00 42.20 ? 2  GLY A HA2  1 
ATOM   18   H HA3  . GLY A 1 2  ? -3.626  12.036  19.452  1.00 42.20 ? 2  GLY A HA3  1 
ATOM   19   N N    . ILE A 1 3  ? -3.602  9.295   19.098  1.00 42.96 ? 3  ILE A N    1 
ATOM   20   C CA   . ILE A 1 3  ? -3.062  7.987   18.693  1.00 35.94 ? 3  ILE A CA   1 
ATOM   21   C C    . ILE A 1 3  ? -3.821  7.422   17.441  1.00 36.63 ? 3  ILE A C    1 
ATOM   22   O O    . ILE A 1 3  ? -3.236  7.178   16.387  1.00 25.39 ? 3  ILE A O    1 
ATOM   23   C CB   . ILE A 1 3  ? -3.081  6.954   19.853  1.00 30.16 ? 3  ILE A CB   1 
ATOM   24   C CG1  . ILE A 1 3  ? -3.348  7.591   21.209  1.00 31.57 ? 3  ILE A CG1  1 
ATOM   25   C CG2  . ILE A 1 3  ? -1.770  6.259   19.955  1.00 25.00 ? 3  ILE A CG2  1 
ATOM   26   C CD1  . ILE A 1 3  ? -4.760  7.853   21.477  1.00 34.10 ? 3  ILE A CD1  1 
ATOM   27   H H    . ILE A 1 3  ? -3.912  9.339   19.901  1.00 42.54 ? 3  ILE A H    1 
ATOM   28   H HA   . ILE A 1 3  ? -2.125  8.118   18.430  1.00 36.52 ? 3  ILE A HA   1 
ATOM   29   H HB   . ILE A 1 3  ? -3.769  6.293   19.680  1.00 30.76 ? 3  ILE A HB   1 
ATOM   30   H HG12 . ILE A 1 3  ? -3.054  6.977   21.899  1.00 32.06 ? 3  ILE A HG12 1 
ATOM   31   H HG13 . ILE A 1 3  ? -2.854  8.420   21.296  1.00 32.06 ? 3  ILE A HG13 1 
ATOM   32   H HG21 . ILE A 1 3  ? -1.551  5.848   19.164  0.00 28.08 ? 3  ILE A HG21 1 
ATOM   33   H HG22 . ILE A 1 3  ? -1.791  5.671   20.706  0.00 28.08 ? 3  ILE A HG22 1 
ATOM   34   H HG23 . ILE A 1 3  ? -1.085  6.969   20.165  0.00 28.08 ? 3  ILE A HG23 1 
ATOM   35   H HD11 . ILE A 1 3  ? -4.958  8.278   22.249  0.00 36.82 ? 3  ILE A HD11 1 
ATOM   36   H HD12 . ILE A 1 3  ? -5.316  7.056   21.326  0.00 36.82 ? 3  ILE A HD12 1 
ATOM   37   H HD13 . ILE A 1 3  ? -5.120  8.485   20.700  0.00 36.82 ? 3  ILE A HD13 1 
ATOM   38   N N    . VAL A 1 4  ? -5.131  7.253   17.557  1.00 38.03 ? 4  VAL A N    1 
ATOM   39   C CA   . VAL A 1 4  ? -5.958  6.974   16.382  1.00 38.09 ? 4  VAL A CA   1 
ATOM   40   C C    . VAL A 1 4  ? -5.705  7.921   15.218  1.00 43.12 ? 4  VAL A C    1 
ATOM   41   O O    . VAL A 1 4  ? -5.627  7.469   14.093  1.00 58.18 ? 4  VAL A O    1 
ATOM   42   C CB   . VAL A 1 4  ? -7.468  7.057   16.678  1.00 33.99 ? 4  VAL A CB   1 
ATOM   43   C CG1  . VAL A 1 4  ? -8.290  6.983   15.373  1.00 23.37 ? 4  VAL A CG1  1 
ATOM   44   C CG2  . VAL A 1 4  ? -7.865  5.952   17.616  1.00 33.41 ? 4  VAL A CG2  1 
ATOM   45   H H    . VAL A 1 4  ? -5.567  7.292   18.311  1.00 37.91 ? 4  VAL A H    1 
ATOM   46   H HA   . VAL A 1 4  ? -5.765  6.063   16.075  1.00 38.47 ? 4  VAL A HA   1 
ATOM   47   H HB   . VAL A 1 4  ? -7.663  7.915   17.113  1.00 32.88 ? 4  VAL A HB   1 
ATOM   48   H HG11 . VAL A 1 4  ? -9.222  7.046   15.587  0.00 27.17 ? 4  VAL A HG11 1 
ATOM   49   H HG12 . VAL A 1 4  ? -8.099  6.155   14.939  0.00 27.17 ? 4  VAL A HG12 1 
ATOM   50   H HG13 . VAL A 1 4  ? -8.039  7.721   14.803  0.00 27.17 ? 4  VAL A HG13 1 
ATOM   51   H HG21 . VAL A 1 4  ? -7.681  5.124   17.230  0.00 36.35 ? 4  VAL A HG21 1 
ATOM   52   H HG22 . VAL A 1 4  ? -8.821  6.042   17.799  0.00 36.35 ? 4  VAL A HG22 1 
ATOM   53   H HG23 . VAL A 1 4  ? -7.390  6.070   18.451  0.00 36.35 ? 4  VAL A HG23 1 
ATOM   54   N N    . GLN A 1 5  ? -5.611  9.224   15.457  1.00 41.37 ? 5  GLN A N    1 
ATOM   55   C CA   . GLN A 1 5  ? -5.290  10.131  14.367  1.00 36.50 ? 5  GLN A CA   1 
ATOM   56   C C    . GLN A 1 5  ? -3.941  9.775   13.870  1.00 44.30 ? 5  GLN A C    1 
ATOM   57   O O    . GLN A 1 5  ? -3.630  10.125  12.742  1.00 59.85 ? 5  GLN A O    1 
ATOM   58   C CB   . GLN A 1 5  ? -5.227  11.575  14.784  1.00 36.79 ? 5  GLN A CB   1 
ATOM   59   H H    . GLN A 1 5  ? -5.725  9.601   16.234  1.00 40.89 ? 5  GLN A H    1 
ATOM   60   H HA   . GLN A 1 5  ? -5.941  10.038  13.640  1.00 39.18 ? 5  GLN A HA   1 
ATOM   61   H HB2  . GLN A 1 5  ? -6.017  11.864  15.197  0.00 40.83 ? 5  GLN A HB2  1 
ATOM   62   H HB3  . GLN A 1 5  ? -4.481  11.668  15.487  0.00 40.83 ? 5  GLN A HB3  1 
ATOM   63   N N    . GLN A 1 6  ? -3.123  9.107   14.694  1.00 46.02 ? 6  GLN A N    1 
ATOM   64   C CA   . GLN A 1 6  ? -1.772  8.726   14.254  1.00 47.63 ? 6  GLN A CA   1 
ATOM   65   C C    . GLN A 1 6  ? -1.651  7.398   13.593  1.00 43.42 ? 6  GLN A C    1 
ATOM   66   O O    . GLN A 1 6  ? -1.113  7.317   12.509  1.00 55.02 ? 6  GLN A O    1 
ATOM   67   C CB   . GLN A 1 6  ? -0.780  8.728   15.367  1.00 50.27 ? 6  GLN A CB   1 
ATOM   68   C CG   . GLN A 1 6  ? 0.639   8.589   14.845  1.00 49.14 ? 6  GLN A CG   1 
ATOM   69   C CD   . GLN A 1 6  ? 1.397   7.592   15.643  1.00 50.65 ? 6  GLN A CD   1 
ATOM   70   O OE1  . GLN A 1 6  ? 0.816   6.597   16.088  1.00 55.49 ? 6  GLN A OE1  1 
ATOM   71   N NE2  . GLN A 1 6  ? 2.687   7.840   15.850  1.00 41.64 ? 6  GLN A NE2  1 
ATOM   72   H H    . GLN A 1 6  ? -3.300  8.895   15.516  1.00 46.19 ? 6  GLN A H    1 
ATOM   73   H HA   . GLN A 1 6  ? -1.456  9.390   13.612  1.00 47.26 ? 6  GLN A HA   1 
ATOM   74   H HB2  . GLN A 1 6  ? -0.855  9.573   15.827  1.00 49.71 ? 6  GLN A HB2  1 
ATOM   75   H HB3  . GLN A 1 6  ? -0.975  8.001   15.976  1.00 49.71 ? 6  GLN A HB3  1 
ATOM   76   H HG2  . GLN A 1 6  ? 0.647   8.298   13.923  1.00 50.08 ? 6  GLN A HG2  1 
ATOM   77   H HG3  . GLN A 1 6  ? 1.089   9.443   14.917  1.00 50.08 ? 6  GLN A HG3  1 
ATOM   78   H HE21 . GLN A 1 6  ? 3.077   8.501   15.426  0.00 46.43 ? 6  GLN A HE21 1 
ATOM   79   H HE22 . GLN A 1 6  ? 3.203   7.267   16.250  0.00 46.43 ? 6  GLN A HE22 1 
ATOM   80   N N    . GLN A 1 7  ? -2.098  6.331   14.213  1.00 37.58 ? 7  GLN A N    1 
ATOM   81   C CA   . GLN A 1 7  ? -2.148  5.095   13.449  1.00 37.56 ? 7  GLN A CA   1 
ATOM   82   C C    . GLN A 1 7  ? -2.576  5.415   12.026  1.00 31.03 ? 7  GLN A C    1 
ATOM   83   O O    . GLN A 1 7  ? -2.037  4.900   11.082  1.00 33.93 ? 7  GLN A O    1 
ATOM   84   C CB   . GLN A 1 7  ? -3.122  4.102   14.057  1.00 42.23 ? 7  GLN A CB   1 
ATOM   85   C CG   . GLN A 1 7  ? -2.582  3.361   15.265  1.00 38.38 ? 7  GLN A CG   1 
ATOM   86   C CD   . GLN A 1 7  ? -3.359  2.101   15.556  1.00 36.59 ? 7  GLN A CD   1 
ATOM   87   O OE1  . GLN A 1 7  ? -4.453  1.907   15.042  1.00 41.76 ? 7  GLN A OE1  1 
ATOM   88   N NE2  . GLN A 1 7  ? -2.809  1.243   16.390  1.00 40.01 ? 7  GLN A NE2  1 
ATOM   89   H H    . GLN A 1 7  ? -2.370  6.291   15.030  1.00 39.18 ? 7  GLN A H    1 
ATOM   90   H HA   . GLN A 1 7  ? -1.256  4.689   13.423  1.00 37.46 ? 7  GLN A HA   1 
ATOM   91   H HB2  . GLN A 1 7  ? -3.917  4.581   14.336  1.00 40.59 ? 7  GLN A HB2  1 
ATOM   92   H HB3  . GLN A 1 7  ? -3.349  3.445   13.381  1.00 40.59 ? 7  GLN A HB3  1 
ATOM   93   H HG2  . GLN A 1 7  ? -1.658  3.117   15.101  1.00 39.24 ? 7  GLN A HG2  1 
ATOM   94   H HG3  . GLN A 1 7  ? -2.652  3.945   16.035  1.00 39.24 ? 7  GLN A HG3  1 
ATOM   95   H HE21 . GLN A 1 7  ? -2.058  1.480   16.817  0.00 45.98 ? 7  GLN A HE21 1 
ATOM   96   H HE22 . GLN A 1 7  ? -3.223  0.566   16.660  0.00 45.98 ? 7  GLN A HE22 1 
ATOM   97   N N    . ASN A 1 8  ? -3.535  6.306   11.897  1.00 33.80 ? 8  ASN A N    1 
ATOM   98   C CA   . ASN A 1 8  ? -3.893  6.870   10.619  1.00 35.70 ? 8  ASN A CA   1 
ATOM   99   C C    . ASN A 1 8  ? -2.734  7.498   9.886   1.00 38.15 ? 8  ASN A C    1 
ATOM   100  O O    . ASN A 1 8  ? -2.688  7.452   8.685   1.00 48.50 ? 8  ASN A O    1 
ATOM   101  C CB   . ASN A 1 8  ? -4.940  7.942   10.814  1.00 37.78 ? 8  ASN A CB   1 
ATOM   102  C CG   . ASN A 1 8  ? -5.423  8.524   9.518   1.00 41.88 ? 8  ASN A CG   1 
ATOM   103  O OD1  . ASN A 1 8  ? -5.664  7.804   8.542   1.00 45.73 ? 8  ASN A OD1  1 
ATOM   104  N ND2  . ASN A 1 8  ? -5.584  9.846   9.497   1.00 48.05 ? 8  ASN A ND2  1 
ATOM   105  H H    . ASN A 1 8  ? -4.025  6.601   12.562  1.00 33.83 ? 8  ASN A H    1 
ATOM   106  H HA   . ASN A 1 8  ? -4.273  6.167   10.052  1.00 36.42 ? 8  ASN A HA   1 
ATOM   107  H HB2  . ASN A 1 8  ? -5.702  7.569   11.282  1.00 38.53 ? 8  ASN A HB2  1 
ATOM   108  H HB3  . ASN A 1 8  ? -4.557  8.664   11.329  1.00 38.53 ? 8  ASN A HB3  1 
ATOM   109  H HD21 . ASN A 1 8  ? -5.468  10.385  10.276  0.00 51.96 ? 8  ASN A HD21 1 
ATOM   110  H HD22 . ASN A 1 8  ? -5.963  10.264  8.656   0.00 51.96 ? 8  ASN A HD22 1 
ATOM   111  N N    . ASN A 1 9  ? -1.829  8.143   10.595  1.00 44.57 ? 9  ASN A N    1 
ATOM   112  C CA   . ASN A 1 9  ? -0.632  8.734   9.973   1.00 49.98 ? 9  ASN A CA   1 
ATOM   113  C C    . ASN A 1 9  ? 0.408   7.710   9.545   1.00 42.91 ? 9  ASN A C    1 
ATOM   114  O O    . ASN A 1 9  ? 1.256   8.027   8.722   1.00 31.28 ? 9  ASN A O    1 
ATOM   115  C CB   . ASN A 1 9  ? 0.047   9.719   10.929  1.00 57.92 ? 9  ASN A CB   1 
ATOM   116  C CG   . ASN A 1 9  ? -0.767  10.961  11.156  1.00 59.77 ? 9  ASN A CG   1 
ATOM   117  O OD1  . ASN A 1 9  ? -1.182  11.629  10.202  1.00 62.27 ? 9  ASN A OD1  1 
ATOM   118  N ND2  . ASN A 1 9  ? -0.978  11.299  12.423  1.00 60.32 ? 9  ASN A ND2  1 
ATOM   119  H H    . ASN A 1 9  ? -1.888  8.281   11.452  1.00 44.52 ? 9  ASN A H    1 
ATOM   120  H HA   . ASN A 1 9  ? -0.899  9.237   9.177   1.00 49.30 ? 9  ASN A HA   1 
ATOM   121  H HB2  . ASN A 1 9  ? 0.187   9.290   11.787  1.00 56.71 ? 9  ASN A HB2  1 
ATOM   122  H HB3  . ASN A 1 9  ? 0.900   9.989   10.555  1.00 56.71 ? 9  ASN A HB3  1 
ATOM   123  H HD21 . ASN A 1 9  ? -0.742  10.685  13.153  0.00 62.60 ? 9  ASN A HD21 1 
ATOM   124  H HD22 . ASN A 1 9  ? -1.601  12.051  12.629  0.00 62.60 ? 9  ASN A HD22 1 
ATOM   125  N N    . LEU A 1 10 ? 0.370   6.529   10.170  1.00 40.03 ? 10 LEU A N    1 
ATOM   126  C CA   . LEU A 1 10 ? 1.191   5.386   9.777   1.00 35.91 ? 10 LEU A CA   1 
ATOM   127  C C    . LEU A 1 10 ? 0.585   4.735   8.544   1.00 31.97 ? 10 LEU A C    1 
ATOM   128  O O    . LEU A 1 10 ? 1.232   4.530   7.543   1.00 31.56 ? 10 LEU A O    1 
ATOM   129  C CB   . LEU A 1 10 ? 1.233   4.358   10.903  1.00 31.32 ? 10 LEU A CB   1 
ATOM   130  C CG   . LEU A 1 10 ? 1.853   4.779   12.219  1.00 28.57 ? 10 LEU A CG   1 
ATOM   131  C CD1  . LEU A 1 10 ? 1.844   3.601   13.157  1.00 31.46 ? 10 LEU A CD1  1 
ATOM   132  C CD2  . LEU A 1 10 ? 3.263   5.262   12.058  1.00 24.70 ? 10 LEU A CD2  1 
ATOM   133  H H    . LEU A 1 10 ? -0.139  6.366   10.863  1.00 39.93 ? 10 LEU A H    1 
ATOM   134  H HA   . LEU A 1 10 ? 2.105   5.676   9.571   1.00 35.29 ? 10 LEU A HA   1 
ATOM   135  H HB2  . LEU A 1 10 ? 0.329   4.072   11.099  1.00 32.03 ? 10 LEU A HB2  1 
ATOM   136  H HB3  . LEU A 1 10 ? 1.739   3.591   10.588  1.00 32.03 ? 10 LEU A HB3  1 
ATOM   137  H HG   . LEU A 1 10 ? 1.326   5.494   12.612  1.00 29.14 ? 10 LEU A HG   1 
ATOM   138  H HD11 . LEU A 1 10 ? 2.199   3.896   14.017  0.00 34.34 ? 10 LEU A HD11 1 
ATOM   139  H HD12 . LEU A 1 10 ? 2.325   2.894   12.813  0.00 34.34 ? 10 LEU A HD12 1 
ATOM   140  H HD13 . LEU A 1 10 ? 0.906   3.342   13.319  0.00 34.34 ? 10 LEU A HD13 1 
ATOM   141  H HD21 . LEU A 1 10 ? 3.788   4.534   11.697  0.00 27.83 ? 10 LEU A HD21 1 
ATOM   142  H HD22 . LEU A 1 10 ? 3.603   5.514   12.911  0.00 27.83 ? 10 LEU A HD22 1 
ATOM   143  H HD23 . LEU A 1 10 ? 3.269   5.998   11.452  0.00 27.83 ? 10 LEU A HD23 1 
ATOM   144  N N    . LEU A 1 11 ? -0.681  4.394   8.663   1.00 30.70 ? 11 LEU A N    1 
ATOM   145  C CA   . LEU A 1 11 ? -1.471  3.936   7.562   1.00 31.58 ? 11 LEU A CA   1 
ATOM   146  C C    . LEU A 1 11 ? -1.249  4.838   6.371   1.00 33.95 ? 11 LEU A C    1 
ATOM   147  O O    . LEU A 1 11 ? -1.047  4.370   5.269   1.00 39.21 ? 11 LEU A O    1 
ATOM   148  C CB   . LEU A 1 11 ? -2.940  3.995   7.967   1.00 33.87 ? 11 LEU A CB   1 
ATOM   149  C CG   . LEU A 1 11 ? -3.993  3.375   7.076   1.00 35.94 ? 11 LEU A CG   1 
ATOM   150  C CD1  . LEU A 1 11 ? -3.568  1.954   6.777   1.00 42.66 ? 11 LEU A CD1  1 
ATOM   151  C CD2  . LEU A 1 11 ? -5.352  3.396   7.753   1.00 36.02 ? 11 LEU A CD2  1 
ATOM   152  H H    . LEU A 1 11 ? -1.121  4.435   9.418   1.00 31.42 ? 11 LEU A H    1 
ATOM   153  H HA   . LEU A 1 11 ? -1.219  3.020   7.327   1.00 32.51 ? 11 LEU A HA   1 
ATOM   154  H HB2  . LEU A 1 11 ? -3.026  3.553   8.828   1.00 34.12 ? 11 LEU A HB2  1 
ATOM   155  H HB3  . LEU A 1 11 ? -3.184  4.928   8.074   1.00 34.12 ? 11 LEU A HB3  1 
ATOM   156  H HG   . LEU A 1 11 ? -4.052  3.872   6.244   1.00 37.09 ? 11 LEU A HG   1 
ATOM   157  H HD11 . LEU A 1 11 ? -4.255  1.575   6.207   0.00 46.79 ? 11 LEU A HD11 1 
ATOM   158  H HD12 . LEU A 1 11 ? -3.507  1.481   7.588   0.00 46.79 ? 11 LEU A HD12 1 
ATOM   159  H HD13 . LEU A 1 11 ? -2.744  1.992   6.312   0.00 46.79 ? 11 LEU A HD13 1 
ATOM   160  H HD21 . LEU A 1 11 ? -5.289  2.913   8.615   0.00 38.84 ? 11 LEU A HD21 1 
ATOM   161  H HD22 . LEU A 1 11 ? -6.017  3.024   7.227   0.00 38.84 ? 11 LEU A HD22 1 
ATOM   162  H HD23 . LEU A 1 11 ? -5.591  4.328   7.998   0.00 38.84 ? 11 LEU A HD23 1 
ATOM   163  N N    . ARG A 1 12 ? -1.311  6.142   6.598   1.00 38.05 ? 12 ARG A N    1 
ATOM   164  C CA   . ARG A 1 12 ? -1.150  7.123   5.529   1.00 40.68 ? 12 ARG A CA   1 
ATOM   165  C C    . ARG A 1 12 ? 0.226   6.979   4.896   1.00 40.58 ? 12 ARG A C    1 
ATOM   166  O O    . ARG A 1 12 ? 0.341   7.008   3.693   1.00 55.54 ? 12 ARG A O    1 
ATOM   167  C CB   . ARG A 1 12 ? -1.307  8.573   6.048   1.00 46.79 ? 12 ARG A CB   1 
ATOM   168  C CG   . ARG A 1 12 ? -2.621  9.332   5.754   1.00 48.91 ? 12 ARG A CG   1 
ATOM   169  C CD   . ARG A 1 12 ? -2.299  10.811  5.423   1.00 53.89 ? 12 ARG A CD   1 
ATOM   170  N NE   . ARG A 1 12 ? -3.455  11.699  5.309   1.00 54.71 ? 12 ARG A NE   1 
ATOM   171  C CZ   . ARG A 1 12 ? -4.015  12.357  6.324   1.00 55.83 ? 12 ARG A CZ   1 
ATOM   172  N NH1  . ARG A 1 12 ? -3.545  12.229  7.555   1.00 54.85 ? 12 ARG A NH1  1 
ATOM   173  N NH2  . ARG A 1 12 ? -5.064  13.152  6.105   1.00 63.02 ? 12 ARG A NH2  1 
ATOM   174  H H    . ARG A 1 12 ? -1.464  6.490   7.384   1.00 37.87 ? 12 ARG A H    1 
ATOM   175  H HA   . ARG A 1 12 ? -1.828  6.965   4.837   1.00 41.50 ? 12 ARG A HA   1 
ATOM   176  H HB2  . ARG A 1 12 ? -1.196  8.571   7.009   1.00 46.10 ? 12 ARG A HB2  1 
ATOM   177  H HB3  . ARG A 1 12 ? -0.592  9.104   5.661   1.00 46.10 ? 12 ARG A HB3  1 
ATOM   178  H HG2  . ARG A 1 12 ? -3.065  8.935   4.987   1.00 49.80 ? 12 ARG A HG2  1 
ATOM   179  H HG3  . ARG A 1 12 ? -3.197  9.305   6.535   1.00 49.80 ? 12 ARG A HG3  1 
ATOM   180  H HD2  . ARG A 1 12 ? -1.718  11.159  6.115   1.00 53.14 ? 12 ARG A HD2  1 
ATOM   181  H HD3  . ARG A 1 12 ? -1.832  10.837  4.574   1.00 53.14 ? 12 ARG A HD3  1 
ATOM   182  H HE   . ARG A 1 12 ? -3.844  11.811  4.427   1.00 54.93 ? 12 ARG A HE   1 
ATOM   183  H HH11 . ARG A 1 12 ? -3.922  12.653  8.200   1.00 55.37 ? 12 ARG A HH11 1 
ATOM   184  H HH12 . ARG A 1 12 ? -2.873  11.722  7.725   1.00 55.37 ? 12 ARG A HH12 1 
ATOM   185  H HH21 . ARG A 1 12 ? -5.380  13.241  5.310   1.00 61.09 ? 12 ARG A HH21 1 
ATOM   186  H HH22 . ARG A 1 12 ? -5.432  13.571  6.760   1.00 61.09 ? 12 ARG A HH22 1 
ATOM   187  N N    . ALA A 1 13 ? 1.266   6.843   5.710   1.00 39.57 ? 13 ALA A N    1 
ATOM   188  C CA   . ALA A 1 13 ? 2.636   6.819   5.203   1.00 32.61 ? 13 ALA A CA   1 
ATOM   189  C C    . ALA A 1 13 ? 2.836   5.577   4.358   1.00 34.13 ? 13 ALA A C    1 
ATOM   190  O O    . ALA A 1 13 ? 3.430   5.651   3.297   1.00 45.46 ? 13 ALA A O    1 
ATOM   191  C CB   . ALA A 1 13 ? 3.631   6.848   6.322   1.00 29.37 ? 13 ALA A CB   1 
ATOM   192  H H    . ALA A 1 13 ? 1.201   6.764   6.579   1.00 38.39 ? 13 ALA A H    1 
ATOM   193  H HA   . ALA A 1 13 ? 2.788   7.607   4.638   1.00 33.81 ? 13 ALA A HA   1 
ATOM   194  H HB1  . ALA A 1 13 ? 3.478   7.660   6.857   0.00 33.27 ? 13 ALA A HB1  1 
ATOM   195  H HB2  . ALA A 1 13 ? 4.503   6.847   5.986   0.00 33.27 ? 13 ALA A HB2  1 
ATOM   196  H HB3  . ALA A 1 13 ? 3.475   6.087   6.903   0.00 33.27 ? 13 ALA A HB3  1 
ATOM   197  N N    . ILE A 1 14 ? 2.316   4.446   4.818   1.00 26.81 ? 14 ILE A N    1 
ATOM   198  C CA   . ILE A 1 14 ? 2.373   3.181   4.086   1.00 22.71 ? 14 ILE A CA   1 
ATOM   199  C C    . ILE A 1 14 ? 1.702   3.218   2.729   1.00 21.82 ? 14 ILE A C    1 
ATOM   200  O O    . ILE A 1 14 ? 2.134   2.596   1.766   1.00 27.59 ? 14 ILE A O    1 
ATOM   201  C CB   . ILE A 1 14 ? 1.668   2.096   4.862   1.00 24.60 ? 14 ILE A CB   1 
ATOM   202  C CG1  . ILE A 1 14 ? 2.534   1.653   6.024   1.00 28.80 ? 14 ILE A CG1  1 
ATOM   203  C CG2  . ILE A 1 14 ? 1.344   0.957   3.986   1.00 22.13 ? 14 ILE A CG2  1 
ATOM   204  C CD1  . ILE A 1 14 ? 1.899   0.598   6.876   1.00 31.52 ? 14 ILE A CD1  1 
ATOM   205  H H    . ILE A 1 14 ? 1.911   4.386   5.591   1.00 27.78 ? 14 ILE A H    1 
ATOM   206  H HA   . ILE A 1 14 ? 3.309   2.920   3.959   1.00 23.92 ? 14 ILE A HA   1 
ATOM   207  H HB   . ILE A 1 14 ? 0.837   2.452   5.213   1.00 24.81 ? 14 ILE A HB   1 
ATOM   208  H HG12 . ILE A 1 14 ? 3.366   1.295   5.679   1.00 28.72 ? 14 ILE A HG12 1 
ATOM   209  H HG13 . ILE A 1 14 ? 2.715   2.422   6.589   1.00 28.72 ? 14 ILE A HG13 1 
ATOM   210  H HG21 . ILE A 1 14 ? 0.817   1.252   3.248   0.00 24.87 ? 14 ILE A HG21 1 
ATOM   211  H HG22 . ILE A 1 14 ? 0.934   0.276   4.475   0.00 24.87 ? 14 ILE A HG22 1 
ATOM   212  H HG23 . ILE A 1 14 ? 2.208   0.617   3.618   0.00 24.87 ? 14 ILE A HG23 1 
ATOM   213  H HD11 . ILE A 1 14 ? 2.484   0.404   7.600   0.00 32.93 ? 14 ILE A HD11 1 
ATOM   214  H HD12 . ILE A 1 14 ? 1.705   -0.146  6.349   0.00 32.93 ? 14 ILE A HD12 1 
ATOM   215  H HD13 . ILE A 1 14 ? 1.069   0.984   7.240   0.00 32.93 ? 14 ILE A HD13 1 
ATOM   216  N N    . GLU A 1 15 ? 0.610   3.922   2.661   1.00 26.24 ? 15 GLU A N    1 
ATOM   217  C CA   . GLU A 1 15 ? -0.060  4.090   1.411   1.00 32.66 ? 15 GLU A CA   1 
ATOM   218  C C    . GLU A 1 15 ? 0.804   4.885   0.475   1.00 34.81 ? 15 GLU A C    1 
ATOM   219  O O    . GLU A 1 15 ? 0.793   4.668   -0.728  1.00 43.90 ? 15 GLU A O    1 
ATOM   220  C CB   . GLU A 1 15 ? -1.342  4.823   1.647   1.00 39.70 ? 15 GLU A CB   1 
ATOM   221  C CG   . GLU A 1 15 ? -2.348  3.963   2.348   1.00 49.06 ? 15 GLU A CG   1 
ATOM   222  C CD   . GLU A 1 15 ? -3.554  4.738   2.824   1.00 55.77 ? 15 GLU A CD   1 
ATOM   223  O OE1  . GLU A 1 15 ? -3.666  5.954   2.529   1.00 61.68 ? 15 GLU A OE1  1 
ATOM   224  O OE2  . GLU A 1 15 ? -4.399  4.112   3.491   1.00 62.37 ? 15 GLU A OE2  1 
ATOM   225  H H    . GLU A 1 15 ? 0.237   4.318   3.341   1.00 26.91 ? 15 GLU A H    1 
ATOM   226  H HA   . GLU A 1 15 ? -0.261  3.220   1.007   1.00 33.37 ? 15 GLU A HA   1 
ATOM   227  H HB2  . GLU A 1 15 ? -1.166  5.603   2.194   1.00 40.47 ? 15 GLU A HB2  1 
ATOM   228  H HB3  . GLU A 1 15 ? -1.714  5.102   0.797   1.00 40.47 ? 15 GLU A HB3  1 
ATOM   229  H HG2  . GLU A 1 15 ? -2.661  3.287   1.729   1.00 48.66 ? 15 GLU A HG2  1 
ATOM   230  H HG3  . GLU A 1 15 ? -1.940  3.538   3.116   1.00 48.66 ? 15 GLU A HG3  1 
ATOM   231  N N    . ALA A 1 16 ? 1.552   5.815   1.033   1.00 31.56 ? 16 ALA A N    1 
ATOM   232  C CA   . ALA A 1 16 ? 2.425   6.633   0.244   1.00 31.18 ? 16 ALA A CA   1 
ATOM   233  C C    . ALA A 1 16 ? 3.654   5.842   -0.188  1.00 30.42 ? 16 ALA A C    1 
ATOM   234  O O    . ALA A 1 16 ? 4.203   6.075   -1.236  1.00 36.46 ? 16 ALA A O    1 
ATOM   235  C CB   . ALA A 1 16 ? 2.801   7.855   1.006   1.00 31.57 ? 16 ALA A CB   1 
ATOM   236  H H    . ALA A 1 16 ? 1.556   6.006   1.885   1.00 32.42 ? 16 ALA A H    1 
ATOM   237  H HA   . ALA A 1 16 ? 1.954   6.928   -0.564  1.00 31.38 ? 16 ALA A HA   1 
ATOM   238  H HB1  . ALA A 1 16 ? 2.052   8.356   1.241   0.00 35.39 ? 16 ALA A HB1  1 
ATOM   239  H HB2  . ALA A 1 16 ? 3.427   8.388   0.481   0.00 35.39 ? 16 ALA A HB2  1 
ATOM   240  H HB3  . ALA A 1 16 ? 3.288   7.573   1.819   0.00 35.39 ? 16 ALA A HB3  1 
ATOM   241  N N    . GLN A 1 17 ? 4.082   4.884   0.599   1.00 28.94 ? 17 GLN A N    1 
ATOM   242  C CA   . GLN A 1 17 ? 5.139   4.015   0.132   1.00 24.74 ? 17 GLN A CA   1 
ATOM   243  C C    . GLN A 1 17 ? 4.619   3.102   -0.946  1.00 27.23 ? 17 GLN A C    1 
ATOM   244  O O    . GLN A 1 17 ? 5.267   2.853   -1.926  1.00 32.27 ? 17 GLN A O    1 
ATOM   245  C CB   . GLN A 1 17 ? 5.718   3.245   1.274   1.00 19.09 ? 17 GLN A CB   1 
ATOM   246  C CG   . GLN A 1 17 ? 6.288   4.198   2.244   1.00 24.44 ? 17 GLN A CG   1 
ATOM   247  C CD   . GLN A 1 17 ? 7.221   3.574   3.176   1.00 29.67 ? 17 GLN A CD   1 
ATOM   248  O OE1  . GLN A 1 17 ? 7.068   2.410   3.486   1.00 39.02 ? 17 GLN A OE1  1 
ATOM   249  N NE2  . GLN A 1 17 ? 8.196   4.339   3.672   1.00 31.02 ? 17 GLN A NE2  1 
ATOM   250  H H    . GLN A 1 17 ? 3.779   4.717   1.396   1.00 28.54 ? 17 GLN A H    1 
ATOM   251  H HA   . GLN A 1 17 ? 5.861   4.553   -0.257  1.00 25.22 ? 17 GLN A HA   1 
ATOM   252  H HB2  . GLN A 1 17 ? 5.022   2.726   1.709   1.00 22.03 ? 17 GLN A HB2  1 
ATOM   253  H HB3  . GLN A 1 17 ? 6.423   2.665   0.944   1.00 22.03 ? 17 GLN A HB3  1 
ATOM   254  H HG2  . GLN A 1 17 ? 6.762   4.901   1.773   1.00 24.86 ? 17 GLN A HG2  1 
ATOM   255  H HG3  . GLN A 1 17 ? 5.573   4.578   2.772   1.00 24.86 ? 17 GLN A HG3  1 
ATOM   256  H HE21 . GLN A 1 17 ? 8.259   5.168   3.416   0.00 35.91 ? 17 GLN A HE21 1 
ATOM   257  H HE22 . GLN A 1 17 ? 8.771   4.013   4.204   0.00 35.91 ? 17 GLN A HE22 1 
ATOM   258  N N    . GLN A 1 18 ? 3.407   2.642   -0.803  1.00 30.07 ? 18 GLN A N    1 
ATOM   259  C CA   . GLN A 1 18 ? 2.853   1.823   -1.834  1.00 26.09 ? 18 GLN A CA   1 
ATOM   260  C C    . GLN A 1 18 ? 2.889   2.517   -3.181  1.00 24.04 ? 18 GLN A C    1 
ATOM   261  O O    . GLN A 1 18 ? 3.201   1.878   -4.154  1.00 38.28 ? 18 GLN A O    1 
ATOM   262  C CB   . GLN A 1 18 ? 1.439   1.389   -1.461  1.00 29.17 ? 18 GLN A CB   1 
ATOM   263  C CG   . GLN A 1 18 ? 1.066   0.020   -1.967  1.00 29.79 ? 18 GLN A CG   1 
ATOM   264  C CD   . GLN A 1 18 ? 2.189   -0.978  -1.858  1.00 25.02 ? 18 GLN A CD   1 
ATOM   265  O OE1  . GLN A 1 18 ? 2.835   -1.099  -0.841  1.00 30.66 ? 18 GLN A OE1  1 
ATOM   266  N NE2  . GLN A 1 18 ? 2.426   -1.687  -2.915  1.00 29.18 ? 18 GLN A NE2  1 
ATOM   267  H H    . GLN A 1 18 ? 2.889   2.793   -0.123  1.00 28.71 ? 18 GLN A H    1 
ATOM   268  H HA   . GLN A 1 18 ? 3.416   1.025   -1.915  1.00 27.27 ? 18 GLN A HA   1 
ATOM   269  H HB2  . GLN A 1 18 ? 1.352   1.368   -0.495  1.00 28.93 ? 18 GLN A HB2  1 
ATOM   270  H HB3  . GLN A 1 18 ? 0.812   2.026   -1.830  1.00 28.93 ? 18 GLN A HB3  1 
ATOM   271  H HG2  . GLN A 1 18 ? 0.315   -0.313  -1.451  1.00 28.89 ? 18 GLN A HG2  1 
ATOM   272  H HG3  . GLN A 1 18 ? 0.816   0.092   -2.903  1.00 28.89 ? 18 GLN A HG3  1 
ATOM   273  H HE21 . GLN A 1 18 ? 1.978   -1.571  -3.626  0.00 30.37 ? 18 GLN A HE21 1 
ATOM   274  H HE22 . GLN A 1 18 ? 3.073   -2.266  -2.893  0.00 30.37 ? 18 GLN A HE22 1 
ATOM   275  N N    . HIS A 1 19 ? 2.584   3.807   -3.254  1.00 33.34 ? 19 HIS A N    1 
ATOM   276  C CA   . HIS A 1 19 ? 2.649   4.542   -4.538  1.00 38.40 ? 19 HIS A CA   1 
ATOM   277  C C    . HIS A 1 19 ? 4.095   4.780   -4.987  1.00 34.33 ? 19 HIS A C    1 
ATOM   278  O O    . HIS A 1 19 ? 4.431   4.797   -6.150  1.00 41.74 ? 19 HIS A O    1 
ATOM   279  C CB   . HIS A 1 19 ? 1.915   5.889   -4.475  1.00 45.00 ? 19 HIS A CB   1 
ATOM   280  C CG   . HIS A 1 19 ? 1.707   6.517   -5.826  1.00 54.69 ? 19 HIS A CG   1 
ATOM   281  N ND1  . HIS A 1 19 ? 2.516   7.521   -6.321  1.00 57.27 ? 19 HIS A ND1  1 
ATOM   282  C CD2  . HIS A 1 19 ? 0.807   6.248   -6.804  1.00 58.81 ? 19 HIS A CD2  1 
ATOM   283  C CE1  . HIS A 1 19 ? 2.108   7.861   -7.533  1.00 53.51 ? 19 HIS A CE1  1 
ATOM   284  N NE2  . HIS A 1 19 ? 1.077   7.099   -7.852  1.00 57.52 ? 19 HIS A NE2  1 
ATOM   285  H H    . HIS A 1 19 ? 2.323   4.291   -2.575  1.00 32.54 ? 19 HIS A H    1 
ATOM   286  H HA   . HIS A 1 19 ? 2.206   4.007   -5.232  1.00 38.11 ? 19 HIS A HA   1 
ATOM   287  H HB2  . HIS A 1 19 ? 1.044   5.757   -4.068  1.00 45.97 ? 19 HIS A HB2  1 
ATOM   288  H HB3  . HIS A 1 19 ? 2.438   6.506   -3.938  1.00 45.97 ? 19 HIS A HB3  1 
ATOM   289  H HD1  . HIS A 1 19 ? 3.193   7.874   -5.915  0.00 60.30 ? 19 HIS A HD1  1 
ATOM   290  H HD2  . HIS A 1 19 ? 0.130   5.612   -6.770  1.00 57.78 ? 19 HIS A HD2  1 
ATOM   291  H HE1  . HIS A 1 19 ? 2.487   8.519   -8.072  1.00 55.55 ? 19 HIS A HE1  1 
ATOM   292  H HE2  . HIS A 1 19 ? 0.632   7.140   -8.583  0.00 61.14 ? 19 HIS A HE2  1 
ATOM   293  N N    . LEU A 1 20 ? 4.960   4.978   -4.042  1.00 32.35 ? 20 LEU A N    1 
ATOM   294  C CA   . LEU A 1 20 ? 6.329   5.116   -4.361  1.00 31.10 ? 20 LEU A CA   1 
ATOM   295  C C    . LEU A 1 20 ? 6.927   3.775   -4.777  1.00 32.06 ? 20 LEU A C    1 
ATOM   296  O O    . LEU A 1 20 ? 7.788   3.754   -5.597  1.00 42.15 ? 20 LEU A O    1 
ATOM   297  C CB   . LEU A 1 20 ? 7.027   5.675   -3.144  1.00 37.12 ? 20 LEU A CB   1 
ATOM   298  C CG   . LEU A 1 20 ? 8.479   6.050   -3.295  1.00 35.90 ? 20 LEU A CG   1 
ATOM   299  C CD1  . LEU A 1 20 ? 8.951   6.780   -2.052  1.00 28.27 ? 20 LEU A CD1  1 
ATOM   300  C CD2  . LEU A 1 20 ? 9.229   4.762   -3.508  1.00 37.29 ? 20 LEU A CD2  1 
ATOM   301  H H    . LEU A 1 20 ? 4.769   5.043   -3.192  1.00 32.73 ? 20 LEU A H    1 
ATOM   302  H HA   . LEU A 1 20 ? 6.445   5.757   -5.094  1.00 32.89 ? 20 LEU A HA   1 
ATOM   303  H HB2  . LEU A 1 20 ? 6.549   6.472   -2.861  1.00 35.79 ? 20 LEU A HB2  1 
ATOM   304  H HB3  . LEU A 1 20 ? 6.975   5.010   -2.439  1.00 35.79 ? 20 LEU A HB3  1 
ATOM   305  H HG   . LEU A 1 20 ? 8.595   6.624   -4.069  1.00 35.21 ? 20 LEU A HG   1 
ATOM   306  H HD11 . LEU A 1 20 ? 9.878   6.996   -2.172  0.00 31.72 ? 20 LEU A HD11 1 
ATOM   307  H HD12 . LEU A 1 20 ? 8.865   6.165   -1.302  0.00 31.72 ? 20 LEU A HD12 1 
ATOM   308  H HD13 . LEU A 1 20 ? 8.427   7.544   -1.918  0.00 31.72 ? 20 LEU A HD13 1 
ATOM   309  H HD21 . LEU A 1 20 ? 9.126   4.185   -2.802  0.00 41.00 ? 20 LEU A HD21 1 
ATOM   310  H HD22 . LEU A 1 20 ? 10.163  4.981   -3.671  0.00 41.00 ? 20 LEU A HD22 1 
ATOM   311  H HD23 . LEU A 1 20 ? 8.891   4.351   -4.349  0.00 41.00 ? 20 LEU A HD23 1 
ATOM   312  N N    . LEU A 1 21 ? 6.494   2.657   -4.209  1.00 36.45 ? 21 LEU A N    1 
ATOM   313  C CA   . LEU A 1 21 ? 6.996   1.319   -4.613  1.00 28.44 ? 21 LEU A CA   1 
ATOM   314  C C    . LEU A 1 21 ? 6.605   0.981   -6.026  1.00 28.97 ? 21 LEU A C    1 
ATOM   315  O O    . LEU A 1 21 ? 7.356   0.381   -6.733  1.00 34.74 ? 21 LEU A O    1 
ATOM   316  C CB   . LEU A 1 21 ? 6.471   0.216   -3.695  1.00 26.54 ? 21 LEU A CB   1 
ATOM   317  C CG   . LEU A 1 21 ? 7.256   -0.015  -2.388  1.00 29.44 ? 21 LEU A CG   1 
ATOM   318  C CD1  . LEU A 1 21 ? 6.422   -0.564  -1.243  1.00 27.99 ? 21 LEU A CD1  1 
ATOM   319  C CD2  . LEU A 1 21 ? 8.398   -0.948  -2.609  1.00 34.05 ? 21 LEU A CD2  1 
ATOM   320  H H    . LEU A 1 21 ? 5.901   2.635   -3.567  1.00 33.74 ? 21 LEU A H    1 
ATOM   321  H HA   . LEU A 1 21 ? 7.975   1.313   -4.555  1.00 29.88 ? 21 LEU A HA   1 
ATOM   322  H HB2  . LEU A 1 21 ? 5.557   0.431   -3.449  1.00 27.85 ? 21 LEU A HB2  1 
ATOM   323  H HB3  . LEU A 1 21 ? 6.476   -0.623  -4.185  1.00 27.85 ? 21 LEU A HB3  1 
ATOM   324  H HG   . LEU A 1 21 ? 7.625   0.834   -2.098  1.00 29.66 ? 21 LEU A HG   1 
ATOM   325  H HD11 . LEU A 1 21 ? 7.007   -0.680  -0.480  0.00 29.65 ? 21 LEU A HD11 1 
ATOM   326  H HD12 . LEU A 1 21 ? 6.038   -1.398  -1.491  0.00 29.65 ? 21 LEU A HD12 1 
ATOM   327  H HD13 . LEU A 1 21 ? 5.743   0.076   -1.029  0.00 29.65 ? 21 LEU A HD13 1 
ATOM   328  H HD21 . LEU A 1 21 ? 8.033   -1.815  -2.963  0.00 35.60 ? 21 LEU A HD21 1 
ATOM   329  H HD22 . LEU A 1 21 ? 8.870   -1.112  -1.835  0.00 35.60 ? 21 LEU A HD22 1 
ATOM   330  H HD23 . LEU A 1 21 ? 8.972   -0.606  -3.320  0.00 35.60 ? 21 LEU A HD23 1 
ATOM   331  N N    . GLN A 1 22 ? 5.404   1.364   -6.416  1.00 35.92 ? 22 GLN A N    1 
ATOM   332  C CA   . GLN A 1 22 ? 4.906   1.168   -7.770  1.00 34.84 ? 22 GLN A CA   1 
ATOM   333  C C    . GLN A 1 22 ? 5.605   2.050   -8.765  1.00 27.28 ? 22 GLN A C    1 
ATOM   334  O O    . GLN A 1 22 ? 5.818   1.666   -9.889  1.00 32.53 ? 22 GLN A O    1 
ATOM   335  C CB   . GLN A 1 22 ? 3.390   1.432   -7.833  1.00 43.58 ? 22 GLN A CB   1 
ATOM   336  C CG   . GLN A 1 22 ? 2.492   0.303   -7.250  1.00 51.23 ? 22 GLN A CG   1 
ATOM   337  C CD   . GLN A 1 22 ? 3.114   -1.097  -7.383  1.00 56.95 ? 22 GLN A CD   1 
ATOM   338  O OE1  . GLN A 1 22 ? 3.963   -1.471  -6.564  1.00 61.87 ? 22 GLN A OE1  1 
ATOM   339  N NE2  . GLN A 1 22 ? 2.704   -1.863  -8.412  1.00 49.95 ? 22 GLN A NE2  1 
ATOM   340  H H    . GLN A 1 22 ? 4.828   1.752   -5.882  1.00 34.28 ? 22 GLN A H    1 
ATOM   341  H HA   . GLN A 1 22 ? 5.078   0.243   -8.045  1.00 35.49 ? 22 GLN A HA   1 
ATOM   342  H HB2  . GLN A 1 22 ? 3.193   2.245   -7.341  1.00 43.64 ? 22 GLN A HB2  1 
ATOM   343  H HB3  . GLN A 1 22 ? 3.133   1.551   -8.761  1.00 43.64 ? 22 GLN A HB3  1 
ATOM   344  H HG2  . GLN A 1 22 ? 2.341   0.475   -6.307  1.00 51.10 ? 22 GLN A HG2  1 
ATOM   345  H HG3  . GLN A 1 22 ? 1.645   0.301   -7.726  1.00 51.10 ? 22 GLN A HG3  1 
ATOM   346  H HE21 . GLN A 1 22 ? 2.127   -1.522  -9.026  0.00 54.95 ? 22 GLN A HE21 1 
ATOM   347  H HE22 . GLN A 1 22 ? 3.018   -2.628  -8.577  0.00 54.95 ? 22 GLN A HE22 1 
ATOM   348  N N    . LEU A 1 23 ? 5.946   3.250   -8.359  1.00 29.52 ? 23 LEU A N    1 
ATOM   349  C CA   . LEU A 1 23 ? 6.781   4.106   -9.183  1.00 30.66 ? 23 LEU A CA   1 
ATOM   350  C C    . LEU A 1 23 ? 8.191   3.537   -9.407  1.00 33.91 ? 23 LEU A C    1 
ATOM   351  O O    . LEU A 1 23 ? 8.748   3.720   -10.471 1.00 42.10 ? 23 LEU A O    1 
ATOM   352  C CB   . LEU A 1 23 ? 6.916   5.507   -8.561  1.00 31.82 ? 23 LEU A CB   1 
ATOM   353  C CG   . LEU A 1 23 ? 5.830   6.548   -8.798  1.00 28.94 ? 23 LEU A CG   1 
ATOM   354  C CD1  . LEU A 1 23 ? 6.389   7.935   -8.523  1.00 22.98 ? 23 LEU A CD1  1 
ATOM   355  C CD2  . LEU A 1 23 ? 5.296   6.451   -10.210 1.00 30.49 ? 23 LEU A CD2  1 
ATOM   356  H H    . LEU A 1 23 ? 5.702   3.599   -7.598  1.00 29.49 ? 23 LEU A H    1 
ATOM   357  H HA   . LEU A 1 23 ? 6.363   4.197   -10.064 1.00 31.54 ? 23 LEU A HA   1 
ATOM   358  H HB2  . LEU A 1 23 ? 6.988   5.399   -7.600  1.00 31.30 ? 23 LEU A HB2  1 
ATOM   359  H HB3  . LEU A 1 23 ? 7.744   5.894   -8.887  1.00 31.30 ? 23 LEU A HB3  1 
ATOM   360  H HG   . LEU A 1 23 ? 5.094   6.389   -8.189  1.00 28.97 ? 23 LEU A HG   1 
ATOM   361  H HD11 . LEU A 1 23 ? 5.692   8.574   -8.666  0.00 27.13 ? 23 LEU A HD11 1 
ATOM   362  H HD12 . LEU A 1 23 ? 7.133   8.096   -9.079  0.00 27.13 ? 23 LEU A HD12 1 
ATOM   363  H HD13 . LEU A 1 23 ? 6.654   7.959   -7.586  0.00 27.13 ? 23 LEU A HD13 1 
ATOM   364  H HD21 . LEU A 1 23 ? 6.093   6.609   -10.833 0.00 35.19 ? 23 LEU A HD21 1 
ATOM   365  H HD22 . LEU A 1 23 ? 4.673   7.112   -10.387 0.00 35.19 ? 23 LEU A HD22 1 
ATOM   366  H HD23 . LEU A 1 23 ? 4.995   5.572   -10.400 0.00 35.19 ? 23 LEU A HD23 1 
ATOM   367  N N    . THR A 1 24 ? 8.809   2.898   -8.417  1.00 32.18 ? 24 THR A N    1 
ATOM   368  C CA   . THR A 1 24 ? 10.148  2.394   -8.646  1.00 29.63 ? 24 THR A CA   1 
ATOM   369  C C    . THR A 1 24 ? 10.049  1.298   -9.681  1.00 33.98 ? 24 THR A C    1 
ATOM   370  O O    . THR A 1 24 ? 10.853  1.236   -10.609 1.00 43.88 ? 24 THR A O    1 
ATOM   371  C CB   . THR A 1 24 ? 10.825  1.826   -7.410  1.00 22.06 ? 24 THR A CB   1 
ATOM   372  O OG1  . THR A 1 24 ? 10.058  0.754   -6.892  1.00 22.29 ? 24 THR A OG1  1 
ATOM   373  C CG2  . THR A 1 24 ? 11.032  2.891   -6.388  1.00 19.03 ? 24 THR A CG2  1 
ATOM   374  H H    . THR A 1 24 ? 8.481   2.751   -7.625  1.00 32.20 ? 24 THR A H    1 
ATOM   375  H HA   . THR A 1 24 ? 10.719  3.111   -8.998  1.00 29.76 ? 24 THR A HA   1 
ATOM   376  H HB   . THR A 1 24 ? 11.698  1.486   -7.660  1.00 23.23 ? 24 THR A HB   1 
ATOM   377  H HG1  . THR A 1 24 ? 10.366  0.434   -6.231  0.00 26.21 ? 24 THR A HG1  1 
ATOM   378  H HG21 . THR A 1 24 ? 11.580  3.573   -6.720  0.00 22.62 ? 24 THR A HG21 1 
ATOM   379  H HG22 . THR A 1 24 ? 11.433  2.503   -5.593  0.00 22.62 ? 24 THR A HG22 1 
ATOM   380  H HG23 . THR A 1 24 ? 10.172  3.259   -6.120  0.00 22.62 ? 24 THR A HG23 1 
ATOM   381  N N    . VAL A 1 25 ? 9.046   0.452   -9.508  1.00 30.17 ? 25 VAL A N    1 
ATOM   382  C CA   . VAL A 1 25 ? 8.753   -0.643  -10.415 1.00 26.47 ? 25 VAL A CA   1 
ATOM   383  C C    . VAL A 1 25 ? 8.506   -0.235  -11.858 1.00 32.66 ? 25 VAL A C    1 
ATOM   384  O O    . VAL A 1 25 ? 8.956   -0.887  -12.784 1.00 40.04 ? 25 VAL A O    1 
ATOM   385  C CB   . VAL A 1 25 ? 7.528   -1.339  -9.972  1.00 20.47 ? 25 VAL A CB   1 
ATOM   386  C CG1  . VAL A 1 25 ? 6.965   -2.102  -11.089 1.00 19.76 ? 25 VAL A CG1  1 
ATOM   387  C CG2  . VAL A 1 25 ? 7.877   -2.234  -8.822  1.00 27.48 ? 25 VAL A CG2  1 
ATOM   388  H H    . VAL A 1 25 ? 8.500   0.493   -8.824  1.00 30.49 ? 25 VAL A H    1 
ATOM   389  H HA   . VAL A 1 25 ? 9.497   -1.281  -10.404 1.00 27.49 ? 25 VAL A HA   1 
ATOM   390  H HB   . VAL A 1 25 ? 6.856   -0.690  -9.677  1.00 23.07 ? 25 VAL A HB   1 
ATOM   391  H HG11 . VAL A 1 25 ? 6.187   -2.581  -10.800 0.00 24.19 ? 25 VAL A HG11 1 
ATOM   392  H HG12 . VAL A 1 25 ? 7.643   -2.780  -11.357 0.00 24.19 ? 25 VAL A HG12 1 
ATOM   393  H HG13 . VAL A 1 25 ? 6.783   -1.549  -11.823 0.00 24.19 ? 25 VAL A HG13 1 
ATOM   394  H HG21 . VAL A 1 25 ? 8.504   -2.843  -9.035  0.00 30.59 ? 25 VAL A HG21 1 
ATOM   395  H HG22 . VAL A 1 25 ? 7.040   -2.647  -8.502  0.00 30.59 ? 25 VAL A HG22 1 
ATOM   396  H HG23 . VAL A 1 25 ? 8.171   -1.641  -8.077  0.00 30.59 ? 25 VAL A HG23 1 
ATOM   397  N N    . TRP A 1 26 ? 7.766   0.837   -12.056 1.00 37.09 ? 26 TRP A N    1 
ATOM   398  C CA   . TRP A 1 26 ? 7.617   1.413   -13.390 1.00 29.74 ? 26 TRP A CA   1 
ATOM   399  C C    . TRP A 1 26 ? 8.991   1.659   -13.966 1.00 25.80 ? 26 TRP A C    1 
ATOM   400  O O    . TRP A 1 26 ? 9.297   1.182   -15.026 1.00 39.45 ? 26 TRP A O    1 
ATOM   401  C CB   . TRP A 1 26 ? 6.846   2.717   -13.296 1.00 34.33 ? 26 TRP A CB   1 
ATOM   402  C CG   . TRP A 1 26 ? 6.557   3.371   -14.560 1.00 33.01 ? 26 TRP A CG   1 
ATOM   403  C CD1  . TRP A 1 26 ? 5.421   3.248   -15.279 1.00 38.23 ? 26 TRP A CD1  1 
ATOM   404  C CD2  . TRP A 1 26 ? 7.381   4.310   -15.256 1.00 30.22 ? 26 TRP A CD2  1 
ATOM   405  N NE1  . TRP A 1 26 ? 5.491   4.027   -16.398 1.00 38.19 ? 26 TRP A NE1  1 
ATOM   406  C CE2  . TRP A 1 26 ? 6.689   4.690   -16.407 1.00 30.62 ? 26 TRP A CE2  1 
ATOM   407  C CE3  . TRP A 1 26 ? 8.641   4.854   -15.025 1.00 32.25 ? 26 TRP A CE3  1 
ATOM   408  C CZ2  . TRP A 1 26 ? 7.205   5.599   -17.322 1.00 30.42 ? 26 TRP A CZ2  1 
ATOM   409  C CZ3  . TRP A 1 26 ? 9.161   5.755   -15.946 1.00 29.77 ? 26 TRP A CZ3  1 
ATOM   410  C CH2  . TRP A 1 26 ? 8.446   6.111   -17.078 1.00 31.11 ? 26 TRP A CH2  1 
ATOM   411  H H    . TRP A 1 26 ? 7.331   1.257   -11.425 1.00 34.57 ? 26 TRP A H    1 
ATOM   412  H HA   . TRP A 1 26 ? 7.127   0.794   -13.972 1.00 31.48 ? 26 TRP A HA   1 
ATOM   413  H HB2  . TRP A 1 26 ? 5.996   2.539   -12.859 1.00 33.27 ? 26 TRP A HB2  1 
ATOM   414  H HB3  . TRP A 1 26 ? 7.357   3.342   -12.758 1.00 33.27 ? 26 TRP A HB3  1 
ATOM   415  H HD1  . TRP A 1 26 ? 4.704   2.697   -15.055 1.00 37.26 ? 26 TRP A HD1  1 
ATOM   416  H HE1  . TRP A 1 26 ? 4.880   4.091   -17.001 1.00 36.70 ? 26 TRP A HE1  1 
ATOM   417  H HE3  . TRP A 1 26 ? 9.128   4.619   -14.269 1.00 31.47 ? 26 TRP A HE3  1 
ATOM   418  H HZ2  . TRP A 1 26 ? 6.732   5.830   -18.089 1.00 30.93 ? 26 TRP A HZ2  1 
ATOM   419  H HZ3  . TRP A 1 26 ? 10.003  6.123   -15.803 1.00 30.95 ? 26 TRP A HZ3  1 
ATOM   420  H HH2  . TRP A 1 26 ? 8.816   6.716   -17.679 1.00 30.94 ? 26 TRP A HH2  1 
ATOM   421  N N    . GLY A 1 27 ? 9.842   2.367   -13.242 1.00 24.15 ? 27 GLY A N    1 
ATOM   422  C CA   . GLY A 1 27 ? 11.193  2.619   -13.697 1.00 20.10 ? 27 GLY A CA   1 
ATOM   423  C C    . GLY A 1 27 ? 11.862  1.330   -14.087 1.00 20.20 ? 27 GLY A C    1 
ATOM   424  O O    . GLY A 1 27 ? 12.398  1.216   -15.149 1.00 31.21 ? 27 GLY A O    1 
ATOM   425  H H    . GLY A 1 27 ? 9.655   2.717   -12.462 1.00 23.80 ? 27 GLY A H    1 
ATOM   426  H HA2  . GLY A 1 27 ? 11.173  3.210   -14.467 1.00 21.32 ? 27 GLY A HA2  1 
ATOM   427  H HA3  . GLY A 1 27 ? 11.706  3.042   -12.992 1.00 21.32 ? 27 GLY A HA3  1 
ATOM   428  N N    . ILE A 1 28 ? 11.796  0.333   -13.234 1.00 23.95 ? 28 ILE A N    1 
ATOM   429  C CA   . ILE A 1 28 ? 12.417  -0.941  -13.526 1.00 21.70 ? 28 ILE A CA   1 
ATOM   430  C C    . ILE A 1 28 ? 11.871  -1.511  -14.829 1.00 22.33 ? 28 ILE A C    1 
ATOM   431  O O    . ILE A 1 28 ? 12.612  -1.892  -15.715 1.00 30.27 ? 28 ILE A O    1 
ATOM   432  C CB   . ILE A 1 28 ? 12.163  -1.944  -12.404 1.00 22.15 ? 28 ILE A CB   1 
ATOM   433  C CG1  . ILE A 1 28 ? 12.816  -1.499  -11.097 1.00 22.75 ? 28 ILE A CG1  1 
ATOM   434  C CG2  . ILE A 1 28 ? 12.716  -3.275  -12.768 1.00 23.52 ? 28 ILE A CG2  1 
ATOM   435  C CD1  . ILE A 1 28 ? 12.322  -2.270  -9.907  1.00 18.36 ? 28 ILE A CD1  1 
ATOM   436  H H    . ILE A 1 28 ? 11.380  0.374   -12.469 1.00 22.79 ? 28 ILE A H    1 
ATOM   437  H HA   . ILE A 1 28 ? 13.384  -0.819  -13.619 1.00 22.56 ? 28 ILE A HA   1 
ATOM   438  H HB   . ILE A 1 28 ? 11.208  -2.031  -12.264 1.00 22.65 ? 28 ILE A HB   1 
ATOM   439  H HG12 . ILE A 1 28 ? 13.774  -1.636  -11.162 1.00 21.84 ? 28 ILE A HG12 1 
ATOM   440  H HG13 . ILE A 1 28 ? 12.633  -0.562  -10.938 1.00 21.84 ? 28 ILE A HG13 1 
ATOM   441  H HG21 . ILE A 1 28 ? 12.297  -3.593  -13.564 0.00 25.75 ? 28 ILE A HG21 1 
ATOM   442  H HG22 . ILE A 1 28 ? 12.545  -3.893  -12.042 0.00 25.75 ? 28 ILE A HG22 1 
ATOM   443  H HG23 . ILE A 1 28 ? 13.665  -3.192  -12.898 0.00 25.75 ? 28 ILE A HG23 1 
ATOM   444  H HD11 . ILE A 1 28 ? 12.760  -1.924  -9.122  0.00 20.04 ? 28 ILE A HD11 1 
ATOM   445  H HD12 . ILE A 1 28 ? 12.520  -3.186  -10.029 0.00 20.04 ? 28 ILE A HD12 1 
ATOM   446  H HD13 . ILE A 1 28 ? 11.370  -2.134  -9.822  0.00 20.04 ? 28 ILE A HD13 1 
ATOM   447  N N    . LYS A 1 29 ? 10.568  -1.555  -14.964 1.00 24.74 ? 29 LYS A N    1 
ATOM   448  C CA   . LYS A 1 29 ? 9.978   -2.053  -16.195 1.00 30.49 ? 29 LYS A CA   1 
ATOM   449  C C    . LYS A 1 29 ? 10.429  -1.283  -17.459 1.00 31.12 ? 29 LYS A C    1 
ATOM   450  O O    . LYS A 1 29 ? 10.563  -1.863  -18.520 1.00 30.29 ? 29 LYS A O    1 
ATOM   451  C CB   . LYS A 1 29 ? 8.452   -2.052  -16.086 1.00 33.22 ? 29 LYS A CB   1 
ATOM   452  C CG   . LYS A 1 29 ? 7.886   -3.127  -15.158 1.00 35.40 ? 29 LYS A CG   1 
ATOM   453  C CD   . LYS A 1 29 ? 6.364   -3.191  -15.232 1.00 37.98 ? 29 LYS A CD   1 
ATOM   454  C CE   . LYS A 1 29 ? 5.820   -4.298  -14.347 1.00 42.06 ? 29 LYS A CE   1 
ATOM   455  N NZ   . LYS A 1 29 ? 4.318   -4.328  -14.232 1.00 46.27 ? 29 LYS A NZ   1 
ATOM   456  H H    . LYS A 1 29 ? 9.997   -1.305  -14.355 1.00 25.75 ? 29 LYS A H    1 
ATOM   457  H HA   . LYS A 1 29 ? 10.255  -2.988  -16.311 1.00 30.25 ? 29 LYS A HA   1 
ATOM   458  H HB2  . LYS A 1 29 ? 8.165   -1.188  -15.750 1.00 33.37 ? 29 LYS A HB2  1 
ATOM   459  H HB3  . LYS A 1 29 ? 8.076   -2.201  -16.968 1.00 33.37 ? 29 LYS A HB3  1 
ATOM   460  H HG2  . LYS A 1 29 ? 8.241   -3.990  -15.421 1.00 35.75 ? 29 LYS A HG2  1 
ATOM   461  H HG3  . LYS A 1 29 ? 8.139   -2.926  -14.244 1.00 35.75 ? 29 LYS A HG3  1 
ATOM   462  H HD2  . LYS A 1 29 ? 5.992   -2.346  -14.932 1.00 38.54 ? 29 LYS A HD2  1 
ATOM   463  H HD3  . LYS A 1 29 ? 6.096   -3.371  -16.147 1.00 38.54 ? 29 LYS A HD3  1 
ATOM   464  H HE2  . LYS A 1 29 ? 6.102   -5.148  -14.712 1.00 42.28 ? 29 LYS A HE2  1 
ATOM   465  H HE3  . LYS A 1 29 ? 6.185   -4.187  -13.454 1.00 42.28 ? 29 LYS A HE3  1 
ATOM   466  H HZ1  . LYS A 1 29 ? 4.037   -3.463  -13.851 0.00 47.55 ? 29 LYS A HZ1  1 
ATOM   467  H HZ2  . LYS A 1 29 ? 4.077   -5.010  -13.641 0.00 47.55 ? 29 LYS A HZ2  1 
ATOM   468  H HZ3  . LYS A 1 29 ? 3.950   -4.421  -15.083 0.00 47.55 ? 29 LYS A HZ3  1 
ATOM   469  N N    . GLN A 1 30 ? 10.653  0.019   -17.351 1.00 35.16 ? 30 GLN A N    1 
ATOM   470  C CA   . GLN A 1 30 ? 11.147  0.782   -18.495 1.00 36.07 ? 30 GLN A CA   1 
ATOM   471  C C    . GLN A 1 30 ? 12.560  0.393   -18.810 1.00 32.95 ? 30 GLN A C    1 
ATOM   472  O O    . GLN A 1 30 ? 12.961  0.458   -19.954 1.00 41.65 ? 30 GLN A O    1 
ATOM   473  C CB   . GLN A 1 30 ? 11.103  2.296   -18.266 1.00 40.74 ? 30 GLN A CB   1 
ATOM   474  C CG   . GLN A 1 30 ? 10.034  3.033   -19.075 1.00 43.63 ? 30 GLN A CG   1 
ATOM   475  C CD   . GLN A 1 30 ? 8.654   2.406   -18.945 1.00 41.71 ? 30 GLN A CD   1 
ATOM   476  O OE1  . GLN A 1 30 ? 8.307   1.858   -17.911 1.00 39.33 ? 30 GLN A OE1  1 
ATOM   477  N NE2  . GLN A 1 30 ? 7.861   2.485   -20.008 1.00 48.59 ? 30 GLN A NE2  1 
ATOM   478  H H    . GLN A 1 30 ? 10.523  0.481   -16.623 1.00 34.65 ? 30 GLN A H    1 
ATOM   479  H HA   . GLN A 1 30 ? 10.599  0.577   -19.284 1.00 36.44 ? 30 GLN A HA   1 
ATOM   480  H HB2  . GLN A 1 30 ? 10.933  2.474   -17.328 1.00 40.66 ? 30 GLN A HB2  1 
ATOM   481  H HB3  . GLN A 1 30 ? 11.960  2.678   -18.512 1.00 40.66 ? 30 GLN A HB3  1 
ATOM   482  H HG2  . GLN A 1 30 ? 9.975   3.948   -18.754 1.00 42.86 ? 30 GLN A HG2  1 
ATOM   483  H HG3  . GLN A 1 30 ? 10.283  3.026   -20.011 1.00 42.86 ? 30 GLN A HG3  1 
ATOM   484  H HE21 . GLN A 1 30 ? 8.175   2.857   -20.715 0.00 52.76 ? 30 GLN A HE21 1 
ATOM   485  H HE22 . GLN A 1 30 ? 7.100   2.131   -19.985 0.00 52.76 ? 30 GLN A HE22 1 
ATOM   486  N N    . LEU A 1 31 ? 13.328  0.011   -17.804 1.00 27.28 ? 31 LEU A N    1 
ATOM   487  C CA   . LEU A 1 31 ? 14.688  -0.403  -18.048 1.00 26.61 ? 31 LEU A CA   1 
ATOM   488  C C    . LEU A 1 31 ? 14.727  -1.821  -18.566 1.00 29.72 ? 31 LEU A C    1 
ATOM   489  O O    . LEU A 1 31 ? 15.513  -2.136  -19.440 1.00 34.28 ? 31 LEU A O    1 
ATOM   490  C CB   . LEU A 1 31 ? 15.519  -0.284  -16.793 1.00 28.48 ? 31 LEU A CB   1 
ATOM   491  C CG   . LEU A 1 31 ? 15.851  1.164   -16.439 1.00 30.80 ? 31 LEU A CG   1 
ATOM   492  C CD1  . LEU A 1 31 ? 16.657  1.227   -15.158 1.00 29.16 ? 31 LEU A CD1  1 
ATOM   493  C CD2  . LEU A 1 31 ? 16.577  1.886   -17.584 1.00 28.09 ? 31 LEU A CD2  1 
ATOM   494  H H    . LEU A 1 31 ? 13.084  -0.009  -16.966 1.00 28.70 ? 31 LEU A H    1 
ATOM   495  H HA   . LEU A 1 31 ? 15.089  0.176   -18.731 1.00 27.96 ? 31 LEU A HA   1 
ATOM   496  H HB2  . LEU A 1 31 ? 15.020  -0.663  -16.052 1.00 28.94 ? 31 LEU A HB2  1 
ATOM   497  H HB3  . LEU A 1 31 ? 16.355  -0.765  -16.911 1.00 28.94 ? 31 LEU A HB3  1 
ATOM   498  H HG   . LEU A 1 31 ? 15.019  1.637   -16.278 1.00 29.81 ? 31 LEU A HG   1 
ATOM   499  H HD11 . LEU A 1 31 ? 16.845  2.143   -14.940 0.00 33.17 ? 31 LEU A HD11 1 
ATOM   500  H HD12 . LEU A 1 31 ? 17.465  0.733   -15.255 0.00 33.17 ? 31 LEU A HD12 1 
ATOM   501  H HD13 . LEU A 1 31 ? 16.132  0.841   -14.429 0.00 33.17 ? 31 LEU A HD13 1 
ATOM   502  H HD21 . LEU A 1 31 ? 17.402  1.405   -17.762 0.00 31.44 ? 31 LEU A HD21 1 
ATOM   503  H HD22 . LEU A 1 31 ? 16.776  2.776   -17.316 0.00 31.44 ? 31 LEU A HD22 1 
ATOM   504  H HD23 . LEU A 1 31 ? 16.022  1.869   -18.357 0.00 31.44 ? 31 LEU A HD23 1 
ATOM   505  N N    . GLN A 1 32 ? 13.876  -2.681  -18.038 1.00 35.49 ? 32 GLN A N    1 
ATOM   506  C CA   . GLN A 1 32 ? 13.761  -4.033  -18.569 1.00 40.66 ? 32 GLN A CA   1 
ATOM   507  C C    . GLN A 1 32 ? 13.501  -3.982  -20.076 1.00 44.57 ? 32 GLN A C    1 
ATOM   508  O O    . GLN A 1 32 ? 14.229  -4.585  -20.865 1.00 47.08 ? 32 GLN A O    1 
ATOM   509  C CB   . GLN A 1 32 ? 12.641  -4.799  -17.857 1.00 41.90 ? 32 GLN A CB   1 
ATOM   510  C CG   . GLN A 1 32 ? 12.041  -5.951  -18.667 1.00 46.15 ? 32 GLN A CG   1 
ATOM   511  H H    . GLN A 1 32 ? 13.354  -2.506  -17.364 1.00 35.58 ? 32 GLN A H    1 
ATOM   512  H HA   . GLN A 1 32 ? 14.603  -4.510  -18.420 1.00 40.86 ? 32 GLN A HA   1 
ATOM   513  H HB2  . GLN A 1 32 ? 13.002  -5.176  -17.040 1.00 42.81 ? 32 GLN A HB2  1 
ATOM   514  H HB3  . GLN A 1 32 ? 11.920  -4.184  -17.644 1.00 42.81 ? 32 GLN A HB3  1 
ATOM   515  H HG2  . GLN A 1 32 ? 11.641  -5.530  -19.502 0.00 48.32 ? 32 GLN A HG2  1 
ATOM   516  H HG3  . GLN A 1 32 ? 12.721  -6.553  -18.940 0.00 48.32 ? 32 GLN A HG3  1 
ATOM   517  N N    . ALA A 1 33 ? 12.470  -3.236  -20.458 1.00 48.17 ? 33 ALA A N    1 
ATOM   518  C CA   . ALA A 1 33 ? 12.064  -3.100  -21.859 1.00 49.57 ? 33 ALA A CA   1 
ATOM   519  C C    . ALA A 1 33 ? 13.131  -2.433  -22.758 1.00 49.04 ? 33 ALA A C    1 
ATOM   520  O O    . ALA A 1 33 ? 13.453  -2.951  -23.826 1.00 53.02 ? 33 ALA A O    1 
ATOM   521  C CB   . ALA A 1 33 ? 10.730  -2.357  -21.953 1.00 47.16 ? 33 ALA A CB   1 
ATOM   522  H H    . ALA A 1 33 ? 11.970  -2.781  -19.899 1.00 47.91 ? 33 ALA A H    1 
ATOM   523  H HA   . ALA A 1 33 ? 11.911  -4.000  -22.218 1.00 49.02 ? 33 ALA A HA   1 
ATOM   524  H HB1  . ALA A 1 33 ? 10.052  -2.827  -21.468 0.00 52.05 ? 33 ALA A HB1  1 
ATOM   525  H HB2  . ALA A 1 33 ? 10.465  -2.263  -22.875 0.00 52.05 ? 33 ALA A HB2  1 
ATOM   526  H HB3  . ALA A 1 33 ? 10.826  -1.462  -21.571 0.00 52.05 ? 33 ALA A HB3  1 
ATOM   527  N N    . ARG A 1 34 ? 13.674  -1.299  -22.337 1.00 45.85 ? 34 ARG A N    1 
ATOM   528  C CA   . ARG A 1 34 ? 14.730  -0.644  -23.100 1.00 44.68 ? 34 ARG A CA   1 
ATOM   529  C C    . ARG A 1 34 ? 15.952  -1.543  -23.190 1.00 43.31 ? 34 ARG A C    1 
ATOM   530  O O    . ARG A 1 34 ? 16.446  -1.801  -24.276 1.00 54.15 ? 34 ARG A O    1 
ATOM   531  C CB   . ARG A 1 34 ? 15.121  0.688   -22.472 1.00 43.77 ? 34 ARG A CB   1 
ATOM   532  H H    . ARG A 1 34 ? 13.449  -0.887  -21.601 1.00 46.59 ? 34 ARG A H    1 
ATOM   533  H HA   . ARG A 1 34 ? 14.411  -0.469  -24.011 1.00 44.77 ? 34 ARG A HA   1 
ATOM   534  H HB2  . ARG A 1 34 ? 15.834  1.093   -23.038 0.00 49.10 ? 34 ARG A HB2  1 
ATOM   535  H HB3  . ARG A 1 34 ? 14.368  1.278   -22.489 0.00 49.10 ? 34 ARG A HB3  1 
ATOM   536  N N    . ILE A 1 35 ? 16.427  -2.034  -22.058 1.00 39.54 ? 35 ILE A N    1 
ATOM   537  C CA   . ILE A 1 35 ? 17.582  -2.906  -22.055 1.00 41.26 ? 35 ILE A CA   1 
ATOM   538  C C    . ILE A 1 35 ? 17.168  -4.375  -22.200 1.00 45.45 ? 35 ILE A C    1 
ATOM   539  O O    . ILE A 1 35 ? 17.638  -5.220  -21.451 1.00 51.42 ? 35 ILE A O    1 
ATOM   540  C CB   . ILE A 1 35 ? 18.411  -2.710  -20.779 1.00 38.42 ? 35 ILE A CB   1 
ATOM   541  H H    . ILE A 1 35 ? 16.095  -1.870  -21.269 1.00 41.21 ? 35 ILE A H    1 
ATOM   542  H HA   . ILE A 1 35 ? 18.166  -2.685  -22.811 1.00 41.64 ? 35 ILE A HA   1 
ATOM   543  H HB   . ILE A 1 35 ? 17.862  -2.949  -20.001 0.00 46.57 ? 35 ILE A HB   1 
ATOM   544  N N    . LEU A 1 36 ? 16.296  -4.669  -23.165 1.00 46.33 ? 36 LEU A N    1 
ATOM   545  C CA   . LEU A 1 36 ? 15.874  -6.049  -23.494 1.00 46.35 ? 36 LEU A CA   1 
ATOM   546  C C    . LEU A 1 36 ? 14.418  -6.093  -23.944 1.00 48.22 ? 36 LEU A C    1 
ATOM   547  O O    . LEU A 1 36 ? 14.101  -5.805  -25.100 1.00 52.34 ? 36 LEU A O    1 
ATOM   548  C CB   . LEU A 1 36 ? 16.054  -7.010  -22.312 1.00 44.77 ? 36 LEU A CB   1 
ATOM   549  H H    . LEU A 1 36 ? 15.926  -4.066  -23.684 1.00 46.59 ? 36 LEU A H    1 
ATOM   550  H HA   . LEU A 1 36 ? 16.425  -6.378  -24.237 1.00 46.85 ? 36 LEU A HA   1 
ATOM   551  H HB2  . LEU A 1 36 ? 16.968  -7.001  -22.070 0.00 52.02 ? 36 LEU A HB2  1 
ATOM   552  H HB3  . LEU A 1 36 ? 15.533  -6.666  -21.588 0.00 52.02 ? 36 LEU A HB3  1 
ATOM   553  N N    . THR B 2 2  ? 11.814  -15.715 -15.211 1.00 51.24 ? 2  THR B N    1 
ATOM   554  C CA   . THR B 2 2  ? 11.460  -14.760 -16.269 1.00 51.69 ? 2  THR B CA   1 
ATOM   555  C C    . THR B 2 2  ? 11.081  -13.412 -15.668 1.00 54.03 ? 2  THR B C    1 
ATOM   556  O O    . THR B 2 2  ? 10.981  -13.276 -14.448 1.00 53.36 ? 2  THR B O    1 
ATOM   557  C CB   . THR B 2 2  ? 10.289  -15.251 -17.203 1.00 47.74 ? 2  THR B CB   1 
ATOM   558  O OG1  . THR B 2 2  ? 9.160   -15.670 -16.422 1.00 45.27 ? 2  THR B OG1  1 
ATOM   559  C CG2  . THR B 2 2  ? 10.742  -16.380 -18.117 1.00 43.58 ? 2  THR B CG2  1 
ATOM   560  H H    . THR B 2 2  ? 11.799  -15.388 -14.414 1.00 51.62 ? 2  THR B H    1 
ATOM   561  H HA   . THR B 2 2  ? 12.246  -14.615 -16.838 1.00 51.53 ? 2  THR B HA   1 
ATOM   562  H HB   . THR B 2 2  ? 10.008  -14.520 -17.773 1.00 47.43 ? 2  THR B HB   1 
ATOM   563  H HG1  . THR B 2 2  ? 8.567   -15.923 -16.878 0.00 46.98 ? 2  THR B HG1  1 
ATOM   564  H HG21 . THR B 2 2  ? 11.463  -16.083 -18.662 0.00 45.52 ? 2  THR B HG21 1 
ATOM   565  H HG22 . THR B 2 2  ? 10.019  -16.675 -18.645 0.00 45.52 ? 2  THR B HG22 1 
ATOM   566  H HG23 . THR B 2 2  ? 11.059  -17.123 -17.567 0.00 45.52 ? 2  THR B HG23 1 
ATOM   567  N N    . TRP B 2 3  ? 10.899  -12.424 -16.549 1.00 56.74 ? 3  TRP B N    1 
ATOM   568  C CA   . TRP B 2 3  ? 10.464  -11.067 -16.176 1.00 51.37 ? 3  TRP B CA   1 
ATOM   569  C C    . TRP B 2 3  ? 8.957   -10.898 -16.108 1.00 49.66 ? 3  TRP B C    1 
ATOM   570  O O    . TRP B 2 3  ? 8.474   -10.008 -15.404 1.00 48.71 ? 3  TRP B O    1 
ATOM   571  C CB   . TRP B 2 3  ? 11.033  -10.022 -17.140 1.00 49.71 ? 3  TRP B CB   1 
ATOM   572  C CG   . TRP B 2 3  ? 12.341  -9.598  -16.699 1.00 45.24 ? 3  TRP B CG   1 
ATOM   573  C CD1  . TRP B 2 3  ? 13.526  -10.177 -17.002 1.00 44.61 ? 3  TRP B CD1  1 
ATOM   574  C CD2  . TRP B 2 3  ? 12.620  -8.532  -15.800 1.00 43.66 ? 3  TRP B CD2  1 
ATOM   575  N NE1  . TRP B 2 3  ? 14.543  -9.520  -16.370 1.00 45.20 ? 3  TRP B NE1  1 
ATOM   576  C CE2  . TRP B 2 3  ? 14.012  -8.499  -15.623 1.00 42.50 ? 3  TRP B CE2  1 
ATOM   577  C CE3  . TRP B 2 3  ? 11.830  -7.580  -15.142 1.00 37.27 ? 3  TRP B CE3  1 
ATOM   578  C CZ2  . TRP B 2 3  ? 14.633  -7.558  -14.811 1.00 35.54 ? 3  TRP B CZ2  1 
ATOM   579  C CZ3  . TRP B 2 3  ? 12.449  -6.654  -14.349 1.00 35.35 ? 3  TRP B CZ3  1 
ATOM   580  C CH2  . TRP B 2 3  ? 13.839  -6.648  -14.185 1.00 32.98 ? 3  TRP B CH2  1 
ATOM   581  H H    . TRP B 2 3  ? 11.040  -12.519 -17.408 1.00 55.10 ? 3  TRP B H    1 
ATOM   582  H HA   . TRP B 2 3  ? 10.816  -10.859 -15.285 1.00 51.98 ? 3  TRP B HA   1 
ATOM   583  H HB2  . TRP B 2 3  ? 11.112  -10.398 -18.031 1.00 49.38 ? 3  TRP B HB2  1 
ATOM   584  H HB3  . TRP B 2 3  ? 10.455  -9.242  -17.157 1.00 49.38 ? 3  TRP B HB3  1 
ATOM   585  H HD1  . TRP B 2 3  ? 13.633  -10.909 -17.568 1.00 45.15 ? 3  TRP B HD1  1 
ATOM   586  H HE1  . TRP B 2 3  ? 15.379  -9.714  -16.433 1.00 44.67 ? 3  TRP B HE1  1 
ATOM   587  H HE3  . TRP B 2 3  ? 10.907  -7.578  -15.242 1.00 38.57 ? 3  TRP B HE3  1 
ATOM   588  H HZ2  . TRP B 2 3  ? 15.558  -7.544  -14.710 1.00 36.78 ? 3  TRP B HZ2  1 
ATOM   589  H HZ3  . TRP B 2 3  ? 11.938  -6.020  -13.900 1.00 35.50 ? 3  TRP B HZ3  1 
ATOM   590  H HH2  . TRP B 2 3  ? 14.231  -6.007  -13.637 1.00 34.37 ? 3  TRP B HH2  1 
ATOM   591  N N    . GLU B 2 4  ? 8.217   -11.711 -16.860 1.00 48.52 ? 4  GLU B N    1 
ATOM   592  C CA   . GLU B 2 4  ? 6.758   -11.715 -16.735 1.00 45.92 ? 4  GLU B CA   1 
ATOM   593  C C    . GLU B 2 4  ? 6.324   -12.634 -15.593 1.00 41.16 ? 4  GLU B C    1 
ATOM   594  O O    . GLU B 2 4  ? 5.242   -12.478 -15.039 1.00 44.11 ? 4  GLU B O    1 
ATOM   595  C CB   . GLU B 2 4  ? 6.057   -12.046 -18.059 1.00 47.99 ? 4  GLU B CB   1 
ATOM   596  C CG   . GLU B 2 4  ? 5.442   -10.798 -18.785 1.00 45.73 ? 4  GLU B CG   1 
ATOM   597  C CD   . GLU B 2 4  ? 4.092   -10.317 -18.196 1.00 41.80 ? 4  GLU B CD   1 
ATOM   598  O OE1  . GLU B 2 4  ? 3.301   -11.149 -17.716 1.00 41.07 ? 4  GLU B OE1  1 
ATOM   599  O OE2  . GLU B 2 4  ? 3.794   -9.106  -18.241 1.00 40.45 ? 4  GLU B OE2  1 
ATOM   600  H H    . GLU B 2 4  ? 8.535   -12.263 -17.456 1.00 48.38 ? 4  GLU B H    1 
ATOM   601  H HA   . GLU B 2 4  ? 6.465   -10.806 -16.494 1.00 46.10 ? 4  GLU B HA   1 
ATOM   602  H HB2  . GLU B 2 4  ? 6.701   -12.446 -18.665 1.00 47.24 ? 4  GLU B HB2  1 
ATOM   603  H HB3  . GLU B 2 4  ? 5.341   -12.679 -17.888 1.00 47.24 ? 4  GLU B HB3  1 
ATOM   604  H HG2  . GLU B 2 4  ? 6.074   -10.065 -18.728 1.00 45.63 ? 4  GLU B HG2  1 
ATOM   605  H HG3  . GLU B 2 4  ? 5.294   -11.028 -19.717 1.00 45.63 ? 4  GLU B HG3  1 
ATOM   606  N N    . ALA B 2 5  ? 7.171   -13.572 -15.213 1.00 34.50 ? 5  ALA B N    1 
ATOM   607  C CA   . ALA B 2 5  ? 6.978   -14.244 -13.934 1.00 33.94 ? 5  ALA B CA   1 
ATOM   608  C C    . ALA B 2 5  ? 7.066   -13.265 -12.748 1.00 29.44 ? 5  ALA B C    1 
ATOM   609  O O    . ALA B 2 5  ? 6.334   -13.391 -11.783 1.00 33.19 ? 5  ALA B O    1 
ATOM   610  C CB   . ALA B 2 5  ? 8.007   -15.327 -13.780 1.00 39.84 ? 5  ALA B CB   1 
ATOM   611  H H    . ALA B 2 5  ? 7.857   -13.847 -15.674 1.00 36.08 ? 5  ALA B H    1 
ATOM   612  H HA   . ALA B 2 5  ? 6.093   -14.664 -13.917 1.00 34.46 ? 5  ALA B HA   1 
ATOM   613  H HB1  . ALA B 2 5  ? 7.889   -15.956 -14.491 0.00 41.26 ? 5  ALA B HB1  1 
ATOM   614  H HB2  . ALA B 2 5  ? 7.849   -15.768 -12.932 0.00 41.26 ? 5  ALA B HB2  1 
ATOM   615  H HB3  . ALA B 2 5  ? 8.871   -14.942 -13.798 0.00 41.26 ? 5  ALA B HB3  1 
ATOM   616  N N    . TRP B 2 6  ? 8.001   -12.323 -12.841 1.00 32.13 ? 6  TRP B N    1 
ATOM   617  C CA   . TRP B 2 6  ? 8.280   -11.265 -11.854 1.00 29.04 ? 6  TRP B CA   1 
ATOM   618  C C    . TRP B 2 6  ? 7.224   -10.154 -11.888 1.00 28.37 ? 6  TRP B C    1 
ATOM   619  O O    . TRP B 2 6  ? 6.817   -9.645  -10.854 1.00 28.77 ? 6  TRP B O    1 
ATOM   620  C CB   . TRP B 2 6  ? 9.679   -10.680 -12.167 1.00 33.78 ? 6  TRP B CB   1 
ATOM   621  C CG   . TRP B 2 6  ? 10.135  -9.461  -11.371 1.00 32.73 ? 6  TRP B CG   1 
ATOM   622  C CD1  . TRP B 2 6  ? 10.817  -9.470  -10.197 1.00 31.48 ? 6  TRP B CD1  1 
ATOM   623  C CD2  . TRP B 2 6  ? 9.991   -8.073  -11.734 1.00 32.57 ? 6  TRP B CD2  1 
ATOM   624  N NE1  . TRP B 2 6  ? 11.076  -8.181  -9.783  1.00 27.10 ? 6  TRP B NE1  1 
ATOM   625  C CE2  . TRP B 2 6  ? 10.578  -7.308  -10.708 1.00 27.92 ? 6  TRP B CE2  1 
ATOM   626  C CE3  . TRP B 2 6  ? 9.413   -7.409  -12.815 1.00 36.61 ? 6  TRP B CE3  1 
ATOM   627  C CZ2  . TRP B 2 6  ? 10.598  -5.918  -10.726 1.00 30.98 ? 6  TRP B CZ2  1 
ATOM   628  C CZ3  . TRP B 2 6  ? 9.420   -6.014  -12.824 1.00 36.68 ? 6  TRP B CZ3  1 
ATOM   629  C CH2  . TRP B 2 6  ? 10.010  -5.290  -11.786 1.00 32.51 ? 6  TRP B CH2  1 
ATOM   630  H H    . TRP B 2 6  ? 8.543   -12.274 -13.535 1.00 30.96 ? 6  TRP B H    1 
ATOM   631  H HA   . TRP B 2 6  ? 8.299   -11.653 -10.954 1.00 30.61 ? 6  TRP B HA   1 
ATOM   632  H HB2  . TRP B 2 6  ? 10.338  -11.378 -12.017 1.00 32.80 ? 6  TRP B HB2  1 
ATOM   633  H HB3  . TRP B 2 6  ? 9.696   -10.428 -13.103 1.00 32.80 ? 6  TRP B HB3  1 
ATOM   634  H HD1  . TRP B 2 6  ? 11.053  -10.238 -9.729  1.00 31.11 ? 6  TRP B HD1  1 
ATOM   635  H HE1  . TRP B 2 6  ? 11.480  -7.962  -9.056  1.00 28.69 ? 6  TRP B HE1  1 
ATOM   636  H HE3  . TRP B 2 6  ? 9.013   -7.894  -13.494 1.00 36.08 ? 6  TRP B HE3  1 
ATOM   637  H HZ2  . TRP B 2 6  ? 10.978  -5.433  -10.030 1.00 31.02 ? 6  TRP B HZ2  1 
ATOM   638  H HZ3  . TRP B 2 6  ? 9.040   -5.556  -13.538 1.00 36.09 ? 6  TRP B HZ3  1 
ATOM   639  H HH2  . TRP B 2 6  ? 10.020  -4.361  -11.827 1.00 33.52 ? 6  TRP B HH2  1 
ATOM   640  N N    . ASP B 2 7  ? 6.790   -9.765  -13.082 1.00 33.48 ? 7  ASP B N    1 
ATOM   641  C CA   . ASP B 2 7  ? 5.772   -8.713  -13.227 1.00 37.64 ? 7  ASP B CA   1 
ATOM   642  C C    . ASP B 2 7  ? 4.504   -9.185  -12.577 1.00 33.34 ? 7  ASP B C    1 
ATOM   643  O O    . ASP B 2 7  ? 3.873   -8.417  -11.864 1.00 36.11 ? 7  ASP B O    1 
ATOM   644  C CB   . ASP B 2 7  ? 5.469   -8.358  -14.703 1.00 41.95 ? 7  ASP B CB   1 
ATOM   645  C CG   . ASP B 2 7  ? 6.688   -7.839  -15.467 1.00 43.09 ? 7  ASP B CG   1 
ATOM   646  O OD1  . ASP B 2 7  ? 7.602   -7.272  -14.853 1.00 44.50 ? 7  ASP B OD1  1 
ATOM   647  O OD2  . ASP B 2 7  ? 6.739   -7.988  -16.704 1.00 49.63 ? 7  ASP B OD2  1 
ATOM   648  H H    . ASP B 2 7  ? 7.069   -10.100 -13.837 1.00 33.40 ? 7  ASP B H    1 
ATOM   649  H HA   . ASP B 2 7  ? 6.074   -7.901  -12.766 1.00 36.99 ? 7  ASP B HA   1 
ATOM   650  H HB2  . ASP B 2 7  ? 5.148   -9.152  -15.157 1.00 41.38 ? 7  ASP B HB2  1 
ATOM   651  H HB3  . ASP B 2 7  ? 4.787   -7.667  -14.724 1.00 41.38 ? 7  ASP B HB3  1 
ATOM   652  N N    . ARG B 2 8  ? 4.137   -10.440 -12.862 1.00 33.97 ? 8  ARG B N    1 
ATOM   653  C CA   . ARG B 2 8  ? 2.990   -11.121 -12.239 1.00 33.74 ? 8  ARG B CA   1 
ATOM   654  C C    . ARG B 2 8  ? 3.218   -11.286 -10.747 1.00 34.09 ? 8  ARG B C    1 
ATOM   655  O O    . ARG B 2 8  ? 2.313   -11.061 -9.976  1.00 41.97 ? 8  ARG B O    1 
ATOM   656  C CB   . ARG B 2 8  ? 2.740   -12.515 -12.840 1.00 34.56 ? 8  ARG B CB   1 
ATOM   657  C CG   . ARG B 2 8  ? 1.979   -12.594 -14.186 1.00 36.03 ? 8  ARG B CG   1 
ATOM   658  C CD   . ARG B 2 8  ? 2.343   -13.862 -14.989 1.00 33.37 ? 8  ARG B CD   1 
ATOM   659  N NE   . ARG B 2 8  ? 2.796   -14.904 -14.073 1.00 40.62 ? 8  ARG B NE   1 
ATOM   660  C CZ   . ARG B 2 8  ? 3.526   -15.962 -14.399 1.00 44.02 ? 8  ARG B CZ   1 
ATOM   661  N NH1  . ARG B 2 8  ? 3.874   -16.153 -15.645 1.00 43.01 ? 8  ARG B NH1  1 
ATOM   662  N NH2  . ARG B 2 8  ? 3.897   -16.840 -13.467 1.00 47.42 ? 8  ARG B NH2  1 
ATOM   663  H H    . ARG B 2 8  ? 4.551   -10.938 -13.454 1.00 33.95 ? 8  ARG B H    1 
ATOM   664  H HA   . ARG B 2 8  ? 2.182   -10.583 -12.374 1.00 34.20 ? 8  ARG B HA   1 
ATOM   665  H HB2  . ARG B 2 8  ? 3.605   -12.934 -12.969 1.00 34.98 ? 8  ARG B HB2  1 
ATOM   666  H HB3  . ARG B 2 8  ? 2.228   -13.031 -12.196 1.00 34.98 ? 8  ARG B HB3  1 
ATOM   667  H HG2  . ARG B 2 8  ? 1.025   -12.615 -14.006 1.00 35.33 ? 8  ARG B HG2  1 
ATOM   668  H HG3  . ARG B 2 8  ? 2.201   -11.819 -14.725 1.00 35.33 ? 8  ARG B HG3  1 
ATOM   669  H HD2  . ARG B 2 8  ? 1.561   -14.184 -15.464 1.00 35.89 ? 8  ARG B HD2  1 
ATOM   670  H HD3  . ARG B 2 8  ? 3.055   -13.646 -15.608 1.00 35.89 ? 8  ARG B HD3  1 
ATOM   671  H HE   . ARG B 2 8  ? 2.273   -14.995 -13.211 1.00 39.91 ? 8  ARG B HE   1 
ATOM   672  H HH11 . ARG B 2 8  ? 4.341   -16.843 -15.851 1.00 43.50 ? 8  ARG B HH11 1 
ATOM   673  H HH12 . ARG B 2 8  ? 3.638   -15.591 -16.249 1.00 43.50 ? 8  ARG B HH12 1 
ATOM   674  H HH21 . ARG B 2 8  ? 3.667   -16.724 -12.646 1.00 46.67 ? 8  ARG B HH21 1 
ATOM   675  H HH22 . ARG B 2 8  ? 4.362   -17.530 -13.686 1.00 46.67 ? 8  ARG B HH22 1 
ATOM   676  N N    . ALA B 2 9  ? 4.416   -11.690 -10.333 1.00 34.08 ? 9  ALA B N    1 
ATOM   677  C CA   . ALA B 2 9  ? 4.671   -11.945 -8.915  1.00 28.42 ? 9  ALA B CA   1 
ATOM   678  C C    . ALA B 2 9  ? 4.762   -10.669 -8.133  1.00 25.60 ? 9  ALA B C    1 
ATOM   679  O O    . ALA B 2 9  ? 4.476   -10.667 -6.975  1.00 41.42 ? 9  ALA B O    1 
ATOM   680  C CB   . ALA B 2 9  ? 5.891   -12.765 -8.716  1.00 30.08 ? 9  ALA B CB   1 
ATOM   681  H H    . ALA B 2 9  ? 5.100   -11.829 -10.858 1.00 32.97 ? 9  ALA B H    1 
ATOM   682  H HA   . ALA B 2 9  ? 3.921   -12.465 -8.550  1.00 29.50 ? 9  ALA B HA   1 
ATOM   683  H HB1  . ALA B 2 9  ? 5.828   -13.578 -9.183  0.00 33.82 ? 9  ALA B HB1  1 
ATOM   684  H HB2  . ALA B 2 9  ? 6.051   -12.890 -7.789  0.00 33.82 ? 9  ALA B HB2  1 
ATOM   685  H HB3  . ALA B 2 9  ? 6.659   -12.246 -9.089  0.00 33.82 ? 9  ALA B HB3  1 
ATOM   686  N N    . ILE B 2 10 ? 5.149   -9.571  -8.751  1.00 26.23 ? 10 ILE B N    1 
ATOM   687  C CA   . ILE B 2 10 ? 5.044   -8.270  -8.096  1.00 25.07 ? 10 ILE B CA   1 
ATOM   688  C C    . ILE B 2 10 ? 3.619   -7.791  -7.966  1.00 25.30 ? 10 ILE B C    1 
ATOM   689  O O    . ILE B 2 10 ? 3.192   -7.445  -6.900  1.00 31.81 ? 10 ILE B O    1 
ATOM   690  C CB   . ILE B 2 10 ? 5.760   -7.191  -8.874  1.00 28.32 ? 10 ILE B CB   1 
ATOM   691  C CG1  . ILE B 2 10 ? 7.222   -7.193  -8.545  1.00 28.53 ? 10 ILE B CG1  1 
ATOM   692  C CG2  . ILE B 2 10 ? 5.232   -5.832  -8.507  1.00 27.03 ? 10 ILE B CG2  1 
ATOM   693  C CD1  . ILE B 2 10 ? 7.837   -5.972  -8.987  1.00 35.04 ? 10 ILE B CD1  1 
ATOM   694  H H    . ILE B 2 10 ? 5.491   -9.549  -9.553  1.00 26.05 ? 10 ILE B H    1 
ATOM   695  H HA   . ILE B 2 10 ? 5.435   -8.320  -7.198  1.00 26.19 ? 10 ILE B HA   1 
ATOM   696  H HB   . ILE B 2 10 ? 5.638   -7.335  -9.826  1.00 27.77 ? 10 ILE B HB   1 
ATOM   697  H HG12 . ILE B 2 10 ? 7.346   -7.262  -7.586  1.00 30.32 ? 10 ILE B HG12 1 
ATOM   698  H HG13 . ILE B 2 10 ? 7.653   -7.936  -8.996  1.00 30.32 ? 10 ILE B HG13 1 
ATOM   699  H HG21 . ILE B 2 10 ? 4.295   -5.801  -8.715  0.00 30.55 ? 10 ILE B HG21 1 
ATOM   700  H HG22 . ILE B 2 10 ? 5.700   -5.175  -9.034  0.00 30.55 ? 10 ILE B HG22 1 
ATOM   701  H HG23 . ILE B 2 10 ? 5.380   -5.689  -7.583  0.00 30.55 ? 10 ILE B HG23 1 
ATOM   702  H HD11 . ILE B 2 10 ? 8.781   -6.005  -8.790  0.00 38.11 ? 10 ILE B HD11 1 
ATOM   703  H HD12 . ILE B 2 10 ? 7.428   -5.236  -8.562  0.00 38.11 ? 10 ILE B HD12 1 
ATOM   704  H HD13 . ILE B 2 10 ? 7.734   -5.896  -9.957  0.00 38.11 ? 10 ILE B HD13 1 
ATOM   705  N N    . ALA B 2 11 ? 2.894   -7.754  -9.071  1.00 30.35 ? 11 ALA B N    1 
ATOM   706  C CA   . ALA B 2 11 ? 1.529   -7.222  -9.110  1.00 31.52 ? 11 ALA B CA   1 
ATOM   707  C C    . ALA B 2 11 ? 0.610   -7.828  -8.092  1.00 34.88 ? 11 ALA B C    1 
ATOM   708  O O    . ALA B 2 11 ? -0.193  -7.137  -7.507  1.00 44.86 ? 11 ALA B O    1 
ATOM   709  C CB   . ALA B 2 11 ? 0.930   -7.464  -10.461 1.00 32.17 ? 11 ALA B CB   1 
ATOM   710  H H    . ALA B 2 11 ? 3.181   -8.046  -9.843  1.00 29.63 ? 11 ALA B H    1 
ATOM   711  H HA   . ALA B 2 11 ? 1.560   -6.254  -8.957  1.00 32.24 ? 11 ALA B HA   1 
ATOM   712  H HB1  . ALA B 2 11 ? 1.486   -6.988  -11.117 0.00 34.50 ? 11 ALA B HB1  1 
ATOM   713  H HB2  . ALA B 2 11 ? 0.054   -7.069  -10.475 0.00 34.50 ? 11 ALA B HB2  1 
ATOM   714  H HB3  . ALA B 2 11 ? 0.912   -8.375  -10.648 0.00 34.50 ? 11 ALA B HB3  1 
ATOM   715  N N    . GLU B 2 12 ? 0.687   -9.143  -7.950  1.00 41.41 ? 12 GLU B N    1 
ATOM   716  C CA   . GLU B 2 12 ? -0.098  -9.908  -6.980  1.00 37.04 ? 12 GLU B CA   1 
ATOM   717  C C    . GLU B 2 12 ? 0.289   -9.479  -5.602  1.00 34.66 ? 12 GLU B C    1 
ATOM   718  O O    . GLU B 2 12 ? -0.534  -9.324  -4.730  1.00 45.57 ? 12 GLU B O    1 
ATOM   719  C CB   . GLU B 2 12 ? 0.205   -11.406 -7.099  1.00 38.31 ? 12 GLU B CB   1 
ATOM   720  C CG   . GLU B 2 12 ? -0.224  -12.058 -8.417  1.00 41.35 ? 12 GLU B CG   1 
ATOM   721  C CD   . GLU B 2 12 ? 0.555   -13.306 -8.703  1.00 46.67 ? 12 GLU B CD   1 
ATOM   722  O OE1  . GLU B 2 12 ? 1.224   -13.810 -7.777  1.00 57.35 ? 12 GLU B OE1  1 
ATOM   723  O OE2  . GLU B 2 12 ? 0.526   -13.777 -9.853  1.00 50.98 ? 12 GLU B OE2  1 
ATOM   724  H H    . GLU B 2 12 ? 1.216   -9.642  -8.440  1.00 39.05 ? 12 GLU B H    1 
ATOM   725  H HA   . GLU B 2 12 ? -1.057  -9.755  -7.115  1.00 37.86 ? 12 GLU B HA   1 
ATOM   726  H HB2  . GLU B 2 12 ? 1.164   -11.520 -7.001  1.00 38.99 ? 12 GLU B HB2  1 
ATOM   727  H HB3  . GLU B 2 12 ? -0.254  -11.874 -6.383  1.00 38.99 ? 12 GLU B HB3  1 
ATOM   728  H HG2  . GLU B 2 12 ? -1.162  -12.296 -8.367  1.00 42.14 ? 12 GLU B HG2  1 
ATOM   729  H HG3  . GLU B 2 12 ? -0.079  -11.437 -9.147  1.00 42.14 ? 12 GLU B HG3  1 
ATOM   730  N N    . TYR B 2 13 ? 1.572   -9.291  -5.403  1.00 32.23 ? 13 TYR B N    1 
ATOM   731  C CA   . TYR B 2 13 ? 2.048   -8.912  -4.112  1.00 31.24 ? 13 TYR B CA   1 
ATOM   732  C C    . TYR B 2 13 ? 1.710   -7.456  -3.798  1.00 25.20 ? 13 TYR B C    1 
ATOM   733  O O    . TYR B 2 13 ? 1.238   -7.135  -2.741  1.00 28.47 ? 13 TYR B O    1 
ATOM   734  C CB   . TYR B 2 13 ? 3.532   -9.172  -4.032  1.00 34.60 ? 13 TYR B CB   1 
ATOM   735  C CG   . TYR B 2 13 ? 3.887   -9.798  -2.735  1.00 36.50 ? 13 TYR B CG   1 
ATOM   736  C CD1  . TYR B 2 13 ? 3.958   -9.032  -1.598  1.00 40.34 ? 13 TYR B CD1  1 
ATOM   737  C CD2  . TYR B 2 13 ? 4.099   -11.150 -2.630  1.00 34.95 ? 13 TYR B CD2  1 
ATOM   738  C CE1  . TYR B 2 13 ? 4.268   -9.576  -0.400  1.00 42.37 ? 13 TYR B CE1  1 
ATOM   739  C CE2  . TYR B 2 13 ? 4.408   -11.709 -1.427  1.00 39.23 ? 13 TYR B CE2  1 
ATOM   740  C CZ   . TYR B 2 13 ? 4.492   -10.910 -0.311  1.00 43.41 ? 13 TYR B CZ   1 
ATOM   741  O OH   . TYR B 2 13 ? 4.801   -11.438 0.919   1.00 59.83 ? 13 TYR B OH   1 
ATOM   742  H H    . TYR B 2 13 ? 2.185   -9.376  -6.016  1.00 32.77 ? 13 TYR B H    1 
ATOM   743  H HA   . TYR B 2 13 ? 1.611   -9.471  -3.434  1.00 31.13 ? 13 TYR B HA   1 
ATOM   744  H HB2  . TYR B 2 13 ? 3.806   -9.776  -4.737  1.00 34.56 ? 13 TYR B HB2  1 
ATOM   745  H HB3  . TYR B 2 13 ? 4.016   -8.333  -4.107  1.00 34.56 ? 13 TYR B HB3  1 
ATOM   746  H HD1  . TYR B 2 13 ? 3.809   -8.115  -1.657  1.00 40.14 ? 13 TYR B HD1  1 
ATOM   747  H HD2  . TYR B 2 13 ? 4.048   -11.688 -3.387  1.00 36.52 ? 13 TYR B HD2  1 
ATOM   748  H HE1  . TYR B 2 13 ? 4.322   -9.040  0.356   1.00 42.38 ? 13 TYR B HE1  1 
ATOM   749  H HE2  . TYR B 2 13 ? 4.568   -12.621 -1.361  1.00 39.42 ? 13 TYR B HE2  1 
ATOM   750  H HH   . TYR B 2 13 ? 4.167   -11.273 1.452   0.00 62.72 ? 13 TYR B HH   1 
ATOM   751  N N    . ALA B 2 14 ? 1.920   -6.563  -4.732  1.00 23.55 ? 14 ALA B N    1 
ATOM   752  C CA   . ALA B 2 14 ? 1.557   -5.193  -4.495  1.00 15.48 ? 14 ALA B CA   1 
ATOM   753  C C    . ALA B 2 14 ? 0.099   -5.110  -4.183  1.00 16.51 ? 14 ALA B C    1 
ATOM   754  O O    . ALA B 2 14 ? -0.283  -4.516  -3.215  1.00 31.98 ? 14 ALA B O    1 
ATOM   755  C CB   . ALA B 2 14 ? 1.872   -4.352  -5.670  1.00 14.32 ? 14 ALA B CB   1 
ATOM   756  H H    . ALA B 2 14 ? 2.271   -6.727  -5.511  1.00 22.20 ? 14 ALA B H    1 
ATOM   757  H HA   . ALA B 2 14 ? 2.064   -4.847  -3.729  1.00 17.14 ? 14 ALA B HA   1 
ATOM   758  H HB1  . ALA B 2 14 ? 2.820   -4.396  -5.855  0.00 16.53 ? 14 ALA B HB1  1 
ATOM   759  H HB2  . ALA B 2 14 ? 1.622   -3.445  -5.496  0.00 16.53 ? 14 ALA B HB2  1 
ATOM   760  H HB3  . ALA B 2 14 ? 1.388   -4.680  -6.441  0.00 16.53 ? 14 ALA B HB3  1 
HETATM 761  N N    . XCP B 2 15 ? -0.722  -5.708  -5.007  1.00 28.55 ? 15 XCP B N    1 
HETATM 762  C CB   . XCP B 2 15 ? -2.190  -5.689  -4.795  1.00 23.34 ? 15 XCP B CB   1 
HETATM 763  C CG   . XCP B 2 15 ? -2.838  -5.225  -6.118  1.00 17.25 ? 15 XCP B CG   1 
HETATM 764  C CD   . XCP B 2 15 ? -4.317  -5.501  -5.861  1.00 23.13 ? 15 XCP B CD   1 
HETATM 765  C CE   . XCP B 2 15 ? -4.336  -6.812  -5.035  1.00 25.15 ? 15 XCP B CE   1 
HETATM 766  C CA   . XCP B 2 15 ? -2.927  -7.018  -4.432  1.00 21.04 ? 15 XCP B CA   1 
HETATM 767  C C    . XCP B 2 15 ? -2.985  -7.325  -2.935  1.00 20.36 ? 15 XCP B C    1 
HETATM 768  O O    . XCP B 2 15 ? -3.853  -6.860  -2.244  1.00 27.93 ? 15 XCP B O    1 
HETATM 769  H H2   . XCP B 2 15 ? -0.421  -6.126  -5.694  1.00 24.73 ? 15 XCP B H2   1 
HETATM 770  H HB   . XCP B 2 15 ? -2.408  -5.031  -4.106  1.00 22.94 ? 15 XCP B HB   1 
HETATM 771  H HG   . XCP B 2 15 ? -2.510  -5.755  -6.875  1.00 20.28 ? 15 XCP B HG   1 
HETATM 772  H HGA  . XCP B 2 15 ? -2.684  -4.268  -6.268  1.00 20.28 ? 15 XCP B HGA  1 
HETATM 773  H HD   . XCP B 2 15 ? -4.794  -5.624  -6.709  1.00 22.51 ? 15 XCP B HD   1 
HETATM 774  H HDA  . XCP B 2 15 ? -4.716  -4.766  -5.349  1.00 22.51 ? 15 XCP B HDA  1 
HETATM 775  H HE   . XCP B 2 15 ? -4.552  -7.565  -5.624  1.00 24.00 ? 15 XCP B HE   1 
HETATM 776  H HEA  . XCP B 2 15 ? -5.014  -6.744  -4.332  1.00 24.00 ? 15 XCP B HEA  1 
HETATM 777  H HA   . XCP B 2 15 ? -2.493  -7.763  -4.896  1.00 22.32 ? 15 XCP B HA   1 
ATOM   778  N N    . ARG B 2 16 ? -2.047  -8.118  -2.442  1.00 27.35 ? 16 ARG B N    1 
ATOM   779  C CA   . ARG B 2 16 ? -1.992  -8.487  -1.027  1.00 23.18 ? 16 ARG B CA   1 
ATOM   780  C C    . ARG B 2 16 ? -1.870  -7.247  -0.179  1.00 19.80 ? 16 ARG B C    1 
ATOM   781  O O    . ARG B 2 16 ? -2.649  -7.029  0.703   1.00 25.00 ? 16 ARG B O    1 
ATOM   782  C CB   . ARG B 2 16 ? -0.789  -9.384  -0.761  1.00 27.09 ? 16 ARG B CB   1 
ATOM   783  C CG   . ARG B 2 16 ? -0.595  -9.803  0.708   1.00 29.87 ? 16 ARG B CG   1 
ATOM   784  C CD   . ARG B 2 16 ? 0.240   -11.115 0.820   1.00 34.49 ? 16 ARG B CD   1 
ATOM   785  N NE   . ARG B 2 16 ? 0.181   -11.720 2.146   1.00 36.24 ? 16 ARG B NE   1 
ATOM   786  H H    . ARG B 2 16 ? -1.417  -8.460  -2.917  1.00 24.96 ? 16 ARG B H    1 
ATOM   787  H HA   . ARG B 2 16 ? -2.809  -8.967  -0.775  1.00 24.26 ? 16 ARG B HA   1 
ATOM   788  H HB2  . ARG B 2 16 ? -0.882  -10.188 -1.293  1.00 27.04 ? 16 ARG B HB2  1 
ATOM   789  H HB3  . ARG B 2 16 ? 0.013   -8.911  -1.034  1.00 27.04 ? 16 ARG B HB3  1 
ATOM   790  H HG2  . ARG B 2 16 ? -0.122  -9.102  1.183   1.00 30.49 ? 16 ARG B HG2  1 
ATOM   791  H HG3  . ARG B 2 16 ? -1.462  -9.958  1.113   1.00 30.49 ? 16 ARG B HG3  1 
ATOM   792  H HD2  . ARG B 2 16 ? -0.102  -11.760 0.184   1.00 34.04 ? 16 ARG B HD2  1 
ATOM   793  H HD3  . ARG B 2 16 ? 1.169   -10.915 0.624   1.00 34.04 ? 16 ARG B HD3  1 
ATOM   794  H HE   . ARG B 2 16 ? 0.665   -12.547 2.290   1.00 35.88 ? 16 ARG B HE   1 
ATOM   795  N N    . ILE B 2 17 ? -0.889  -6.418  -0.477  1.00 24.71 ? 17 ILE B N    1 
ATOM   796  C CA   . ILE B 2 17 ? -0.691  -5.195  0.256   1.00 26.30 ? 17 ILE B CA   1 
ATOM   797  C C    . ILE B 2 17 ? -1.878  -4.259  0.046   1.00 24.65 ? 17 ILE B C    1 
ATOM   798  O O    . ILE B 2 17 ? -2.566  -3.908  0.955   1.00 35.11 ? 17 ILE B O    1 
ATOM   799  C CB   . ILE B 2 17 ? 0.650   -4.523  -0.115  1.00 29.41 ? 17 ILE B CB   1 
ATOM   800  C CG1  . ILE B 2 17 ? 1.834   -5.466  0.214   1.00 31.28 ? 17 ILE B CG1  1 
ATOM   801  C CG2  . ILE B 2 17 ? 0.790   -3.189  0.628   1.00 32.75 ? 17 ILE B CG2  1 
ATOM   802  C CD1  . ILE B 2 17 ? 3.087   -5.355  -0.676  1.00 24.94 ? 17 ILE B CD1  1 
ATOM   803  H H    . ILE B 2 17 ? -0.318  -6.547  -1.125  1.00 24.12 ? 17 ILE B H    1 
ATOM   804  H HA   . ILE B 2 17 ? -0.645  -5.406  1.214   1.00 26.50 ? 17 ILE B HA   1 
ATOM   805  H HB   . ILE B 2 17 ? 0.660   -4.343  -1.065  1.00 30.04 ? 17 ILE B HB   1 
ATOM   806  H HG12 . ILE B 2 17 ? 2.122   -5.261  1.117   1.00 29.64 ? 17 ILE B HG12 1 
ATOM   807  H HG13 . ILE B 2 17 ? 1.535   -6.386  0.172   1.00 29.64 ? 17 ILE B HG13 1 
ATOM   808  H HG21 . ILE B 2 17 ? 0.093   -2.602  0.417   0.00 35.58 ? 17 ILE B HG21 1 
ATOM   809  H HG22 . ILE B 2 17 ? 1.654   -2.779  0.418   0.00 35.58 ? 17 ILE B HG22 1 
ATOM   810  H HG23 . ILE B 2 17 ? 0.797   -3.363  1.600   0.00 35.58 ? 17 ILE B HG23 1 
ATOM   811  H HD11 . ILE B 2 17 ? 3.756   -5.987  -0.420  0.00 26.60 ? 17 ILE B HD11 1 
ATOM   812  H HD12 . ILE B 2 17 ? 3.449   -4.461  -0.649  0.00 26.60 ? 17 ILE B HD12 1 
ATOM   813  H HD13 . ILE B 2 17 ? 2.839   -5.541  -1.616  0.00 26.60 ? 17 ILE B HD13 1 
ATOM   814  N N    . GLU B 2 18 ? -2.170  -3.896  -1.167  1.00 31.53 ? 18 GLU B N    1 
ATOM   815  C CA   . GLU B 2 18 ? -3.147  -2.860  -1.371  1.00 32.94 ? 18 GLU B CA   1 
ATOM   816  C C    . GLU B 2 18 ? -4.488  -3.293  -0.825  1.00 22.61 ? 18 GLU B C    1 
ATOM   817  O O    . GLU B 2 18 ? -5.302  -2.457  -0.534  1.00 29.16 ? 18 GLU B O    1 
ATOM   818  C CB   . GLU B 2 18 ? -3.135  -2.398  -2.847  1.00 43.51 ? 18 GLU B CB   1 
ATOM   819  C CG   . GLU B 2 18 ? -1.731  -1.707  -3.219  1.00 51.34 ? 18 GLU B CG   1 
ATOM   820  C CD   . GLU B 2 18 ? -1.468  -1.424  -4.728  1.00 58.85 ? 18 GLU B CD   1 
ATOM   821  O OE1  . GLU B 2 18 ? -2.402  -1.589  -5.536  1.00 68.24 ? 18 GLU B OE1  1 
ATOM   822  O OE2  . GLU B 2 18 ? -0.332  -1.017  -5.115  1.00 57.46 ? 18 GLU B OE2  1 
ATOM   823  H H    . GLU B 2 18 ? -1.824  -4.235  -1.890  1.00 30.42 ? 18 GLU B H    1 
ATOM   824  H HA   . GLU B 2 18 ? -2.871  -2.075  -0.845  1.00 32.88 ? 18 GLU B HA   1 
ATOM   825  H HB2  . GLU B 2 18 ? -3.270  -3.161  -3.427  1.00 43.01 ? 18 GLU B HB2  1 
ATOM   826  H HB3  . GLU B 2 18 ? -3.841  -1.746  -2.983  1.00 43.01 ? 18 GLU B HB3  1 
ATOM   827  H HG2  . GLU B 2 18 ? -1.690  -0.852  -2.761  1.00 51.39 ? 18 GLU B HG2  1 
ATOM   828  H HG3  . GLU B 2 18 ? -1.010  -2.268  -2.898  1.00 51.39 ? 18 GLU B HG3  1 
HETATM 829  N N    . XCP B 2 19 ? -4.708  -4.594  -0.690  1.00 26.57 ? 19 XCP B N    1 
HETATM 830  C CB   . XCP B 2 19 ? -5.996  -5.122  -0.162  1.00 31.78 ? 19 XCP B CB   1 
HETATM 831  C CG   . XCP B 2 19 ? -6.864  -5.692  -1.288  1.00 31.23 ? 19 XCP B CG   1 
HETATM 832  C CD   . XCP B 2 19 ? -7.480  -7.022  -0.825  1.00 28.67 ? 19 XCP B CD   1 
HETATM 833  C CE   . XCP B 2 19 ? -7.318  -6.989  0.680   1.00 34.62 ? 19 XCP B CE   1 
HETATM 834  C CA   . XCP B 2 19 ? -5.941  -6.323  0.844   1.00 32.74 ? 19 XCP B CA   1 
HETATM 835  C C    . XCP B 2 19 ? -5.714  -5.928  2.293   1.00 30.31 ? 19 XCP B C    1 
HETATM 836  O O    . XCP B 2 19 ? -6.664  -5.729  3.035   1.00 35.21 ? 19 XCP B O    1 
HETATM 837  H H2   . XCP B 2 19 ? -4.104  -5.178  -0.907  1.00 27.11 ? 19 XCP B H2   1 
HETATM 838  H HB   . XCP B 2 19 ? -6.492  -4.392  0.269   1.00 31.12 ? 19 XCP B HB   1 
HETATM 839  H HG   . XCP B 2 19 ? -6.313  -5.846  -2.084  1.00 31.07 ? 19 XCP B HG   1 
HETATM 840  H HGA  . XCP B 2 19 ? -7.579  -5.058  -1.505  1.00 31.07 ? 19 XCP B HGA  1 
HETATM 841  H HD   . XCP B 2 19 ? -6.991  -7.780  -1.210  1.00 30.90 ? 19 XCP B HD   1 
HETATM 842  H HDA  . XCP B 2 19 ? -8.429  -7.064  -1.070  1.00 30.90 ? 19 XCP B HDA  1 
HETATM 843  H HE   . XCP B 2 19 ? -7.317  -7.895  1.051   1.00 33.06 ? 19 XCP B HE   1 
HETATM 844  H HEA  . XCP B 2 19 ? -8.027  -6.445  1.084   1.00 33.06 ? 19 XCP B HEA  1 
HETATM 845  H HA   . XCP B 2 19 ? -5.244  -6.951  0.562   1.00 32.66 ? 19 XCP B HA   1 
ATOM   846  N N    . LEU B 2 20 ? -4.450  -5.822  2.674   1.00 30.24 ? 20 LEU B N    1 
ATOM   847  C CA   . LEU B 2 20 ? -4.064  -5.453  4.023   1.00 28.64 ? 20 LEU B CA   1 
ATOM   848  C C    . LEU B 2 20 ? -4.412  -3.998  4.260   1.00 29.27 ? 20 LEU B C    1 
ATOM   849  O O    . LEU B 2 20 ? -5.246  -3.692  5.075   1.00 42.37 ? 20 LEU B O    1 
ATOM   850  C CB   . LEU B 2 20 ? -2.575  -5.660  4.230   1.00 31.13 ? 20 LEU B CB   1 
ATOM   851  C CG   . LEU B 2 20 ? -2.130  -7.119  4.281   1.00 28.67 ? 20 LEU B CG   1 
ATOM   852  C CD1  . LEU B 2 20 ? -0.621  -7.235  4.151   1.00 23.05 ? 20 LEU B CD1  1 
ATOM   853  C CD2  . LEU B 2 20 ? -2.613  -7.723  5.562   1.00 24.36 ? 20 LEU B CD2  1 
ATOM   854  H H    . LEU B 2 20 ? -3.784  -5.963  2.146   1.00 30.11 ? 20 LEU B H    1 
ATOM   855  H HA   . LEU B 2 20 ? -4.556  -6.002  4.668   1.00 29.78 ? 20 LEU B HA   1 
ATOM   856  H HB2  . LEU B 2 20 ? -2.097  -5.235  3.501   1.00 30.28 ? 20 LEU B HB2  1 
ATOM   857  H HB3  . LEU B 2 20 ? -2.317  -5.247  5.069   1.00 30.28 ? 20 LEU B HB3  1 
ATOM   858  H HG   . LEU B 2 20 ? -2.537  -7.603  3.546   1.00 27.45 ? 20 LEU B HG   1 
ATOM   859  H HD11 . LEU B 2 20 ? -0.381  -8.188  4.167   0.00 24.78 ? 20 LEU B HD11 1 
ATOM   860  H HD12 . LEU B 2 20 ? -0.193  -6.779  4.839   0.00 24.78 ? 20 LEU B HD12 1 
ATOM   861  H HD13 . LEU B 2 20 ? -0.363  -6.893  3.279   0.00 24.78 ? 20 LEU B HD13 1 
ATOM   862  H HD21 . LEU B 2 20 ? -2.220  -7.235  6.307   0.00 25.94 ? 20 LEU B HD21 1 
ATOM   863  H HD22 . LEU B 2 20 ? -2.331  -8.643  5.620   0.00 25.94 ? 20 LEU B HD22 1 
ATOM   864  H HD23 . LEU B 2 20 ? -3.564  -7.665  5.613   0.00 25.94 ? 20 LEU B HD23 1 
ATOM   865  N N    . ILE B 2 21 ? -3.816  -3.095  3.509   1.00 32.03 ? 21 ILE B N    1 
ATOM   866  C CA   . ILE B 2 21 ? -4.081  -1.662  3.687   1.00 30.95 ? 21 ILE B CA   1 
ATOM   867  C C    . ILE B 2 21 ? -5.559  -1.341  3.626   1.00 30.98 ? 21 ILE B C    1 
ATOM   868  O O    . ILE B 2 21 ? -6.028  -0.529  4.364   1.00 45.93 ? 21 ILE B O    1 
ATOM   869  C CB   . ILE B 2 21 ? -3.392  -0.763  2.639   1.00 33.04 ? 21 ILE B CB   1 
ATOM   870  C CG1  . ILE B 2 21 ? -1.853  -0.847  2.733   1.00 32.82 ? 21 ILE B CG1  1 
ATOM   871  C CG2  . ILE B 2 21 ? -3.858  0.667   2.809   1.00 29.47 ? 21 ILE B CG2  1 
ATOM   872  C CD1  . ILE B 2 21 ? -1.139  -0.166  1.606   1.00 36.12 ? 21 ILE B CD1  1 
ATOM   873  H H    . ILE B 2 21 ? -3.256  -3.284  2.868   1.00 31.34 ? 21 ILE B H    1 
ATOM   874  H HA   . ILE B 2 21 ? -3.750  -1.392  4.571   1.00 31.78 ? 21 ILE B HA   1 
ATOM   875  H HB   . ILE B 2 21 ? -3.657  -1.067  1.756   1.00 32.13 ? 21 ILE B HB   1 
ATOM   876  H HG12 . ILE B 2 21 ? -1.569  -0.425  3.557   1.00 33.86 ? 21 ILE B HG12 1 
ATOM   877  H HG13 . ILE B 2 21 ? -1.583  -1.778  2.729   1.00 33.86 ? 21 ILE B HG13 1 
ATOM   878  H HG21 . ILE B 2 21 ? -4.830  0.684   2.665   0.00 32.55 ? 21 ILE B HG21 1 
ATOM   879  H HG22 . ILE B 2 21 ? -3.452  1.210   2.124   0.00 32.55 ? 21 ILE B HG22 1 
ATOM   880  H HG23 . ILE B 2 21 ? -3.649  0.967   3.664   0.00 32.55 ? 21 ILE B HG23 1 
ATOM   881  H HD11 . ILE B 2 21 ? -0.200  -0.253  1.695   0.00 38.34 ? 21 ILE B HD11 1 
ATOM   882  H HD12 . ILE B 2 21 ? -1.393  0.763   1.556   0.00 38.34 ? 21 ILE B HD12 1 
ATOM   883  H HD13 . ILE B 2 21 ? -1.409  -0.586  0.746   0.00 38.34 ? 21 ILE B HD13 1 
HETATM 884  N N    . XPC B 2 22 ? -6.302  -1.956  2.769   1.00 37.02 ? 22 XPC B N    1 
HETATM 885  C CB   . XPC B 2 22 ? -7.721  -1.633  2.726   1.00 37.74 ? 22 XPC B CB   1 
HETATM 886  C CG   . XPC B 2 22 ? -8.176  -1.170  1.351   1.00 38.15 ? 22 XPC B CG   1 
HETATM 887  N ND   . XPC B 2 22 ? -9.681  -1.082  1.619   1.00 38.94 ? 22 XPC B ND   1 
HETATM 888  C CE   . XPC B 2 22 ? -9.967  -2.432  2.289   1.00 39.34 ? 22 XPC B CE   1 
HETATM 889  C CA   . XPC B 2 22 ? -8.653  -2.820  2.977   1.00 41.17 ? 22 XPC B CA   1 
HETATM 890  C C    . XPC B 2 22 ? -8.872  -3.049  4.445   1.00 47.56 ? 22 XPC B C    1 
HETATM 891  O O    . XPC B 2 22 ? -9.576  -2.282  5.070   1.00 50.50 ? 22 XPC B O    1 
HETATM 892  H H2   . XPC B 2 22 ? -5.995  -2.546  2.224   1.00 36.04 ? 22 XPC B H2   1 
HETATM 893  H HB   . XPC B 2 22 ? -7.936  -0.933  3.371   1.00 38.57 ? 22 XPC B HB   1 
HETATM 894  H HG   . XPC B 2 22 ? -7.975  -1.837  0.659   1.00 38.50 ? 22 XPC B HG   1 
HETATM 895  H HGA  . XPC B 2 22 ? -7.804  -0.291  1.124   1.00 38.50 ? 22 XPC B HGA  1 
HETATM 896  H HND  . XPC B 2 22 ? -9.886  -0.334  2.219   1.00 39.10 ? 22 XPC B HND  1 
HETATM 897  H HE   . XPC B 2 22 ? -10.703 -2.345  2.933   1.00 39.92 ? 22 XPC B HE   1 
HETATM 898  H HEA  . XPC B 2 22 ? -10.193 -3.098  1.609   1.00 39.92 ? 22 XPC B HEA  1 
HETATM 899  H HA   . XPC B 2 22 ? -8.285  -3.626  2.556   1.00 41.58 ? 22 XPC B HA   1 
HETATM 900  H HD1  . XPC B 2 22 ? -10.176 -0.999  0.775   1.00 39.10 ? 22 XPC B HD1  1 
ATOM   901  N N    . ALA B 2 23 ? -8.258  -4.111  4.971   1.00 48.23 ? 23 ALA B N    1 
ATOM   902  C CA   . ALA B 2 23 ? -8.362  -4.480  6.374   1.00 43.98 ? 23 ALA B CA   1 
ATOM   903  C C    . ALA B 2 23 ? -8.001  -3.373  7.328   1.00 46.25 ? 23 ALA B C    1 
ATOM   904  O O    . ALA B 2 23 ? -8.748  -3.072  8.241   1.00 55.90 ? 23 ALA B O    1 
ATOM   905  C CB   . ALA B 2 23 ? -7.492  -5.664  6.645   1.00 42.60 ? 23 ALA B CB   1 
ATOM   906  H H    . ALA B 2 23 ? -7.763  -4.642  4.511   1.00 47.25 ? 23 ALA B H    1 
ATOM   907  H HA   . ALA B 2 23 ? -9.287  -4.742  6.561   1.00 45.13 ? 23 ALA B HA   1 
ATOM   908  H HB1  . ALA B 2 23 ? -7.805  -6.404  6.109   0.00 45.01 ? 23 ALA B HB1  1 
ATOM   909  H HB2  . ALA B 2 23 ? -7.590  -5.906  7.583   0.00 45.01 ? 23 ALA B HB2  1 
ATOM   910  H HB3  . ALA B 2 23 ? -6.598  -5.455  6.449   0.00 45.01 ? 23 ALA B HB3  1 
ATOM   911  N N    . ALA B 2 24 ? -6.834  -2.790  7.134   1.00 46.58 ? 24 ALA B N    1 
ATOM   912  C CA   . ALA B 2 24 ? -6.391  -1.693  7.968   1.00 41.19 ? 24 ALA B CA   1 
ATOM   913  C C    . ALA B 2 24 ? -7.336  -0.515  7.818   1.00 40.80 ? 24 ALA B C    1 
ATOM   914  O O    . ALA B 2 24 ? -8.104  -0.258  8.710   1.00 48.09 ? 24 ALA B O    1 
ATOM   915  C CB   . ALA B 2 24 ? -4.981  -1.302  7.627   1.00 41.81 ? 24 ALA B CB   1 
ATOM   916  H H    . ALA B 2 24 ? -6.268  -3.023  6.511   1.00 45.47 ? 24 ALA B H    1 
ATOM   917  H HA   . ALA B 2 24 ? -6.399  -1.979  8.906   1.00 42.49 ? 24 ALA B HA   1 
ATOM   918  H HB1  . ALA B 2 24 ? -4.390  -2.062  7.737   0.00 44.95 ? 24 ALA B HB1  1 
ATOM   919  H HB2  . ALA B 2 24 ? -4.691  -0.581  8.167   0.00 44.95 ? 24 ALA B HB2  1 
ATOM   920  H HB3  . ALA B 2 24 ? -4.944  -1.036  6.682   0.00 44.95 ? 24 ALA B HB3  1 
ATOM   921  N N    . GLN B 2 25 ? -7.301  0.169   6.682   1.00 46.90 ? 25 GLN B N    1 
ATOM   922  C CA   . GLN B 2 25 ? -8.145  1.346   6.416   1.00 52.99 ? 25 GLN B CA   1 
ATOM   923  C C    . GLN B 2 25 ? -9.565  1.223   6.925   1.00 51.73 ? 25 GLN B C    1 
ATOM   924  O O    . GLN B 2 25 ? -10.095 2.167   7.512   1.00 54.28 ? 25 GLN B O    1 
ATOM   925  C CB   . GLN B 2 25 ? -8.292  1.596   4.910   1.00 59.84 ? 25 GLN B CB   1 
ATOM   926  C CG   . GLN B 2 25 ? -7.354  2.613   4.269   1.00 67.26 ? 25 GLN B CG   1 
ATOM   927  C CD   . GLN B 2 25 ? -7.557  2.713   2.741   1.00 70.97 ? 25 GLN B CD   1 
ATOM   928  O OE1  . GLN B 2 25 ? -8.688  2.621   2.241   1.00 76.03 ? 25 GLN B OE1  1 
ATOM   929  N NE2  . GLN B 2 25 ? -6.458  2.892   2.000   1.00 72.44 ? 25 GLN B NE2  1 
ATOM   930  H H    . GLN B 2 25 ? -6.777  -0.039  6.014   1.00 47.07 ? 25 GLN B H    1 
ATOM   931  H HA   . GLN B 2 25 ? -7.738  2.138   6.823   1.00 53.04 ? 25 GLN B HA   1 
ATOM   932  H HB2  . GLN B 2 25 ? -8.172  0.760   4.443   1.00 60.10 ? 25 GLN B HB2  1 
ATOM   933  H HB3  . GLN B 2 25 ? -9.193  1.916   4.742   1.00 60.10 ? 25 GLN B HB3  1 
ATOM   934  H HG2  . GLN B 2 25 ? -7.522  3.487   4.655   1.00 66.52 ? 25 GLN B HG2  1 
ATOM   935  H HG3  . GLN B 2 25 ? -6.436  2.346   4.434   1.00 66.52 ? 25 GLN B HG3  1 
ATOM   936  H HE21 . GLN B 2 25 ? -5.705  2.972   2.371   0.00 73.20 ? 25 GLN B HE21 1 
ATOM   937  H HE22 . GLN B 2 25 ? -6.547  2.987   1.142   0.00 73.20 ? 25 GLN B HE22 1 
HETATM 938  N N    . B3E B 2 26 ? -10.174 0.055   6.697   1.00 50.43 ? 26 B3E B N    1 
HETATM 939  C CA   . B3E B 2 26 ? -11.551 -0.187  7.141   1.00 48.69 ? 26 B3E B CA   1 
HETATM 940  C CG   . B3E B 2 26 ? -12.537 -0.181  5.972   1.00 51.89 ? 26 B3E B CG   1 
HETATM 941  C CD   . B3E B 2 26 ? -12.654 1.181   5.291   1.00 60.47 ? 26 B3E B CD   1 
HETATM 942  C CE   . B3E B 2 26 ? -12.822 1.040   3.770   1.00 73.92 ? 26 B3E B CE   1 
HETATM 943  O OF2  . B3E B 2 26 ? -11.847 1.226   2.968   1.00 79.86 ? 26 B3E B OF2  1 
HETATM 944  O OF1  . B3E B 2 26 ? -13.969 0.730   3.356   1.00 85.75 ? 26 B3E B OF1  1 
HETATM 945  C CB   . B3E B 2 26 ? -11.651 -1.510  7.915   1.00 50.22 ? 26 B3E B CB   1 
HETATM 946  C C    . B3E B 2 26 ? -11.579 -1.077  9.355   1.00 46.76 ? 26 B3E B C    1 
HETATM 947  O O    . B3E B 2 26 ? -12.598 -0.654  9.897   1.00 49.66 ? 26 B3E B O    1 
HETATM 948  H H    . B3E B 2 26 ? -9.757  -0.575  6.279   1.00 50.50 ? 26 B3E B H    1 
HETATM 949  H HA   . B3E B 2 26 ? -11.865 0.626   7.810   1.00 50.10 ? 26 B3E B HA   1 
HETATM 950  H HG2  . B3E B 2 26 ? -12.221 -0.925  5.237   1.00 53.37 ? 26 B3E B HG2  1 
HETATM 951  H HG3  . B3E B 2 26 ? -13.526 -0.476  6.332   1.00 53.37 ? 26 B3E B HG3  1 
HETATM 952  H HD2  . B3E B 2 26 ? -13.515 1.715   5.697   1.00 61.80 ? 26 B3E B HD2  1 
HETATM 953  H HD3  . B3E B 2 26 ? -11.768 1.783   5.495   1.00 61.80 ? 26 B3E B HD3  1 
HETATM 954  H HB1  . B3E B 2 26 ? -10.829 -2.175  7.652   1.00 49.29 ? 26 B3E B HB1  1 
HETATM 955  H HB2  . B3E B 2 26 ? -12.598 -2.018  7.712   1.00 49.29 ? 26 B3E B HB2  1 
ATOM   956  N N    . GLN B 2 27 ? -10.389 -1.180  9.964   1.00 38.96 ? 27 GLN B N    1 
ATOM   957  C CA   . GLN B 2 27 ? -10.213 -0.787  11.348  1.00 36.55 ? 27 GLN B CA   1 
ATOM   958  C C    . GLN B 2 27 ? -10.239 0.735   11.468  1.00 32.40 ? 27 GLN B C    1 
ATOM   959  O O    . GLN B 2 27 ? -11.150 1.284   12.043  1.00 40.55 ? 27 GLN B O    1 
ATOM   960  C CB   . GLN B 2 27 ? -8.906  -1.298  11.915  1.00 38.23 ? 27 GLN B CB   1 
ATOM   961  C CG   . GLN B 2 27 ? -9.025  -1.573  13.372  1.00 41.19 ? 27 GLN B CG   1 
ATOM   962  C CD   . GLN B 2 27 ? -9.535  -2.964  13.622  1.00 46.05 ? 27 GLN B CD   1 
ATOM   963  O OE1  . GLN B 2 27 ? -8.985  -3.957  13.114  1.00 43.30 ? 27 GLN B OE1  1 
ATOM   964  N NE2  . GLN B 2 27 ? -10.602 -3.053  14.401  1.00 47.43 ? 27 GLN B NE2  1 
ATOM   965  H H    . GLN B 2 27 ? -9.676  -1.476  9.583   1.00 40.43 ? 27 GLN B H    1 
ATOM   966  H HA   . GLN B 2 27 ? -10.951 -1.152  11.882  1.00 36.77 ? 27 GLN B HA   1 
ATOM   967  H HB2  . GLN B 2 27 ? -8.657  -2.118  11.462  1.00 38.78 ? 27 GLN B HB2  1 
ATOM   968  H HB3  . GLN B 2 27 ? -8.209  -0.637  11.795  1.00 38.78 ? 27 GLN B HB3  1 
ATOM   969  H HG2  . GLN B 2 27 ? -8.165  -1.472  13.798  1.00 41.89 ? 27 GLN B HG2  1 
ATOM   970  H HG3  . GLN B 2 27 ? -9.653  -0.947  13.766  1.00 41.89 ? 27 GLN B HG3  1 
ATOM   971  H HE21 . GLN B 2 27 ? -10.966 -2.359  14.732  0.00 49.46 ? 27 GLN B HE21 1 
ATOM   972  H HE22 . GLN B 2 27 ? -10.949 -3.841  14.579  0.00 49.46 ? 27 GLN B HE22 1 
ATOM   973  N N    . GLN B 2 28 ? -9.261  1.427   10.904  1.00 29.46 ? 28 GLN B N    1 
ATOM   974  C CA   . GLN B 2 28 ? -9.113  2.850   11.187  1.00 28.08 ? 28 GLN B CA   1 
ATOM   975  C C    . GLN B 2 28 ? -10.395 3.586   11.108  1.00 27.98 ? 28 GLN B C    1 
ATOM   976  O O    . GLN B 2 28 ? -10.677 4.401   11.952  1.00 39.74 ? 28 GLN B O    1 
ATOM   977  C CB   . GLN B 2 28 ? -8.121  3.556   10.291  1.00 31.46 ? 28 GLN B CB   1 
ATOM   978  C CG   . GLN B 2 28 ? -6.768  3.772   10.959  1.00 39.81 ? 28 GLN B CG   1 
ATOM   979  C CD   . GLN B 2 28 ? -6.820  4.623   12.224  1.00 42.30 ? 28 GLN B CD   1 
ATOM   980  O OE1  . GLN B 2 28 ? -7.388  5.720   12.221  1.00 43.38 ? 28 GLN B OE1  1 
ATOM   981  N NE2  . GLN B 2 28 ? -6.217  4.117   13.317  1.00 39.89 ? 28 GLN B NE2  1 
ATOM   982  H H    . GLN B 2 28 ? -8.677  1.094   10.351  1.00 30.08 ? 28 GLN B H    1 
ATOM   983  H HA   . GLN B 2 28 ? -8.794  2.929   12.112  1.00 29.23 ? 28 GLN B HA   1 
ATOM   984  H HB2  . GLN B 2 28 ? -7.976  3.025   9.492   1.00 32.91 ? 28 GLN B HB2  1 
ATOM   985  H HB3  . GLN B 2 28 ? -8.468  4.427   10.044  1.00 32.91 ? 28 GLN B HB3  1 
ATOM   986  H HG2  . GLN B 2 28 ? -6.394  2.913   11.195  1.00 38.77 ? 28 GLN B HG2  1 
ATOM   987  H HG3  . GLN B 2 28 ? -6.181  4.222   10.331  1.00 38.77 ? 28 GLN B HG3  1 
ATOM   988  H HE21 . GLN B 2 28 ? -5.828  3.362   13.268  0.00 43.62 ? 28 GLN B HE21 1 
ATOM   989  H HE22 . GLN B 2 28 ? -6.221  4.570   14.044  0.00 43.62 ? 28 GLN B HE22 1 
HETATM 990  N N    . B3E B 2 29 ? -11.185 3.336   10.131  1.00 28.66 ? 29 B3E B N    1 
HETATM 991  C CA   . B3E B 2 29 ? -12.410 4.084   10.111  1.00 38.12 ? 29 B3E B CA   1 
HETATM 992  C CG   . B3E B 2 29 ? -12.449 5.029   8.888   1.00 44.34 ? 29 B3E B CG   1 
HETATM 993  C CD   . B3E B 2 29 ? -12.344 4.386   7.507   1.00 46.93 ? 29 B3E B CD   1 
HETATM 994  C CB   . B3E B 2 29 ? -13.576 3.115   10.260  1.00 38.01 ? 29 B3E B CB   1 
HETATM 995  C C    . B3E B 2 29 ? -14.082 2.839   11.680  1.00 38.45 ? 29 B3E B C    1 
HETATM 996  O O    . B3E B 2 29 ? -14.804 3.634   12.254  1.00 36.38 ? 29 B3E B O    1 
HETATM 997  H H    . B3E B 2 29 ? -11.023 2.764   9.508   1.00 30.95 ? 29 B3E B H    1 
HETATM 998  H HA   . B3E B 2 29 ? -12.464 4.752   10.986  1.00 37.69 ? 29 B3E B HA   1 
HETATM 999  H HG2  . B3E B 2 29 ? -13.380 5.600   8.924   1.00 43.73 ? 29 B3E B HG2  1 
HETATM 1000 H HG3  . B3E B 2 29 ? -11.633 5.749   8.988   1.00 43.73 ? 29 B3E B HG3  1 
HETATM 1001 H HD2  . B3E B 2 29 ? -11.455 4.746   6.987   0.00 48.82 ? 29 B3E B HD2  1 
HETATM 1002 H HD3  . B3E B 2 29 ? -12.255 3.284   7.619   0.00 48.82 ? 29 B3E B HD3  1 
HETATM 1003 H HB1  . B3E B 2 29 ? -13.294 2.161   9.803   1.00 38.33 ? 29 B3E B HB1  1 
HETATM 1004 H HB2  . B3E B 2 29 ? -14.412 3.501   9.672   1.00 38.33 ? 29 B3E B HB2  1 
ATOM   1005 N N    . LYS B 2 30 ? -13.680 1.685   12.231  1.00 40.69 ? 30 LYS B N    1 
ATOM   1006 C CA   . LYS B 2 30 ? -14.054 1.238   13.577  1.00 42.36 ? 30 LYS B CA   1 
ATOM   1007 C C    . LYS B 2 30 ? -13.500 2.127   14.663  1.00 40.70 ? 30 LYS B C    1 
ATOM   1008 O O    . LYS B 2 30 ? -14.205 2.522   15.582  1.00 43.15 ? 30 LYS B O    1 
ATOM   1009 C CB   . LYS B 2 30 ? -13.569 -0.207  13.838  1.00 49.55 ? 30 LYS B CB   1 
ATOM   1010 C CG   . LYS B 2 30 ? -14.216 -1.290  12.959  1.00 54.90 ? 30 LYS B CG   1 
ATOM   1011 C CD   . LYS B 2 30 ? -14.536 -2.610  13.710  1.00 60.32 ? 30 LYS B CD   1 
ATOM   1012 C CE   . LYS B 2 30 ? -13.289 -3.434  14.041  1.00 63.03 ? 30 LYS B CE   1 
ATOM   1013 N NZ   . LYS B 2 30 ? -13.551 -4.750  14.744  1.00 66.37 ? 30 LYS B NZ   1 
ATOM   1014 H H    . LYS B 2 30 ? -13.171 1.130   11.819  1.00 40.75 ? 30 LYS B H    1 
ATOM   1015 H HA   . LYS B 2 30 ? -15.030 1.248   13.652  1.00 43.33 ? 30 LYS B HA   1 
ATOM   1016 H HB2  . LYS B 2 30 ? -12.611 -0.243  13.690  1.00 49.44 ? 30 LYS B HB2  1 
ATOM   1017 H HB3  . LYS B 2 30 ? -13.759 -0.429  14.763  1.00 49.44 ? 30 LYS B HB3  1 
ATOM   1018 H HG2  . LYS B 2 30 ? -15.048 -0.944  12.599  1.00 55.22 ? 30 LYS B HG2  1 
ATOM   1019 H HG3  . LYS B 2 30 ? -13.609 -1.505  12.233  1.00 55.22 ? 30 LYS B HG3  1 
ATOM   1020 H HD2  . LYS B 2 30 ? -14.986 -2.400  14.544  1.00 59.96 ? 30 LYS B HD2  1 
ATOM   1021 H HD3  . LYS B 2 30 ? -15.113 -3.157  13.153  1.00 59.96 ? 30 LYS B HD3  1 
ATOM   1022 H HE2  . LYS B 2 30 ? -12.817 -3.627  13.215  1.00 63.41 ? 30 LYS B HE2  1 
ATOM   1023 H HE3  . LYS B 2 30 ? -12.736 -2.898  14.628  1.00 63.41 ? 30 LYS B HE3  1 
ATOM   1024 H HZ1  . LYS B 2 30 ? -13.972 -4.560  15.620  0.00 68.43 ? 30 LYS B HZ1  1 
ATOM   1025 H HZ2  . LYS B 2 30 ? -12.710 -5.184  14.944  0.00 68.43 ? 30 LYS B HZ2  1 
ATOM   1026 H HZ3  . LYS B 2 30 ? -14.106 -5.303  14.251  0.00 68.43 ? 30 LYS B HZ3  1 
ATOM   1027 N N    . ASN B 2 31 ? -12.213 2.405   14.562  1.00 36.06 ? 31 ASN B N    1 
ATOM   1028 C CA   . ASN B 2 31 ? -11.528 3.213   15.526  1.00 25.26 ? 31 ASN B CA   1 
ATOM   1029 C C    . ASN B 2 31 ? -12.034 4.649   15.434  1.00 18.53 ? 31 ASN B C    1 
ATOM   1030 O O    . ASN B 2 31 ? -12.484 5.175   16.394  1.00 19.02 ? 31 ASN B O    1 
ATOM   1031 C CB   . ASN B 2 31 ? -10.019 3.079   15.325  1.00 28.37 ? 31 ASN B CB   1 
ATOM   1032 C CG   . ASN B 2 31 ? -9.513  1.647   15.579  1.00 31.13 ? 31 ASN B CG   1 
ATOM   1033 O OD1  . ASN B 2 31 ? -10.279 0.776   15.965  1.00 31.03 ? 31 ASN B OD1  1 
ATOM   1034 N ND2  . ASN B 2 31 ? -8.218  1.414   15.362  1.00 35.43 ? 31 ASN B ND2  1 
ATOM   1035 H H    . ASN B 2 31 ? -11.708 2.121   13.908  1.00 34.91 ? 31 ASN B H    1 
ATOM   1036 H HA   . ASN B 2 31 ? -11.734 2.879   16.427  1.00 26.94 ? 31 ASN B HA   1 
ATOM   1037 H HB2  . ASN B 2 31 ? -9.798  3.318   14.411  1.00 28.68 ? 31 ASN B HB2  1 
ATOM   1038 H HB3  . ASN B 2 31 ? -9.563  3.673   15.943  1.00 28.68 ? 31 ASN B HB3  1 
ATOM   1039 H HD21 . ASN B 2 31 ? -7.656  2.116   14.920  0.00 40.32 ? 31 ASN B HD21 1 
ATOM   1040 H HD22 . ASN B 2 31 ? -7.855  0.504   15.408  0.00 40.32 ? 31 ASN B HD22 1 
ATOM   1041 N N    . GLU B 2 32 ? -12.031 5.272   14.277  1.00 26.43 ? 32 GLU B N    1 
ATOM   1042 C CA   . GLU B 2 32 ? -12.442 6.682   14.200  1.00 38.60 ? 32 GLU B CA   1 
ATOM   1043 C C    . GLU B 2 32 ? -13.895 6.857   14.586  1.00 37.71 ? 32 GLU B C    1 
ATOM   1044 O O    . GLU B 2 32 ? -14.280 7.947   14.996  1.00 47.72 ? 32 GLU B O    1 
ATOM   1045 C CB   . GLU B 2 32 ? -12.213 7.308   12.810  1.00 51.01 ? 32 GLU B CB   1 
ATOM   1046 C CG   . GLU B 2 32 ? -11.659 8.763   12.837  1.00 55.26 ? 32 GLU B CG   1 
ATOM   1047 C CD   . GLU B 2 32 ? -10.142 8.846   12.579  1.00 60.95 ? 32 GLU B CD   1 
ATOM   1048 O OE1  . GLU B 2 32 ? -9.519  7.797   12.293  1.00 61.20 ? 32 GLU B OE1  1 
ATOM   1049 O OE2  . GLU B 2 32 ? -9.569  9.963   12.656  1.00 64.51 ? 32 GLU B OE2  1 
ATOM   1050 H H    . GLU B 2 32 ? -11.804 4.907   13.520  1.00 27.63 ? 32 GLU B H    1 
ATOM   1051 H HA   . GLU B 2 32 ? -11.906 7.193   14.844  1.00 38.69 ? 32 GLU B HA   1 
ATOM   1052 H HB2  . GLU B 2 32 ? -11.594 6.756   12.312  1.00 49.35 ? 32 GLU B HB2  1 
ATOM   1053 H HB3  . GLU B 2 32 ? -13.060 7.334   12.338  1.00 49.35 ? 32 GLU B HB3  1 
ATOM   1054 H HG2  . GLU B 2 32 ? -12.105 9.279   12.146  1.00 55.84 ? 32 GLU B HG2  1 
ATOM   1055 H HG3  . GLU B 2 32 ? -11.837 9.157   13.705  1.00 55.84 ? 32 GLU B HG3  1 
HETATM 1056 N N    . XCP B 2 33 ? -14.703 5.796   14.457  1.00 38.46 ? 33 XCP B N    1 
HETATM 1057 C CB   . XCP B 2 33 ? -16.146 5.890   14.817  1.00 36.68 ? 33 XCP B CB   1 
HETATM 1058 C CG   . XCP B 2 33 ? -17.019 6.260   13.622  1.00 37.52 ? 33 XCP B CG   1 
HETATM 1059 C CD   . XCP B 2 33 ? -18.440 5.978   14.123  1.00 40.14 ? 33 XCP B CD   1 
HETATM 1060 C CE   . XCP B 2 33 ? -18.311 4.692   14.969  1.00 38.08 ? 33 XCP B CE   1 
HETATM 1061 C CA   . XCP B 2 33 ? -16.832 4.607   15.416  1.00 36.12 ? 33 XCP B CA   1 
HETATM 1062 C C    . XCP B 2 33 ? -16.618 4.560   16.944  1.00 28.31 ? 33 XCP B C    1 
HETATM 1063 O O    . XCP B 2 33 ? -17.364 5.174   17.693  1.00 24.39 ? 33 XCP B O    1 
HETATM 1064 H H2   . XCP B 2 33 ? -14.402 5.042   14.166  1.00 38.14 ? 33 XCP B H2   1 
HETATM 1065 H HB   . XCP B 2 33 ? -16.248 6.602   15.484  1.00 37.33 ? 33 XCP B HB   1 
HETATM 1066 H HG   . XCP B 2 33 ? -16.808 5.696   12.849  1.00 38.24 ? 33 XCP B HG   1 
HETATM 1067 H HGA  . XCP B 2 33 ? -16.914 7.209   13.397  1.00 38.24 ? 33 XCP B HGA  1 
HETATM 1068 H HD   . XCP B 2 33 ? -19.047 5.831   13.366  1.00 39.36 ? 33 XCP B HD   1 
HETATM 1069 H HDA  . XCP B 2 33 ? -18.759 6.721   14.677  1.00 39.36 ? 33 XCP B HDA  1 
HETATM 1070 H HE   . XCP B 2 33 ? -18.907 4.741   15.747  1.00 38.38 ? 33 XCP B HE   1 
HETATM 1071 H HEA  . XCP B 2 33 ? -18.539 3.912   14.423  1.00 38.38 ? 33 XCP B HEA  1 
HETATM 1072 H HA   . XCP B 2 33 ? -16.428 3.812   15.012  1.00 35.36 ? 33 XCP B HA   1 
ATOM   1073 N N    . ALA B 2 34 ? -15.588 3.819   17.385  1.00 21.77 ? 34 ALA B N    1 
ATOM   1074 C CA   . ALA B 2 34 ? -15.279 3.693   18.803  1.00 14.21 ? 34 ALA B CA   1 
ATOM   1075 C C    . ALA B 2 34 ? -14.966 5.085   19.349  1.00 15.52 ? 34 ALA B C    1 
ATOM   1076 O O    . ALA B 2 34 ? -15.401 5.404   20.422  1.00 30.92 ? 34 ALA B O    1 
ATOM   1077 C CB   . ALA B 2 34 ? -14.119 2.764   19.034  1.00 5.24  ? 34 ALA B CB   1 
ATOM   1078 H H    . ALA B 2 34 ? -15.055 3.382   16.868  1.00 21.81 ? 34 ALA B H    1 
ATOM   1079 H HA   . ALA B 2 34 ? -16.059 3.337   19.277  1.00 14.56 ? 34 ALA B HA   1 
ATOM   1080 H HB1  . ALA B 2 34 ? -14.327 1.892   18.670  0.00 11.70 ? 34 ALA B HB1  1 
ATOM   1081 H HB2  . ALA B 2 34 ? -13.928 2.696   19.959  0.00 11.70 ? 34 ALA B HB2  1 
ATOM   1082 H HB3  . ALA B 2 34 ? -13.337 3.109   18.561  0.00 11.70 ? 34 ALA B HB3  1 
ATOM   1083 N N    . LEU B 2 35 ? -14.251 5.923   18.606  1.00 21.20 ? 35 LEU B N    1 
ATOM   1084 C CA   . LEU B 2 35 ? -13.882 7.277   19.055  1.00 23.56 ? 35 LEU B CA   1 
ATOM   1085 C C    . LEU B 2 35 ? -15.078 8.184   19.076  1.00 25.72 ? 35 LEU B C    1 
ATOM   1086 O O    . LEU B 2 35 ? -15.473 8.652   20.112  1.00 36.27 ? 35 LEU B O    1 
ATOM   1087 C CB   . LEU B 2 35 ? -12.816 7.901   18.151  1.00 29.22 ? 35 LEU B CB   1 
ATOM   1088 C CG   . LEU B 2 35 ? -11.862 8.911   18.786  1.00 30.00 ? 35 LEU B CG   1 
ATOM   1089 C CD1  . LEU B 2 35 ? -11.041 8.180   19.863  1.00 31.44 ? 35 LEU B CD1  1 
ATOM   1090 C CD2  . LEU B 2 35 ? -10.960 9.597   17.732  1.00 19.88 ? 35 LEU B CD2  1 
ATOM   1091 H H    . LEU B 2 35 ? -13.958 5.726   17.807  1.00 20.75 ? 35 LEU B H    1 
ATOM   1092 H HA   . LEU B 2 35 ? -13.524 7.225   19.966  1.00 24.89 ? 35 LEU B HA   1 
ATOM   1093 H HB2  . LEU B 2 35 ? -12.257 7.188   17.806  1.00 28.40 ? 35 LEU B HB2  1 
ATOM   1094 H HB3  . LEU B 2 35 ? -13.241 8.351   17.406  1.00 28.40 ? 35 LEU B HB3  1 
ATOM   1095 H HG   . LEU B 2 35 ? -12.382 9.603   19.223  1.00 28.46 ? 35 LEU B HG   1 
ATOM   1096 H HD11 . LEU B 2 35 ? -10.459 8.818   20.303  0.00 34.53 ? 35 LEU B HD11 1 
ATOM   1097 H HD12 . LEU B 2 35 ? -10.575 7.457   19.523  0.00 34.53 ? 35 LEU B HD12 1 
ATOM   1098 H HD13 . LEU B 2 35 ? -11.683 7.867   20.562  0.00 34.53 ? 35 LEU B HD13 1 
ATOM   1099 H HD21 . LEU B 2 35 ? -10.412 8.858   17.284  0.00 23.06 ? 35 LEU B HD21 1 
ATOM   1100 H HD22 . LEU B 2 35 ? -10.332 10.167  18.148  0.00 23.06 ? 35 LEU B HD22 1 
ATOM   1101 H HD23 . LEU B 2 35 ? -11.461 10.008  17.064  0.00 23.06 ? 35 LEU B HD23 1 
HETATM 1102 N N    . XPC B 2 36 ? -15.655 8.433   17.942  1.00 32.14 ? 36 XPC B N    1 
HETATM 1103 C CB   . XPC B 2 36 ? -16.819 9.308   17.911  1.00 46.10 ? 36 XPC B CB   1 
HETATM 1104 C CG   . XPC B 2 36 ? -17.020 9.947   16.528  1.00 53.00 ? 36 XPC B CG   1 
HETATM 1105 N ND   . XPC B 2 36 ? -18.527 9.846   16.194  1.00 55.76 ? 36 XPC B ND   1 
HETATM 1106 C CE   . XPC B 2 36 ? -19.221 9.156   17.388  1.00 54.90 ? 36 XPC B CE   1 
HETATM 1107 C CA   . XPC B 2 36 ? -18.104 8.480   18.220  1.00 52.13 ? 36 XPC B CA   1 
HETATM 1108 C C    . XPC B 2 36 ? -18.463 8.384   19.712  1.00 54.77 ? 36 XPC B C    1 
HETATM 1109 O O    . XPC B 2 36 ? -18.812 9.387   20.316  1.00 58.29 ? 36 XPC B O    1 
HETATM 1110 H H2   . XPC B 2 36 ? -15.368 8.097   17.205  1.00 34.17 ? 36 XPC B H2   1 
HETATM 1111 H HB   . XPC B 2 36 ? -16.725 10.023  18.574  1.00 46.15 ? 36 XPC B HB   1 
HETATM 1112 H HG   . XPC B 2 36 ? -16.499 9.468   15.850  1.00 52.32 ? 36 XPC B HG   1 
HETATM 1113 H HGA  . XPC B 2 36 ? -16.747 10.888  16.553  1.00 52.32 ? 36 XPC B HGA  1 
HETATM 1114 H HND  . XPC B 2 36 ? -18.898 10.745  16.066  1.00 55.18 ? 36 XPC B HND  1 
HETATM 1115 H HE   . XPC B 2 36 ? -19.853 8.482   17.063  1.00 54.71 ? 36 XPC B HE   1 
HETATM 1116 H HEA  . XPC B 2 36 ? -19.693 9.824   17.926  1.00 54.71 ? 36 XPC B HEA  1 
HETATM 1117 H HA   . XPC B 2 36 ? -17.977 7.575   17.872  1.00 52.23 ? 36 XPC B HA   1 
HETATM 1118 H HD1  . XPC B 2 36 ? -18.653 9.315   15.380  1.00 55.18 ? 36 XPC B HD1  1 
ATOM   1119 N N    . GLU B 2 37 ? -18.374 7.177   20.297  1.00 54.28 ? 37 GLU B N    1 
ATOM   1120 C CA   . GLU B 2 37 ? -18.694 6.965   21.730  1.00 50.65 ? 37 GLU B CA   1 
ATOM   1121 C C    . GLU B 2 37 ? -17.838 7.806   22.679  1.00 48.22 ? 37 GLU B C    1 
ATOM   1122 O O    . GLU B 2 37 ? -18.338 8.706   23.360  1.00 45.26 ? 37 GLU B O    1 
ATOM   1123 C CB   . GLU B 2 37 ? -18.543 5.487   22.126  1.00 52.50 ? 37 GLU B CB   1 
ATOM   1124 C CG   . GLU B 2 37 ? -19.281 4.481   21.256  1.00 53.69 ? 37 GLU B CG   1 
ATOM   1125 C CD   . GLU B 2 37 ? -20.766 4.730   21.162  1.00 55.81 ? 37 GLU B CD   1 
ATOM   1126 O OE1  . GLU B 2 37 ? -21.407 5.036   22.193  1.00 57.61 ? 37 GLU B OE1  1 
ATOM   1127 O OE2  . GLU B 2 37 ? -21.294 4.594   20.040  1.00 59.42 ? 37 GLU B OE2  1 
ATOM   1128 H H    . GLU B 2 37 ? -18.130 6.465   19.881  1.00 53.78 ? 37 GLU B H    1 
ATOM   1129 H HA   . GLU B 2 37 ? -19.629 7.221   21.880  1.00 51.49 ? 37 GLU B HA   1 
ATOM   1130 H HB2  . GLU B 2 37 ? -17.607 5.246   22.082  1.00 52.67 ? 37 GLU B HB2  1 
ATOM   1131 H HB3  . GLU B 2 37 ? -18.862 5.377   23.034  1.00 52.67 ? 37 GLU B HB3  1 
ATOM   1132 H HG2  . GLU B 2 37 ? -18.915 4.498   20.361  1.00 54.22 ? 37 GLU B HG2  1 
ATOM   1133 H HG3  . GLU B 2 37 ? -19.163 3.601   21.638  1.00 54.22 ? 37 GLU B HG3  1 
ATOM   1134 N N    . LEU B 2 38 ? -16.541 7.505   22.687  1.00 46.98 ? 38 LEU B N    1 
ATOM   1135 C CA   . LEU B 2 38 ? -15.579 8.082   23.633  1.00 42.37 ? 38 LEU B CA   1 
ATOM   1136 C C    . LEU B 2 38 ? -15.031 9.431   23.115  1.00 45.36 ? 38 LEU B C    1 
ATOM   1137 O O    . LEU B 2 38 ? -15.774 10.296  22.626  1.00 44.83 ? 38 LEU B O    1 
ATOM   1138 C CB   . LEU B 2 38 ? -14.416 7.097   23.905  1.00 34.01 ? 38 LEU B CB   1 
ATOM   1139 C CG   . LEU B 2 38 ? -14.654 5.592   23.742  1.00 27.63 ? 38 LEU B CG   1 
ATOM   1140 C CD1  . LEU B 2 38 ? -13.550 4.768   24.383  1.00 27.97 ? 38 LEU B CD1  1 
ATOM   1141 C CD2  . LEU B 2 38 ? -15.981 5.212   24.311  1.00 25.97 ? 38 LEU B CD2  1 
ATOM   1142 H H    . LEU B 2 38 ? -16.174 6.961   22.108  1.00 46.57 ? 38 LEU B H    1 
ATOM   1143 H HA   . LEU B 2 38 ? -16.028 8.250   24.487  1.00 42.63 ? 38 LEU B HA   1 
ATOM   1144 H HB2  . LEU B 2 38 ? -13.688 7.322   23.303  1.00 34.97 ? 38 LEU B HB2  1 
ATOM   1145 H HB3  . LEU B 2 38 ? -14.120 7.236   24.817  1.00 34.97 ? 38 LEU B HB3  1 
ATOM   1146 H HG   . LEU B 2 38 ? -14.669 5.377   22.799  1.00 29.00 ? 38 LEU B HG   1 
ATOM   1147 H HD11 . LEU B 2 38 ? -13.717 3.831   24.246  0.00 34.63 ? 38 LEU B HD11 1 
ATOM   1148 H HD12 . LEU B 2 38 ? -13.450 4.973   25.295  0.00 34.63 ? 38 LEU B HD12 1 
ATOM   1149 H HD13 . LEU B 2 38 ? -12.706 4.985   23.908  0.00 34.63 ? 38 LEU B HD13 1 
ATOM   1150 H HD21 . LEU B 2 38 ? -15.953 5.433   25.318  0.00 34.14 ? 38 LEU B HD21 1 
ATOM   1151 H HD22 . LEU B 2 38 ? -16.106 4.257   24.287  0.00 34.14 ? 38 LEU B HD22 1 
ATOM   1152 H HD23 . LEU B 2 38 ? -16.680 5.681   23.945  0.00 34.14 ? 38 LEU B HD23 1 
HETATM 1153 C C    . ACE C 3 .  ? -7.276  9.130   21.308  1.00 38.94 ? 0  ACE A C    1 
HETATM 1154 O O    . ACE C 3 .  ? -6.834  8.435   20.380  1.00 37.23 ? 0  ACE A O    1 
HETATM 1155 C CH3  . ACE C 3 .  ? -7.325  8.659   22.740  1.00 28.47 ? 0  ACE A CH3  1 
HETATM 1156 H H1   . ACE C 3 .  ? -6.555  7.818   22.833  0.00 28.26 ? 0  ACE A H1   1 
HETATM 1157 H H2   . ACE C 3 .  ? -8.231  8.378   23.054  0.00 2.00  ? 0  ACE A H2   1 
HETATM 1158 H H3   . ACE C 3 .  ? -6.873  9.480   23.385  0.00 2.00  ? 0  ACE A H3   1 
HETATM 1159 C C1   . GOL D 4 .  ? -2.484  15.189  9.175   1.00 68.99 ? 37 GOL A C1   1 
HETATM 1160 O O1   . GOL D 4 .  ? -1.258  14.912  8.480   1.00 68.55 ? 37 GOL A O1   1 
HETATM 1161 C C2   . GOL D 4 .  ? -3.496  16.165  8.506   1.00 64.82 ? 37 GOL A C2   1 
HETATM 1162 O O2   . GOL D 4 .  ? -4.793  15.927  8.987   1.00 68.57 ? 37 GOL A O2   1 
HETATM 1163 C C3   . GOL D 4 .  ? -3.554  16.070  6.990   1.00 61.70 ? 37 GOL A C3   1 
HETATM 1164 O O3   . GOL D 4 .  ? -4.765  16.482  6.389   1.00 56.39 ? 37 GOL A O3   1 
HETATM 1165 H H11  . GOL D 4 .  ? -2.992  14.243  9.365   1.00 68.03 ? 37 GOL A H11  1 
HETATM 1166 H H12  . GOL D 4 .  ? -2.222  15.598  10.152  1.00 68.03 ? 37 GOL A H12  1 
HETATM 1167 H HO1  . GOL D 4 .  ? -0.681  14.348  9.032   0.00 68.39 ? 37 GOL A HO1  1 
HETATM 1168 H H2   . GOL D 4 .  ? -3.202  17.181  8.766   1.00 65.82 ? 37 GOL A H2   1 
HETATM 1169 H HO2  . GOL D 4 .  ? -5.405  16.603  8.580   0.00 68.24 ? 37 GOL A HO2  1 
HETATM 1170 H H31  . GOL D 4 .  ? -2.751  16.697  6.605   1.00 61.33 ? 37 GOL A H31  1 
HETATM 1171 H H32  . GOL D 4 .  ? -3.350  15.036  6.719   1.00 61.33 ? 37 GOL A H32  1 
HETATM 1172 H HO3  . GOL D 4 .  ? -5.389  16.804  7.074   1.00 58.14 ? 37 GOL A HO3  1 
HETATM 1173 C C1   . GOL E 4 .  ? -3.424  3.996   -1.517  1.00 87.17 ? 38 GOL A C1   1 
HETATM 1174 O O1   . GOL E 4 .  ? -4.340  5.072   -1.323  1.00 82.84 ? 38 GOL A O1   1 
HETATM 1175 C C2   . GOL E 4 .  ? -2.624  4.098   -2.835  1.00 85.60 ? 38 GOL A C2   1 
HETATM 1176 O O2   . GOL E 4 .  ? -1.727  5.196   -2.840  1.00 86.41 ? 38 GOL A O2   1 
HETATM 1177 C C3   . GOL E 4 .  ? -1.842  2.802   -3.097  1.00 82.12 ? 38 GOL A C3   1 
HETATM 1178 O O3   . GOL E 4 .  ? -1.440  2.664   -4.457  1.00 77.83 ? 38 GOL A O3   1 
HETATM 1179 H H11  . GOL E 4 .  ? -2.729  3.954   -0.682  1.00 85.83 ? 38 GOL A H11  1 
HETATM 1180 H H12  . GOL E 4 .  ? -3.985  3.061   -1.516  1.00 85.83 ? 38 GOL A H12  1 
HETATM 1181 H HO1  . GOL E 4 .  ? -4.844  4.903   -0.489  0.00 81.74 ? 38 GOL A HO1  1 
HETATM 1182 H H2   . GOL E 4 .  ? -3.342  4.228   -3.643  1.00 85.40 ? 38 GOL A H2   1 
HETATM 1183 H HO2  . GOL E 4 .  ? -1.027  5.069   -2.139  0.00 85.86 ? 38 GOL A HO2  1 
HETATM 1184 H H31  . GOL E 4 .  ? -0.964  2.790   -2.457  1.00 81.91 ? 38 GOL A H31  1 
HETATM 1185 H H32  . GOL E 4 .  ? -2.462  1.948   -2.825  1.00 81.91 ? 38 GOL A H32  1 
HETATM 1186 H HO3  . GOL E 4 .  ? -1.661  3.476   -4.965  1.00 79.11 ? 38 GOL A HO3  1 
HETATM 1187 C C1   . GOL F 4 .  ? -13.182 -4.378  -1.095  1.00 89.38 ? 39 GOL B C1   1 
HETATM 1188 O O1   . GOL F 4 .  ? -13.154 -3.011  -1.502  1.00 90.31 ? 39 GOL B O1   1 
HETATM 1189 C C2   . GOL F 4 .  ? -12.201 -4.718  0.040   1.00 82.49 ? 39 GOL B C2   1 
HETATM 1190 O O2   . GOL F 4 .  ? -12.713 -5.791  0.801   1.00 80.46 ? 39 GOL B O2   1 
HETATM 1191 C C3   . GOL F 4 .  ? -10.823 -5.127  -0.487  1.00 80.03 ? 39 GOL B C3   1 
HETATM 1192 O O3   . GOL F 4 .  ? -10.371 -4.327  -1.568  1.00 74.44 ? 39 GOL B O3   1 
HETATM 1193 H H11  . GOL F 4 .  ? -14.192 -4.631  -0.772  1.00 88.14 ? 39 GOL B H11  1 
HETATM 1194 H H12  . GOL F 4 .  ? -12.951 -5.001  -1.960  1.00 88.14 ? 39 GOL B H12  1 
HETATM 1195 H HO1  . GOL F 4 .  ? -13.757 -2.882  -2.227  0.00 91.63 ? 39 GOL B HO1  1 
HETATM 1196 H H2   . GOL F 4 .  ? -12.090 -3.838  0.673   1.00 83.02 ? 39 GOL B H2   1 
HETATM 1197 H HO2  . GOL F 4 .  ? -12.752 -6.611  0.236   0.00 80.54 ? 39 GOL B HO2  1 
HETATM 1198 H H31  . GOL F 4 .  ? -10.097 -5.059  0.326   1.00 79.39 ? 39 GOL B H31  1 
HETATM 1199 H H32  . GOL F 4 .  ? -10.851 -6.169  -0.804  1.00 79.39 ? 39 GOL B H32  1 
HETATM 1200 H HO3  . GOL F 4 .  ? -10.993 -3.589  -1.751  1.00 76.18 ? 39 GOL B HO3  1 
HETATM 1201 C C1   . GOL G 4 .  ? 1.998   -15.059 -3.667  1.00 84.24 ? 40 GOL B C1   1 
HETATM 1202 O O1   . GOL G 4 .  ? 1.483   -14.421 -4.806  1.00 85.72 ? 40 GOL B O1   1 
HETATM 1203 C C2   . GOL G 4 .  ? 1.316   -14.495 -2.428  1.00 83.76 ? 40 GOL B C2   1 
HETATM 1204 O O2   . GOL G 4 .  ? 1.073   -13.108 -2.602  1.00 77.13 ? 40 GOL B O2   1 
HETATM 1205 C C3   . GOL G 4 .  ? 2.206   -14.790 -1.218  1.00 87.08 ? 40 GOL B C3   1 
HETATM 1206 O O3   . GOL G 4 .  ? 1.690   -14.259 -0.011  1.00 91.23 ? 40 GOL B O3   1 
HETATM 1207 H H11  . GOL G 4 .  ? 1.816   -16.132 -3.732  1.00 84.55 ? 40 GOL B H11  1 
HETATM 1208 H H12  . GOL G 4 .  ? 3.074   -14.898 -3.615  1.00 84.55 ? 40 GOL B H12  1 
HETATM 1209 H HO1  . GOL G 4 .  ? 1.969   -14.725 -5.614  0.00 85.07 ? 40 GOL B HO1  1 
HETATM 1210 H H2   . GOL G 4 .  ? 0.369   -15.016 -2.292  1.00 83.30 ? 40 GOL B H2   1 
HETATM 1211 H HO2  . GOL G 4 .  ? 0.596   -12.773 -1.799  0.00 76.16 ? 40 GOL B HO2  1 
HETATM 1212 H H31  . GOL G 4 .  ? 2.317   -15.869 -1.114  1.00 87.38 ? 40 GOL B H31  1 
HETATM 1213 H H32  . GOL G 4 .  ? 3.197   -14.375 -1.396  1.00 87.38 ? 40 GOL B H32  1 
HETATM 1214 H HO3  . GOL G 4 .  ? 0.825   -13.830 -0.174  1.00 90.05 ? 40 GOL B HO3  1 
HETATM 1215 O O    . HOH H 5 .  ? 0.250   2.496   -6.479  1.00 52.98 ? 39 HOH A O    1 
HETATM 1216 H H1   . HOH H 5 .  ? 1.141   2.527   -6.026  0.00 53.77 ? 39 HOH A H1   1 
HETATM 1217 H H2   . HOH H 5 .  ? 0.091   3.466   -6.724  0.00 53.77 ? 39 HOH A H2   1 
HETATM 1218 O O    . HOH H 5 .  ? -6.113  12.408  10.725  1.00 38.82 ? 40 HOH A O    1 
HETATM 1219 H H1   . HOH H 5 .  ? -5.283  12.354  11.271  0.00 44.38 ? 40 HOH A H1   1 
HETATM 1220 H H2   . HOH H 5 .  ? -6.334  13.294  10.572  0.00 44.38 ? 40 HOH A H2   1 
HETATM 1221 O O    . HOH H 5 .  ? -9.558  11.824  22.970  0.50 2.00  ? 41 HOH A O    1 
HETATM 1222 H H1   . HOH H 5 .  ? -8.658  11.727  23.345  0.00 2.00  ? 41 HOH A H1   1 
HETATM 1223 H H2   . HOH H 5 .  ? -9.710  12.667  22.646  0.00 2.00  ? 41 HOH A H2   1 
HETATM 1224 O O    . HOH I 5 .  ? 2.052   -16.303 -10.261 1.00 38.94 ? 41 HOH B O    1 
HETATM 1225 H H1   . HOH I 5 .  ? 2.921   -16.276 -9.754  0.00 42.34 ? 41 HOH B H1   1 
HETATM 1226 H H2   . HOH I 5 .  ? 1.870   -15.336 -10.452 0.00 42.34 ? 41 HOH B H2   1 
HETATM 1227 O O    . HOH I 5 .  ? 16.428  -14.066 -14.755 1.00 67.02 ? 42 HOH B O    1 
HETATM 1228 H H1   . HOH I 5 .  ? 17.232  -14.145 -14.171 0.00 70.55 ? 42 HOH B H1   1 
HETATM 1229 H H2   . HOH I 5 .  ? 16.181  -13.204 -14.869 0.00 70.55 ? 42 HOH B H2   1 
HETATM 1230 O O    . HOH I 5 .  ? -9.735  -5.585  -4.437  1.00 47.23 ? 43 HOH B O    1 
HETATM 1231 H H1   . HOH I 5 .  ? -8.883  -5.585  -3.922  0.00 47.83 ? 43 HOH B H1   1 
HETATM 1232 H H2   . HOH I 5 .  ? -9.933  -4.645  -4.620  0.00 47.83 ? 43 HOH B H2   1 
HETATM 1233 O O    . HOH I 5 .  ? -22.387 4.705   14.769  1.00 46.96 ? 44 HOH B O    1 
HETATM 1234 H H1   . HOH I 5 .  ? -21.468 4.682   15.280  0.00 52.14 ? 44 HOH B H1   1 
HETATM 1235 H H2   . HOH I 5 .  ? -22.519 5.622   14.581  0.00 52.14 ? 44 HOH B H2   1 
HETATM 1236 O O    . HOH I 5 .  ? 3.458   -6.821  -20.797 1.00 53.26 ? 45 HOH B O    1 
HETATM 1237 H H1   . HOH I 5 .  ? 2.966   -7.695  -20.984 0.00 57.37 ? 45 HOH B H1   1 
HETATM 1238 H H2   . HOH I 5 .  ? 2.874   -6.136  -21.174 0.00 57.37 ? 45 HOH B H2   1 
HETATM 1239 O O    . HOH I 5 .  ? -10.810 -6.328  9.187   1.00 35.11 ? 46 HOH B O    1 
HETATM 1240 H H1   . HOH I 5 .  ? -9.950  -6.309  9.694   0.00 38.86 ? 46 HOH B H1   1 
HETATM 1241 H H2   . HOH I 5 .  ? -11.001 -5.369  8.995   0.00 38.86 ? 46 HOH B H2   1 
HETATM 1242 O O    . HOH I 5 .  ? -9.235  -8.076  13.033  1.00 55.13 ? 47 HOH B O    1 
HETATM 1243 H H1   . HOH I 5 .  ? -8.376  -8.054  13.522  0.00 56.87 ? 47 HOH B H1   1 
HETATM 1244 H H2   . HOH I 5 .  ? -9.426  -7.114  12.823  0.00 56.87 ? 47 HOH B H2   1 
HETATM 1245 O O    . HOH I 5 .  ? -7.221  -2.737  -3.695  1.00 49.02 ? 48 HOH B O    1 
HETATM 1246 H H1   . HOH I 5 .  ? -6.358  -2.770  -3.187  0.00 49.65 ? 48 HOH B H1   1 
HETATM 1247 H H2   . HOH I 5 .  ? -7.409  -1.830  -3.885  0.00 49.65 ? 48 HOH B H2   1 
HETATM 1248 O O    . HOH I 5 .  ? -6.634  -3.387  -8.739  1.00 53.41 ? 49 HOH B O    1 
HETATM 1249 H H1   . HOH I 5 .  ? -7.092  -4.226  -8.904  0.00 49.12 ? 49 HOH B H1   1 
HETATM 1250 H H2   . HOH I 5 .  ? -7.185  -2.667  -9.094  0.00 49.12 ? 49 HOH B H2   1 
# 
loop_
_pdbx_poly_seq_scheme.asym_id 
_pdbx_poly_seq_scheme.entity_id 
_pdbx_poly_seq_scheme.seq_id 
_pdbx_poly_seq_scheme.mon_id 
_pdbx_poly_seq_scheme.ndb_seq_num 
_pdbx_poly_seq_scheme.pdb_seq_num 
_pdbx_poly_seq_scheme.auth_seq_num 
_pdbx_poly_seq_scheme.pdb_mon_id 
_pdbx_poly_seq_scheme.auth_mon_id 
_pdbx_poly_seq_scheme.pdb_strand_id 
_pdbx_poly_seq_scheme.pdb_ins_code 
_pdbx_poly_seq_scheme.hetero 
A 1 1  SER 1  1  1  SER SER A . n 
A 1 2  GLY 2  2  2  GLY GLY A . n 
A 1 3  ILE 3  3  3  ILE ILE A . n 
A 1 4  VAL 4  4  4  VAL VAL A . n 
A 1 5  GLN 5  5  5  GLN GLN A . n 
A 1 6  GLN 6  6  6  GLN GLN A . n 
A 1 7  GLN 7  7  7  GLN GLN A . n 
A 1 8  ASN 8  8  8  ASN ASN A . n 
A 1 9  ASN 9  9  9  ASN ASN A . n 
A 1 10 LEU 10 10 10 LEU LEU A . n 
A 1 11 LEU 11 11 11 LEU LEU A . n 
A 1 12 ARG 12 12 12 ARG ARG A . n 
A 1 13 ALA 13 13 13 ALA ALA A . n 
A 1 14 ILE 14 14 14 ILE ILE A . n 
A 1 15 GLU 15 15 15 GLU GLU A . n 
A 1 16 ALA 16 16 16 ALA ALA A . n 
A 1 17 GLN 17 17 17 GLN GLN A . n 
A 1 18 GLN 18 18 18 GLN GLN A . n 
A 1 19 HIS 19 19 19 HIS HIS A . n 
A 1 20 LEU 20 20 20 LEU LEU A . n 
A 1 21 LEU 21 21 21 LEU LEU A . n 
A 1 22 GLN 22 22 22 GLN GLN A . n 
A 1 23 LEU 23 23 23 LEU LEU A . n 
A 1 24 THR 24 24 24 THR THR A . n 
A 1 25 VAL 25 25 25 VAL VAL A . n 
A 1 26 TRP 26 26 26 TRP TRP A . n 
A 1 27 GLY 27 27 27 GLY GLY A . n 
A 1 28 ILE 28 28 28 ILE ILE A . n 
A 1 29 LYS 29 29 29 LYS LYS A . n 
A 1 30 GLN 30 30 30 GLN GLN A . n 
A 1 31 LEU 31 31 31 LEU LEU A . n 
A 1 32 GLN 32 32 32 GLN GLN A . n 
A 1 33 ALA 33 33 33 ALA ALA A . n 
A 1 34 ARG 34 34 34 ARG ARG A . n 
A 1 35 ILE 35 35 35 ILE ILE A . n 
A 1 36 LEU 36 36 36 LEU LEU A . n 
B 2 1  THR 1  1  ?  ?   ?   B . n 
B 2 2  THR 2  2  2  THR THR B . n 
B 2 3  TRP 3  3  3  TRP TRP B . n 
B 2 4  GLU 4  4  4  GLU GLU B . n 
B 2 5  ALA 5  5  5  ALA ALA B . n 
B 2 6  TRP 6  6  6  TRP TRP B . n 
B 2 7  ASP 7  7  7  ASP ASP B . n 
B 2 8  ARG 8  8  8  ARG ARG B . n 
B 2 9  ALA 9  9  9  ALA ALA B . n 
B 2 10 ILE 10 10 10 ILE ILE B . n 
B 2 11 ALA 11 11 11 ALA ALA B . n 
B 2 12 GLU 12 12 12 GLU GLU B . n 
B 2 13 TYR 13 13 13 TYR TYR B . n 
B 2 14 ALA 14 14 14 ALA ALA B . n 
B 2 15 XCP 15 15 15 XCP XCP B . n 
B 2 16 ARG 16 16 16 ARG ARG B . n 
B 2 17 ILE 17 17 17 ILE ILE B . n 
B 2 18 GLU 18 18 18 GLU GLU B . n 
B 2 19 XCP 19 19 19 XCP XCP B . n 
B 2 20 LEU 20 20 20 LEU LEU B . n 
B 2 21 ILE 21 21 21 ILE ILE B . n 
B 2 22 XPC 22 22 22 XPC XPC B . n 
B 2 23 ALA 23 23 23 ALA ALA B . n 
B 2 24 ALA 24 24 24 ALA ALA B . n 
B 2 25 GLN 25 25 25 GLN GLN B . n 
B 2 26 B3E 26 26 26 B3E B3E B . n 
B 2 27 GLN 27 27 27 GLN GLN B . n 
B 2 28 GLN 28 28 28 GLN GLN B . n 
B 2 29 B3E 29 29 29 B3E B3E B . n 
B 2 30 LYS 30 30 30 LYS LYS B . n 
B 2 31 ASN 31 31 31 ASN ASN B . n 
B 2 32 GLU 32 32 32 GLU GLU B . n 
B 2 33 XCP 33 33 33 XCP XCP B . n 
B 2 34 ALA 34 34 34 ALA ALA B . n 
B 2 35 LEU 35 35 35 LEU LEU B . n 
B 2 36 XPC 36 36 36 XPC XPC B . n 
B 2 37 GLU 37 37 37 GLU GLU B . n 
B 2 38 LEU 38 38 38 LEU LEU B . n 
# 
loop_
_pdbx_nonpoly_scheme.asym_id 
_pdbx_nonpoly_scheme.entity_id 
_pdbx_nonpoly_scheme.mon_id 
_pdbx_nonpoly_scheme.ndb_seq_num 
_pdbx_nonpoly_scheme.pdb_seq_num 
_pdbx_nonpoly_scheme.auth_seq_num 
_pdbx_nonpoly_scheme.pdb_mon_id 
_pdbx_nonpoly_scheme.auth_mon_id 
_pdbx_nonpoly_scheme.pdb_strand_id 
_pdbx_nonpoly_scheme.pdb_ins_code 
C 3 ACE 1 0  0  ACE ACE A . 
D 4 GOL 1 37 1  GOL GOL A . 
E 4 GOL 1 38 1  GOL GOL A . 
F 4 GOL 1 39 1  GOL GOL B . 
G 4 GOL 1 40 1  GOL GOL B . 
H 5 HOH 1 39 2  HOH HOH A . 
H 5 HOH 2 40 5  HOH HOH A . 
H 5 HOH 3 41 6  HOH HOH A . 
I 5 HOH 1 41 1  HOH HOH B . 
I 5 HOH 2 42 3  HOH HOH B . 
I 5 HOH 3 43 4  HOH HOH B . 
I 5 HOH 4 44 7  HOH HOH B . 
I 5 HOH 5 45 8  HOH HOH B . 
I 5 HOH 6 46 9  HOH HOH B . 
I 5 HOH 7 47 10 HOH HOH B . 
I 5 HOH 8 48 11 HOH HOH B . 
I 5 HOH 9 49 12 HOH HOH B . 
# 
loop_
_pdbx_struct_mod_residue.id 
_pdbx_struct_mod_residue.label_asym_id 
_pdbx_struct_mod_residue.label_comp_id 
_pdbx_struct_mod_residue.label_seq_id 
_pdbx_struct_mod_residue.auth_asym_id 
_pdbx_struct_mod_residue.auth_comp_id 
_pdbx_struct_mod_residue.auth_seq_id 
_pdbx_struct_mod_residue.PDB_ins_code 
_pdbx_struct_mod_residue.parent_comp_id 
_pdbx_struct_mod_residue.details 
1 B B3E 26 B B3E 26 ? GLU '(3S)-3-AMINOHEXANEDIOIC ACID' 
2 B B3E 29 B B3E 29 ? GLU '(3S)-3-AMINOHEXANEDIOIC ACID' 
# 
_pdbx_struct_assembly.id                   1 
_pdbx_struct_assembly.details              author_and_software_defined_assembly 
_pdbx_struct_assembly.method_details       PISA 
_pdbx_struct_assembly.oligomeric_details   hexameric 
_pdbx_struct_assembly.oligomeric_count     6 
# 
_pdbx_struct_assembly_gen.assembly_id       1 
_pdbx_struct_assembly_gen.oper_expression   1,2,3 
_pdbx_struct_assembly_gen.asym_id_list      A,B,C,D,E,F,G,H,I 
# 
loop_
_pdbx_struct_assembly_prop.biol_id 
_pdbx_struct_assembly_prop.type 
_pdbx_struct_assembly_prop.value 
_pdbx_struct_assembly_prop.details 
1 'ABSA (A^2)' 12450 ? 
1 MORE         -103  ? 
1 'SSA (A^2)'  10920 ? 
# 
loop_
_pdbx_struct_oper_list.id 
_pdbx_struct_oper_list.type 
_pdbx_struct_oper_list.name 
_pdbx_struct_oper_list.symmetry_operation 
_pdbx_struct_oper_list.matrix[1][1] 
_pdbx_struct_oper_list.matrix[1][2] 
_pdbx_struct_oper_list.matrix[1][3] 
_pdbx_struct_oper_list.vector[1] 
_pdbx_struct_oper_list.matrix[2][1] 
_pdbx_struct_oper_list.matrix[2][2] 
_pdbx_struct_oper_list.matrix[2][3] 
_pdbx_struct_oper_list.vector[2] 
_pdbx_struct_oper_list.matrix[3][1] 
_pdbx_struct_oper_list.matrix[3][2] 
_pdbx_struct_oper_list.matrix[3][3] 
_pdbx_struct_oper_list.vector[3] 
1 'identity operation'         1_555 x,y,z       1.0000000000  0.0000000000  0.0000000000  0.0000000000  0.0000000000  1.0000000000  0.0000000000  0.0000000000  0.0000000000  0.0000000000  1.0000000000 0.0000000000 
2 'crystal symmetry operation' 2_545 -y,x-y-1,z  -0.1173800890 -0.8011448518 -0.5868465226 10.2569984480 0.6881784238  -0.4916618206 0.5335532881  -5.7468094352 -0.7159834997 -0.3412265825 0.6090419095 6.5229232183 
3 'crystal symmetry operation' 3_655 -x+y+1,-x,z -0.1173800890 0.6881784238  -0.7159834997 9.8291030428  -0.8011448518 -0.4916618206 -0.3412265825 7.6176495092  -0.5868465226 0.5335532881  0.6090419095 5.1127793297 
# 
loop_
_pdbx_audit_revision_history.ordinal 
_pdbx_audit_revision_history.data_content_type 
_pdbx_audit_revision_history.major_revision 
_pdbx_audit_revision_history.minor_revision 
_pdbx_audit_revision_history.revision_date 
1 'Structure model' 1 0 2009-10-20 
2 'Structure model' 1 1 2011-07-13 
3 'Structure model' 1 2 2023-09-06 
4 'Structure model' 2 0 2023-11-15 
# 
_pdbx_audit_revision_details.ordinal             1 
_pdbx_audit_revision_details.revision_ordinal    1 
_pdbx_audit_revision_details.data_content_type   'Structure model' 
_pdbx_audit_revision_details.provider            repository 
_pdbx_audit_revision_details.type                'Initial release' 
_pdbx_audit_revision_details.description         ? 
_pdbx_audit_revision_details.details             ? 
# 
loop_
_pdbx_audit_revision_group.ordinal 
_pdbx_audit_revision_group.revision_ordinal 
_pdbx_audit_revision_group.data_content_type 
_pdbx_audit_revision_group.group 
1 2 'Structure model' Advisory                    
2 2 'Structure model' 'Refinement description'    
3 2 'Structure model' 'Version format compliance' 
4 3 'Structure model' 'Data collection'           
5 3 'Structure model' 'Database references'       
6 3 'Structure model' 'Derived calculations'      
7 3 'Structure model' 'Refinement description'    
8 4 'Structure model' 'Atomic model'              
9 4 'Structure model' 'Data collection'           
# 
loop_
_pdbx_audit_revision_category.ordinal 
_pdbx_audit_revision_category.revision_ordinal 
_pdbx_audit_revision_category.data_content_type 
_pdbx_audit_revision_category.category 
1  3 'Structure model' chem_comp_atom                 
2  3 'Structure model' chem_comp_bond                 
3  3 'Structure model' database_2                     
4  3 'Structure model' pdbx_initial_refinement_model  
5  3 'Structure model' struct_conn                    
6  3 'Structure model' struct_site                    
7  4 'Structure model' atom_site                      
8  4 'Structure model' chem_comp_atom                 
9  4 'Structure model' chem_comp_bond                 
10 4 'Structure model' pdbx_validate_main_chain_plane 
11 4 'Structure model' pdbx_validate_peptide_omega    
12 4 'Structure model' pdbx_validate_rmsd_angle       
13 4 'Structure model' pdbx_validate_torsion          
# 
loop_
_pdbx_audit_revision_item.ordinal 
_pdbx_audit_revision_item.revision_ordinal 
_pdbx_audit_revision_item.data_content_type 
_pdbx_audit_revision_item.item 
1  3 'Structure model' '_database_2.pdbx_DOI'                        
2  3 'Structure model' '_database_2.pdbx_database_accession'         
3  3 'Structure model' '_struct_conn.pdbx_dist_value'                
4  3 'Structure model' '_struct_conn.pdbx_leaving_atom_flag'         
5  3 'Structure model' '_struct_conn.ptnr1_auth_asym_id'             
6  3 'Structure model' '_struct_conn.ptnr1_auth_comp_id'             
7  3 'Structure model' '_struct_conn.ptnr1_auth_seq_id'              
8  3 'Structure model' '_struct_conn.ptnr1_label_asym_id'            
9  3 'Structure model' '_struct_conn.ptnr1_label_atom_id'            
10 3 'Structure model' '_struct_conn.ptnr1_label_comp_id'            
11 3 'Structure model' '_struct_conn.ptnr1_label_seq_id'             
12 3 'Structure model' '_struct_conn.ptnr2_auth_asym_id'             
13 3 'Structure model' '_struct_conn.ptnr2_auth_comp_id'             
14 3 'Structure model' '_struct_conn.ptnr2_auth_seq_id'              
15 3 'Structure model' '_struct_conn.ptnr2_label_asym_id'            
16 3 'Structure model' '_struct_conn.ptnr2_label_atom_id'            
17 3 'Structure model' '_struct_conn.ptnr2_label_comp_id'            
18 3 'Structure model' '_struct_conn.ptnr2_label_seq_id'             
19 3 'Structure model' '_struct_site.pdbx_auth_asym_id'              
20 3 'Structure model' '_struct_site.pdbx_auth_comp_id'              
21 3 'Structure model' '_struct_site.pdbx_auth_seq_id'               
22 4 'Structure model' '_atom_site.B_iso_or_equiv'                   
23 4 'Structure model' '_atom_site.Cartn_x'                          
24 4 'Structure model' '_atom_site.Cartn_y'                          
25 4 'Structure model' '_atom_site.Cartn_z'                          
26 4 'Structure model' '_atom_site.auth_atom_id'                     
27 4 'Structure model' '_atom_site.label_atom_id'                    
28 4 'Structure model' '_chem_comp_atom.atom_id'                     
29 4 'Structure model' '_chem_comp_bond.atom_id_1'                   
30 4 'Structure model' '_chem_comp_bond.atom_id_2'                   
31 4 'Structure model' '_pdbx_validate_peptide_omega.auth_comp_id_1' 
32 4 'Structure model' '_pdbx_validate_peptide_omega.auth_comp_id_2' 
33 4 'Structure model' '_pdbx_validate_peptide_omega.auth_seq_id_1'  
34 4 'Structure model' '_pdbx_validate_peptide_omega.auth_seq_id_2'  
35 4 'Structure model' '_pdbx_validate_peptide_omega.omega'          
# 
_pdbx_refine_tls.pdbx_refine_id   'X-RAY DIFFRACTION' 
_pdbx_refine_tls.id               1 
_pdbx_refine_tls.details          ? 
_pdbx_refine_tls.method           refined 
_pdbx_refine_tls.origin_x         -0.4810 
_pdbx_refine_tls.origin_y         -0.0850 
_pdbx_refine_tls.origin_z         0.1581 
_pdbx_refine_tls.T[1][1]          0.0402 
_pdbx_refine_tls.T[2][2]          0.3349 
_pdbx_refine_tls.T[3][3]          0.0087 
_pdbx_refine_tls.T[1][2]          0.0304 
_pdbx_refine_tls.T[1][3]          0.0083 
_pdbx_refine_tls.T[2][3]          0.0107 
_pdbx_refine_tls.L[1][1]          3.1876 
_pdbx_refine_tls.L[2][2]          2.3463 
_pdbx_refine_tls.L[3][3]          0.4884 
_pdbx_refine_tls.L[1][2]          1.0127 
_pdbx_refine_tls.L[1][3]          0.2179 
_pdbx_refine_tls.L[2][3]          -0.8904 
_pdbx_refine_tls.S[1][1]          0.1276 
_pdbx_refine_tls.S[2][2]          -0.0775 
_pdbx_refine_tls.S[3][3]          -0.0500 
_pdbx_refine_tls.S[1][2]          -0.1301 
_pdbx_refine_tls.S[1][3]          -0.0312 
_pdbx_refine_tls.S[2][3]          -0.0951 
_pdbx_refine_tls.S[2][1]          0.0821 
_pdbx_refine_tls.S[3][1]          -0.0040 
_pdbx_refine_tls.S[3][2]          -0.1095 
# 
loop_
_pdbx_refine_tls_group.pdbx_refine_id 
_pdbx_refine_tls_group.id 
_pdbx_refine_tls_group.refine_tls_id 
_pdbx_refine_tls_group.beg_auth_asym_id 
_pdbx_refine_tls_group.beg_auth_seq_id 
_pdbx_refine_tls_group.end_auth_asym_id 
_pdbx_refine_tls_group.end_auth_seq_id 
_pdbx_refine_tls_group.selection_details 
_pdbx_refine_tls_group.beg_label_asym_id 
_pdbx_refine_tls_group.beg_label_seq_id 
_pdbx_refine_tls_group.end_label_asym_id 
_pdbx_refine_tls_group.end_label_seq_id 
_pdbx_refine_tls_group.selection 
'X-RAY DIFFRACTION' 1 1 A 1 A 36 ? . . . . ? 
'X-RAY DIFFRACTION' 2 1 B 2 B 38 ? . . . . ? 
# 
loop_
_software.name 
_software.classification 
_software.version 
_software.citation_id 
_software.pdbx_ordinal 
'PROTEUM PLUS' 'data collection' PLUS     ? 1 
PHASER         phasing           .        ? 2 
REFMAC         refinement        5.5.0070 ? 3 
'PROTEUM PLUS' 'data reduction'  PLUS     ? 4 
'PROTEUM PLUS' 'data scaling'    PLUS     ? 5 
# 
loop_
_pdbx_validate_rmsd_angle.id 
_pdbx_validate_rmsd_angle.PDB_model_num 
_pdbx_validate_rmsd_angle.auth_atom_id_1 
_pdbx_validate_rmsd_angle.auth_asym_id_1 
_pdbx_validate_rmsd_angle.auth_comp_id_1 
_pdbx_validate_rmsd_angle.auth_seq_id_1 
_pdbx_validate_rmsd_angle.PDB_ins_code_1 
_pdbx_validate_rmsd_angle.label_alt_id_1 
_pdbx_validate_rmsd_angle.auth_atom_id_2 
_pdbx_validate_rmsd_angle.auth_asym_id_2 
_pdbx_validate_rmsd_angle.auth_comp_id_2 
_pdbx_validate_rmsd_angle.auth_seq_id_2 
_pdbx_validate_rmsd_angle.PDB_ins_code_2 
_pdbx_validate_rmsd_angle.label_alt_id_2 
_pdbx_validate_rmsd_angle.auth_atom_id_3 
_pdbx_validate_rmsd_angle.auth_asym_id_3 
_pdbx_validate_rmsd_angle.auth_comp_id_3 
_pdbx_validate_rmsd_angle.auth_seq_id_3 
_pdbx_validate_rmsd_angle.PDB_ins_code_3 
_pdbx_validate_rmsd_angle.label_alt_id_3 
_pdbx_validate_rmsd_angle.angle_value 
_pdbx_validate_rmsd_angle.angle_target_value 
_pdbx_validate_rmsd_angle.angle_deviation 
_pdbx_validate_rmsd_angle.angle_standard_deviation 
_pdbx_validate_rmsd_angle.linker_flag 
1 1 C B GLU 18 ? ? N B XCP 19 ? ? CA B XCP 19 ? ? 141.77 121.70 20.07 2.50 Y 
2 1 C B GLU 32 ? ? N B XCP 33 ? ? CA B XCP 33 ? ? 144.53 121.70 22.83 2.50 Y 
# 
loop_
_pdbx_validate_torsion.id 
_pdbx_validate_torsion.PDB_model_num 
_pdbx_validate_torsion.auth_comp_id 
_pdbx_validate_torsion.auth_asym_id 
_pdbx_validate_torsion.auth_seq_id 
_pdbx_validate_torsion.PDB_ins_code 
_pdbx_validate_torsion.label_alt_id 
_pdbx_validate_torsion.phi 
_pdbx_validate_torsion.psi 
1 1 ILE A 35 ? ? -89.44 47.96  
2 1 ALA B 24 ? ? -62.47 -72.16 
# 
loop_
_pdbx_validate_peptide_omega.id 
_pdbx_validate_peptide_omega.PDB_model_num 
_pdbx_validate_peptide_omega.auth_comp_id_1 
_pdbx_validate_peptide_omega.auth_asym_id_1 
_pdbx_validate_peptide_omega.auth_seq_id_1 
_pdbx_validate_peptide_omega.PDB_ins_code_1 
_pdbx_validate_peptide_omega.label_alt_id_1 
_pdbx_validate_peptide_omega.auth_comp_id_2 
_pdbx_validate_peptide_omega.auth_asym_id_2 
_pdbx_validate_peptide_omega.auth_seq_id_2 
_pdbx_validate_peptide_omega.PDB_ins_code_2 
_pdbx_validate_peptide_omega.label_alt_id_2 
_pdbx_validate_peptide_omega.omega 
1 1 ALA B 14 ? ? XCP B 15 ? ? 142.49 
2 1 GLU B 18 ? ? XCP B 19 ? ? 145.72 
3 1 ILE B 21 ? ? XPC B 22 ? ? 141.61 
4 1 B3E B 26 ? ? GLN B 27 ? ? 136.33 
5 1 B3E B 29 ? ? LYS B 30 ? ? 144.91 
6 1 GLU B 32 ? ? XCP B 33 ? ? 149.59 
7 1 LEU B 35 ? ? XPC B 36 ? ? 140.75 
# 
loop_
_pdbx_validate_main_chain_plane.id 
_pdbx_validate_main_chain_plane.PDB_model_num 
_pdbx_validate_main_chain_plane.auth_comp_id 
_pdbx_validate_main_chain_plane.auth_asym_id 
_pdbx_validate_main_chain_plane.auth_seq_id 
_pdbx_validate_main_chain_plane.PDB_ins_code 
_pdbx_validate_main_chain_plane.label_alt_id 
_pdbx_validate_main_chain_plane.improper_torsion_angle 
1 1 B3E B 26 ? ? -20.24 
2 1 B3E B 29 ? ? -16.64 
# 
loop_
_pdbx_unobs_or_zero_occ_atoms.id 
_pdbx_unobs_or_zero_occ_atoms.PDB_model_num 
_pdbx_unobs_or_zero_occ_atoms.polymer_flag 
_pdbx_unobs_or_zero_occ_atoms.occupancy_flag 
_pdbx_unobs_or_zero_occ_atoms.auth_asym_id 
_pdbx_unobs_or_zero_occ_atoms.auth_comp_id 
_pdbx_unobs_or_zero_occ_atoms.auth_seq_id 
_pdbx_unobs_or_zero_occ_atoms.PDB_ins_code 
_pdbx_unobs_or_zero_occ_atoms.auth_atom_id 
_pdbx_unobs_or_zero_occ_atoms.label_alt_id 
_pdbx_unobs_or_zero_occ_atoms.label_asym_id 
_pdbx_unobs_or_zero_occ_atoms.label_comp_id 
_pdbx_unobs_or_zero_occ_atoms.label_seq_id 
_pdbx_unobs_or_zero_occ_atoms.label_atom_id 
1  1 Y 1 A GLN 5  ? CG  ? A GLN 5  CG  
2  1 Y 1 A GLN 5  ? CD  ? A GLN 5  CD  
3  1 Y 1 A GLN 5  ? OE1 ? A GLN 5  OE1 
4  1 Y 1 A GLN 5  ? NE2 ? A GLN 5  NE2 
5  1 Y 1 A GLN 32 ? CD  ? A GLN 32 CD  
6  1 Y 1 A GLN 32 ? OE1 ? A GLN 32 OE1 
7  1 Y 1 A GLN 32 ? NE2 ? A GLN 32 NE2 
8  1 Y 1 A ARG 34 ? CG  ? A ARG 34 CG  
9  1 Y 1 A ARG 34 ? CD  ? A ARG 34 CD  
10 1 Y 1 A ARG 34 ? NE  ? A ARG 34 NE  
11 1 Y 1 A ARG 34 ? CZ  ? A ARG 34 CZ  
12 1 Y 1 A ARG 34 ? NH1 ? A ARG 34 NH1 
13 1 Y 1 A ARG 34 ? NH2 ? A ARG 34 NH2 
14 1 Y 1 A ILE 35 ? CG1 ? A ILE 35 CG1 
15 1 Y 1 A ILE 35 ? CG2 ? A ILE 35 CG2 
16 1 Y 1 A ILE 35 ? CD1 ? A ILE 35 CD1 
17 1 Y 1 A LEU 36 ? CG  ? A LEU 36 CG  
18 1 Y 1 A LEU 36 ? CD1 ? A LEU 36 CD1 
19 1 Y 1 A LEU 36 ? CD2 ? A LEU 36 CD2 
20 1 Y 1 B ARG 16 ? CZ  ? B ARG 16 CZ  
21 1 Y 1 B ARG 16 ? NH1 ? B ARG 16 NH1 
22 1 Y 1 B ARG 16 ? NH2 ? B ARG 16 NH2 
23 1 Y 1 B B3E 29 ? CE  ? B B3E 29 CE  
24 1 Y 1 B B3E 29 ? OF2 ? B B3E 29 OF2 
25 1 Y 1 B B3E 29 ? OF1 ? B B3E 29 OF1 
# 
_pdbx_unobs_or_zero_occ_residues.id               1 
_pdbx_unobs_or_zero_occ_residues.PDB_model_num    1 
_pdbx_unobs_or_zero_occ_residues.polymer_flag     Y 
_pdbx_unobs_or_zero_occ_residues.occupancy_flag   1 
_pdbx_unobs_or_zero_occ_residues.auth_asym_id     B 
_pdbx_unobs_or_zero_occ_residues.auth_comp_id     THR 
_pdbx_unobs_or_zero_occ_residues.auth_seq_id      1 
_pdbx_unobs_or_zero_occ_residues.PDB_ins_code     ? 
_pdbx_unobs_or_zero_occ_residues.label_asym_id    B 
_pdbx_unobs_or_zero_occ_residues.label_comp_id    THR 
_pdbx_unobs_or_zero_occ_residues.label_seq_id     1 
# 
loop_
_chem_comp_atom.comp_id 
_chem_comp_atom.atom_id 
_chem_comp_atom.type_symbol 
_chem_comp_atom.pdbx_aromatic_flag 
_chem_comp_atom.pdbx_stereo_config 
_chem_comp_atom.pdbx_ordinal 
ACE C    C N N 1   
ACE O    O N N 2   
ACE CH3  C N N 3   
ACE H    H N N 4   
ACE H1   H N N 5   
ACE H2   H N N 6   
ACE H3   H N N 7   
ALA N    N N N 8   
ALA CA   C N S 9   
ALA C    C N N 10  
ALA O    O N N 11  
ALA CB   C N N 12  
ALA OXT  O N N 13  
ALA H    H N N 14  
ALA H2   H N N 15  
ALA HA   H N N 16  
ALA HB1  H N N 17  
ALA HB2  H N N 18  
ALA HB3  H N N 19  
ALA HXT  H N N 20  
ARG N    N N N 21  
ARG CA   C N S 22  
ARG C    C N N 23  
ARG O    O N N 24  
ARG CB   C N N 25  
ARG CG   C N N 26  
ARG CD   C N N 27  
ARG NE   N N N 28  
ARG CZ   C N N 29  
ARG NH1  N N N 30  
ARG NH2  N N N 31  
ARG OXT  O N N 32  
ARG H    H N N 33  
ARG H2   H N N 34  
ARG HA   H N N 35  
ARG HB2  H N N 36  
ARG HB3  H N N 37  
ARG HG2  H N N 38  
ARG HG3  H N N 39  
ARG HD2  H N N 40  
ARG HD3  H N N 41  
ARG HE   H N N 42  
ARG HH11 H N N 43  
ARG HH12 H N N 44  
ARG HH21 H N N 45  
ARG HH22 H N N 46  
ARG HXT  H N N 47  
ASN N    N N N 48  
ASN CA   C N S 49  
ASN C    C N N 50  
ASN O    O N N 51  
ASN CB   C N N 52  
ASN CG   C N N 53  
ASN OD1  O N N 54  
ASN ND2  N N N 55  
ASN OXT  O N N 56  
ASN H    H N N 57  
ASN H2   H N N 58  
ASN HA   H N N 59  
ASN HB2  H N N 60  
ASN HB3  H N N 61  
ASN HD21 H N N 62  
ASN HD22 H N N 63  
ASN HXT  H N N 64  
ASP N    N N N 65  
ASP CA   C N S 66  
ASP C    C N N 67  
ASP O    O N N 68  
ASP CB   C N N 69  
ASP CG   C N N 70  
ASP OD1  O N N 71  
ASP OD2  O N N 72  
ASP OXT  O N N 73  
ASP H    H N N 74  
ASP H2   H N N 75  
ASP HA   H N N 76  
ASP HB2  H N N 77  
ASP HB3  H N N 78  
ASP HD2  H N N 79  
ASP HXT  H N N 80  
B3E N    N N N 81  
B3E CA   C N S 82  
B3E CG   C N N 83  
B3E CD   C N N 84  
B3E CE   C N N 85  
B3E OF2  O N N 86  
B3E OF1  O N N 87  
B3E CB   C N N 88  
B3E C    C N N 89  
B3E O    O N N 90  
B3E OXT  O N N 91  
B3E H    H N N 92  
B3E H2   H N N 93  
B3E HA   H N N 94  
B3E HG2  H N N 95  
B3E HG3  H N N 96  
B3E HD2  H N N 97  
B3E HD3  H N N 98  
B3E HOF1 H N N 99  
B3E HB1  H N N 100 
B3E HB2  H N N 101 
B3E HXT  H N N 102 
GLN N    N N N 103 
GLN CA   C N S 104 
GLN C    C N N 105 
GLN O    O N N 106 
GLN CB   C N N 107 
GLN CG   C N N 108 
GLN CD   C N N 109 
GLN OE1  O N N 110 
GLN NE2  N N N 111 
GLN OXT  O N N 112 
GLN H    H N N 113 
GLN H2   H N N 114 
GLN HA   H N N 115 
GLN HB2  H N N 116 
GLN HB3  H N N 117 
GLN HG2  H N N 118 
GLN HG3  H N N 119 
GLN HE21 H N N 120 
GLN HE22 H N N 121 
GLN HXT  H N N 122 
GLU N    N N N 123 
GLU CA   C N S 124 
GLU C    C N N 125 
GLU O    O N N 126 
GLU CB   C N N 127 
GLU CG   C N N 128 
GLU CD   C N N 129 
GLU OE1  O N N 130 
GLU OE2  O N N 131 
GLU OXT  O N N 132 
GLU H    H N N 133 
GLU H2   H N N 134 
GLU HA   H N N 135 
GLU HB2  H N N 136 
GLU HB3  H N N 137 
GLU HG2  H N N 138 
GLU HG3  H N N 139 
GLU HE2  H N N 140 
GLU HXT  H N N 141 
GLY N    N N N 142 
GLY CA   C N N 143 
GLY C    C N N 144 
GLY O    O N N 145 
GLY OXT  O N N 146 
GLY H    H N N 147 
GLY H2   H N N 148 
GLY HA2  H N N 149 
GLY HA3  H N N 150 
GLY HXT  H N N 151 
GOL C1   C N N 152 
GOL O1   O N N 153 
GOL C2   C N N 154 
GOL O2   O N N 155 
GOL C3   C N N 156 
GOL O3   O N N 157 
GOL H11  H N N 158 
GOL H12  H N N 159 
GOL HO1  H N N 160 
GOL H2   H N N 161 
GOL HO2  H N N 162 
GOL H31  H N N 163 
GOL H32  H N N 164 
GOL HO3  H N N 165 
HIS N    N N N 166 
HIS CA   C N S 167 
HIS C    C N N 168 
HIS O    O N N 169 
HIS CB   C N N 170 
HIS CG   C Y N 171 
HIS ND1  N Y N 172 
HIS CD2  C Y N 173 
HIS CE1  C Y N 174 
HIS NE2  N Y N 175 
HIS OXT  O N N 176 
HIS H    H N N 177 
HIS H2   H N N 178 
HIS HA   H N N 179 
HIS HB2  H N N 180 
HIS HB3  H N N 181 
HIS HD1  H N N 182 
HIS HD2  H N N 183 
HIS HE1  H N N 184 
HIS HE2  H N N 185 
HIS HXT  H N N 186 
HOH O    O N N 187 
HOH H1   H N N 188 
HOH H2   H N N 189 
ILE N    N N N 190 
ILE CA   C N S 191 
ILE C    C N N 192 
ILE O    O N N 193 
ILE CB   C N S 194 
ILE CG1  C N N 195 
ILE CG2  C N N 196 
ILE CD1  C N N 197 
ILE OXT  O N N 198 
ILE H    H N N 199 
ILE H2   H N N 200 
ILE HA   H N N 201 
ILE HB   H N N 202 
ILE HG12 H N N 203 
ILE HG13 H N N 204 
ILE HG21 H N N 205 
ILE HG22 H N N 206 
ILE HG23 H N N 207 
ILE HD11 H N N 208 
ILE HD12 H N N 209 
ILE HD13 H N N 210 
ILE HXT  H N N 211 
LEU N    N N N 212 
LEU CA   C N S 213 
LEU C    C N N 214 
LEU O    O N N 215 
LEU CB   C N N 216 
LEU CG   C N N 217 
LEU CD1  C N N 218 
LEU CD2  C N N 219 
LEU OXT  O N N 220 
LEU H    H N N 221 
LEU H2   H N N 222 
LEU HA   H N N 223 
LEU HB2  H N N 224 
LEU HB3  H N N 225 
LEU HG   H N N 226 
LEU HD11 H N N 227 
LEU HD12 H N N 228 
LEU HD13 H N N 229 
LEU HD21 H N N 230 
LEU HD22 H N N 231 
LEU HD23 H N N 232 
LEU HXT  H N N 233 
LYS N    N N N 234 
LYS CA   C N S 235 
LYS C    C N N 236 
LYS O    O N N 237 
LYS CB   C N N 238 
LYS CG   C N N 239 
LYS CD   C N N 240 
LYS CE   C N N 241 
LYS NZ   N N N 242 
LYS OXT  O N N 243 
LYS H    H N N 244 
LYS H2   H N N 245 
LYS HA   H N N 246 
LYS HB2  H N N 247 
LYS HB3  H N N 248 
LYS HG2  H N N 249 
LYS HG3  H N N 250 
LYS HD2  H N N 251 
LYS HD3  H N N 252 
LYS HE2  H N N 253 
LYS HE3  H N N 254 
LYS HZ1  H N N 255 
LYS HZ2  H N N 256 
LYS HZ3  H N N 257 
LYS HXT  H N N 258 
SER N    N N N 259 
SER CA   C N S 260 
SER C    C N N 261 
SER O    O N N 262 
SER CB   C N N 263 
SER OG   O N N 264 
SER OXT  O N N 265 
SER H    H N N 266 
SER H2   H N N 267 
SER HA   H N N 268 
SER HB2  H N N 269 
SER HB3  H N N 270 
SER HG   H N N 271 
SER HXT  H N N 272 
THR N    N N N 273 
THR CA   C N S 274 
THR C    C N N 275 
THR O    O N N 276 
THR CB   C N R 277 
THR OG1  O N N 278 
THR CG2  C N N 279 
THR OXT  O N N 280 
THR H    H N N 281 
THR H2   H N N 282 
THR HA   H N N 283 
THR HB   H N N 284 
THR HG1  H N N 285 
THR HG21 H N N 286 
THR HG22 H N N 287 
THR HG23 H N N 288 
THR HXT  H N N 289 
TRP N    N N N 290 
TRP CA   C N S 291 
TRP C    C N N 292 
TRP O    O N N 293 
TRP CB   C N N 294 
TRP CG   C Y N 295 
TRP CD1  C Y N 296 
TRP CD2  C Y N 297 
TRP NE1  N Y N 298 
TRP CE2  C Y N 299 
TRP CE3  C Y N 300 
TRP CZ2  C Y N 301 
TRP CZ3  C Y N 302 
TRP CH2  C Y N 303 
TRP OXT  O N N 304 
TRP H    H N N 305 
TRP H2   H N N 306 
TRP HA   H N N 307 
TRP HB2  H N N 308 
TRP HB3  H N N 309 
TRP HD1  H N N 310 
TRP HE1  H N N 311 
TRP HE3  H N N 312 
TRP HZ2  H N N 313 
TRP HZ3  H N N 314 
TRP HH2  H N N 315 
TRP HXT  H N N 316 
TYR N    N N N 317 
TYR CA   C N S 318 
TYR C    C N N 319 
TYR O    O N N 320 
TYR CB   C N N 321 
TYR CG   C Y N 322 
TYR CD1  C Y N 323 
TYR CD2  C Y N 324 
TYR CE1  C Y N 325 
TYR CE2  C Y N 326 
TYR CZ   C Y N 327 
TYR OH   O N N 328 
TYR OXT  O N N 329 
TYR H    H N N 330 
TYR H2   H N N 331 
TYR HA   H N N 332 
TYR HB2  H N N 333 
TYR HB3  H N N 334 
TYR HD1  H N N 335 
TYR HD2  H N N 336 
TYR HE1  H N N 337 
TYR HE2  H N N 338 
TYR HH   H N N 339 
TYR HXT  H N N 340 
VAL N    N N N 341 
VAL CA   C N S 342 
VAL C    C N N 343 
VAL O    O N N 344 
VAL CB   C N N 345 
VAL CG1  C N N 346 
VAL CG2  C N N 347 
VAL OXT  O N N 348 
VAL H    H N N 349 
VAL H2   H N N 350 
VAL HA   H N N 351 
VAL HB   H N N 352 
VAL HG11 H N N 353 
VAL HG12 H N N 354 
VAL HG13 H N N 355 
VAL HG21 H N N 356 
VAL HG22 H N N 357 
VAL HG23 H N N 358 
VAL HXT  H N N 359 
XCP N    N N N 360 
XCP CB   C N S 361 
XCP CG   C N N 362 
XCP CD   C N N 363 
XCP CE   C N N 364 
XCP CA   C N S 365 
XCP C    C N N 366 
XCP O    O N N 367 
XCP H    H N N 368 
XCP HB   H N N 369 
XCP HG   H N N 370 
XCP HGA  H N N 371 
XCP HD   H N N 372 
XCP HDA  H N N 373 
XCP HE   H N N 374 
XCP HEA  H N N 375 
XCP HA   H N N 376 
XCP H2   H N N 377 
XCP OXT  O N N 378 
XCP HXT  H N N 379 
XPC N    N N N 380 
XPC CB   C N R 381 
XPC CG   C N N 382 
XPC ND   N N N 383 
XPC CE   C N N 384 
XPC CA   C N S 385 
XPC C    C N N 386 
XPC O    O N N 387 
XPC H    H N N 388 
XPC HB   H N N 389 
XPC HG   H N N 390 
XPC HGA  H N N 391 
XPC HND  H N N 392 
XPC HE   H N N 393 
XPC HEA  H N N 394 
XPC HA   H N N 395 
XPC H2   H N N 396 
XPC OXT  O N N 397 
XPC HXT  H N N 398 
# 
loop_
_chem_comp_bond.comp_id 
_chem_comp_bond.atom_id_1 
_chem_comp_bond.atom_id_2 
_chem_comp_bond.value_order 
_chem_comp_bond.pdbx_aromatic_flag 
_chem_comp_bond.pdbx_stereo_config 
_chem_comp_bond.pdbx_ordinal 
ACE C   O    doub N N 1   
ACE C   CH3  sing N N 2   
ACE C   H    sing N N 3   
ACE CH3 H1   sing N N 4   
ACE CH3 H2   sing N N 5   
ACE CH3 H3   sing N N 6   
ALA N   CA   sing N N 7   
ALA N   H    sing N N 8   
ALA N   H2   sing N N 9   
ALA CA  C    sing N N 10  
ALA CA  CB   sing N N 11  
ALA CA  HA   sing N N 12  
ALA C   O    doub N N 13  
ALA C   OXT  sing N N 14  
ALA CB  HB1  sing N N 15  
ALA CB  HB2  sing N N 16  
ALA CB  HB3  sing N N 17  
ALA OXT HXT  sing N N 18  
ARG N   CA   sing N N 19  
ARG N   H    sing N N 20  
ARG N   H2   sing N N 21  
ARG CA  C    sing N N 22  
ARG CA  CB   sing N N 23  
ARG CA  HA   sing N N 24  
ARG C   O    doub N N 25  
ARG C   OXT  sing N N 26  
ARG CB  CG   sing N N 27  
ARG CB  HB2  sing N N 28  
ARG CB  HB3  sing N N 29  
ARG CG  CD   sing N N 30  
ARG CG  HG2  sing N N 31  
ARG CG  HG3  sing N N 32  
ARG CD  NE   sing N N 33  
ARG CD  HD2  sing N N 34  
ARG CD  HD3  sing N N 35  
ARG NE  CZ   sing N N 36  
ARG NE  HE   sing N N 37  
ARG CZ  NH1  sing N N 38  
ARG CZ  NH2  doub N N 39  
ARG NH1 HH11 sing N N 40  
ARG NH1 HH12 sing N N 41  
ARG NH2 HH21 sing N N 42  
ARG NH2 HH22 sing N N 43  
ARG OXT HXT  sing N N 44  
ASN N   CA   sing N N 45  
ASN N   H    sing N N 46  
ASN N   H2   sing N N 47  
ASN CA  C    sing N N 48  
ASN CA  CB   sing N N 49  
ASN CA  HA   sing N N 50  
ASN C   O    doub N N 51  
ASN C   OXT  sing N N 52  
ASN CB  CG   sing N N 53  
ASN CB  HB2  sing N N 54  
ASN CB  HB3  sing N N 55  
ASN CG  OD1  doub N N 56  
ASN CG  ND2  sing N N 57  
ASN ND2 HD21 sing N N 58  
ASN ND2 HD22 sing N N 59  
ASN OXT HXT  sing N N 60  
ASP N   CA   sing N N 61  
ASP N   H    sing N N 62  
ASP N   H2   sing N N 63  
ASP CA  C    sing N N 64  
ASP CA  CB   sing N N 65  
ASP CA  HA   sing N N 66  
ASP C   O    doub N N 67  
ASP C   OXT  sing N N 68  
ASP CB  CG   sing N N 69  
ASP CB  HB2  sing N N 70  
ASP CB  HB3  sing N N 71  
ASP CG  OD1  doub N N 72  
ASP CG  OD2  sing N N 73  
ASP OD2 HD2  sing N N 74  
ASP OXT HXT  sing N N 75  
B3E N   CA   sing N N 76  
B3E N   H    sing N N 77  
B3E N   H2   sing N N 78  
B3E CA  CG   sing N N 79  
B3E CA  CB   sing N N 80  
B3E CA  HA   sing N N 81  
B3E CG  CD   sing N N 82  
B3E CG  HG2  sing N N 83  
B3E CG  HG3  sing N N 84  
B3E CD  CE   sing N N 85  
B3E CD  HD2  sing N N 86  
B3E CD  HD3  sing N N 87  
B3E CE  OF2  doub N N 88  
B3E CE  OF1  sing N N 89  
B3E OF1 HOF1 sing N N 90  
B3E CB  C    sing N N 91  
B3E CB  HB1  sing N N 92  
B3E CB  HB2  sing N N 93  
B3E C   OXT  sing N N 94  
B3E C   O    doub N N 95  
B3E OXT HXT  sing N N 96  
GLN N   CA   sing N N 97  
GLN N   H    sing N N 98  
GLN N   H2   sing N N 99  
GLN CA  C    sing N N 100 
GLN CA  CB   sing N N 101 
GLN CA  HA   sing N N 102 
GLN C   O    doub N N 103 
GLN C   OXT  sing N N 104 
GLN CB  CG   sing N N 105 
GLN CB  HB2  sing N N 106 
GLN CB  HB3  sing N N 107 
GLN CG  CD   sing N N 108 
GLN CG  HG2  sing N N 109 
GLN CG  HG3  sing N N 110 
GLN CD  OE1  doub N N 111 
GLN CD  NE2  sing N N 112 
GLN NE2 HE21 sing N N 113 
GLN NE2 HE22 sing N N 114 
GLN OXT HXT  sing N N 115 
GLU N   CA   sing N N 116 
GLU N   H    sing N N 117 
GLU N   H2   sing N N 118 
GLU CA  C    sing N N 119 
GLU CA  CB   sing N N 120 
GLU CA  HA   sing N N 121 
GLU C   O    doub N N 122 
GLU C   OXT  sing N N 123 
GLU CB  CG   sing N N 124 
GLU CB  HB2  sing N N 125 
GLU CB  HB3  sing N N 126 
GLU CG  CD   sing N N 127 
GLU CG  HG2  sing N N 128 
GLU CG  HG3  sing N N 129 
GLU CD  OE1  doub N N 130 
GLU CD  OE2  sing N N 131 
GLU OE2 HE2  sing N N 132 
GLU OXT HXT  sing N N 133 
GLY N   CA   sing N N 134 
GLY N   H    sing N N 135 
GLY N   H2   sing N N 136 
GLY CA  C    sing N N 137 
GLY CA  HA2  sing N N 138 
GLY CA  HA3  sing N N 139 
GLY C   O    doub N N 140 
GLY C   OXT  sing N N 141 
GLY OXT HXT  sing N N 142 
GOL C1  O1   sing N N 143 
GOL C1  C2   sing N N 144 
GOL C1  H11  sing N N 145 
GOL C1  H12  sing N N 146 
GOL O1  HO1  sing N N 147 
GOL C2  O2   sing N N 148 
GOL C2  C3   sing N N 149 
GOL C2  H2   sing N N 150 
GOL O2  HO2  sing N N 151 
GOL C3  O3   sing N N 152 
GOL C3  H31  sing N N 153 
GOL C3  H32  sing N N 154 
GOL O3  HO3  sing N N 155 
HIS N   CA   sing N N 156 
HIS N   H    sing N N 157 
HIS N   H2   sing N N 158 
HIS CA  C    sing N N 159 
HIS CA  CB   sing N N 160 
HIS CA  HA   sing N N 161 
HIS C   O    doub N N 162 
HIS C   OXT  sing N N 163 
HIS CB  CG   sing N N 164 
HIS CB  HB2  sing N N 165 
HIS CB  HB3  sing N N 166 
HIS CG  ND1  sing Y N 167 
HIS CG  CD2  doub Y N 168 
HIS ND1 CE1  doub Y N 169 
HIS ND1 HD1  sing N N 170 
HIS CD2 NE2  sing Y N 171 
HIS CD2 HD2  sing N N 172 
HIS CE1 NE2  sing Y N 173 
HIS CE1 HE1  sing N N 174 
HIS NE2 HE2  sing N N 175 
HIS OXT HXT  sing N N 176 
HOH O   H1   sing N N 177 
HOH O   H2   sing N N 178 
ILE N   CA   sing N N 179 
ILE N   H    sing N N 180 
ILE N   H2   sing N N 181 
ILE CA  C    sing N N 182 
ILE CA  CB   sing N N 183 
ILE CA  HA   sing N N 184 
ILE C   O    doub N N 185 
ILE C   OXT  sing N N 186 
ILE CB  CG1  sing N N 187 
ILE CB  CG2  sing N N 188 
ILE CB  HB   sing N N 189 
ILE CG1 CD1  sing N N 190 
ILE CG1 HG12 sing N N 191 
ILE CG1 HG13 sing N N 192 
ILE CG2 HG21 sing N N 193 
ILE CG2 HG22 sing N N 194 
ILE CG2 HG23 sing N N 195 
ILE CD1 HD11 sing N N 196 
ILE CD1 HD12 sing N N 197 
ILE CD1 HD13 sing N N 198 
ILE OXT HXT  sing N N 199 
LEU N   CA   sing N N 200 
LEU N   H    sing N N 201 
LEU N   H2   sing N N 202 
LEU CA  C    sing N N 203 
LEU CA  CB   sing N N 204 
LEU CA  HA   sing N N 205 
LEU C   O    doub N N 206 
LEU C   OXT  sing N N 207 
LEU CB  CG   sing N N 208 
LEU CB  HB2  sing N N 209 
LEU CB  HB3  sing N N 210 
LEU CG  CD1  sing N N 211 
LEU CG  CD2  sing N N 212 
LEU CG  HG   sing N N 213 
LEU CD1 HD11 sing N N 214 
LEU CD1 HD12 sing N N 215 
LEU CD1 HD13 sing N N 216 
LEU CD2 HD21 sing N N 217 
LEU CD2 HD22 sing N N 218 
LEU CD2 HD23 sing N N 219 
LEU OXT HXT  sing N N 220 
LYS N   CA   sing N N 221 
LYS N   H    sing N N 222 
LYS N   H2   sing N N 223 
LYS CA  C    sing N N 224 
LYS CA  CB   sing N N 225 
LYS CA  HA   sing N N 226 
LYS C   O    doub N N 227 
LYS C   OXT  sing N N 228 
LYS CB  CG   sing N N 229 
LYS CB  HB2  sing N N 230 
LYS CB  HB3  sing N N 231 
LYS CG  CD   sing N N 232 
LYS CG  HG2  sing N N 233 
LYS CG  HG3  sing N N 234 
LYS CD  CE   sing N N 235 
LYS CD  HD2  sing N N 236 
LYS CD  HD3  sing N N 237 
LYS CE  NZ   sing N N 238 
LYS CE  HE2  sing N N 239 
LYS CE  HE3  sing N N 240 
LYS NZ  HZ1  sing N N 241 
LYS NZ  HZ2  sing N N 242 
LYS NZ  HZ3  sing N N 243 
LYS OXT HXT  sing N N 244 
SER N   CA   sing N N 245 
SER N   H    sing N N 246 
SER N   H2   sing N N 247 
SER CA  C    sing N N 248 
SER CA  CB   sing N N 249 
SER CA  HA   sing N N 250 
SER C   O    doub N N 251 
SER C   OXT  sing N N 252 
SER CB  OG   sing N N 253 
SER CB  HB2  sing N N 254 
SER CB  HB3  sing N N 255 
SER OG  HG   sing N N 256 
SER OXT HXT  sing N N 257 
THR N   CA   sing N N 258 
THR N   H    sing N N 259 
THR N   H2   sing N N 260 
THR CA  C    sing N N 261 
THR CA  CB   sing N N 262 
THR CA  HA   sing N N 263 
THR C   O    doub N N 264 
THR C   OXT  sing N N 265 
THR CB  OG1  sing N N 266 
THR CB  CG2  sing N N 267 
THR CB  HB   sing N N 268 
THR OG1 HG1  sing N N 269 
THR CG2 HG21 sing N N 270 
THR CG2 HG22 sing N N 271 
THR CG2 HG23 sing N N 272 
THR OXT HXT  sing N N 273 
TRP N   CA   sing N N 274 
TRP N   H    sing N N 275 
TRP N   H2   sing N N 276 
TRP CA  C    sing N N 277 
TRP CA  CB   sing N N 278 
TRP CA  HA   sing N N 279 
TRP C   O    doub N N 280 
TRP C   OXT  sing N N 281 
TRP CB  CG   sing N N 282 
TRP CB  HB2  sing N N 283 
TRP CB  HB3  sing N N 284 
TRP CG  CD1  doub Y N 285 
TRP CG  CD2  sing Y N 286 
TRP CD1 NE1  sing Y N 287 
TRP CD1 HD1  sing N N 288 
TRP CD2 CE2  doub Y N 289 
TRP CD2 CE3  sing Y N 290 
TRP NE1 CE2  sing Y N 291 
TRP NE1 HE1  sing N N 292 
TRP CE2 CZ2  sing Y N 293 
TRP CE3 CZ3  doub Y N 294 
TRP CE3 HE3  sing N N 295 
TRP CZ2 CH2  doub Y N 296 
TRP CZ2 HZ2  sing N N 297 
TRP CZ3 CH2  sing Y N 298 
TRP CZ3 HZ3  sing N N 299 
TRP CH2 HH2  sing N N 300 
TRP OXT HXT  sing N N 301 
TYR N   CA   sing N N 302 
TYR N   H    sing N N 303 
TYR N   H2   sing N N 304 
TYR CA  C    sing N N 305 
TYR CA  CB   sing N N 306 
TYR CA  HA   sing N N 307 
TYR C   O    doub N N 308 
TYR C   OXT  sing N N 309 
TYR CB  CG   sing N N 310 
TYR CB  HB2  sing N N 311 
TYR CB  HB3  sing N N 312 
TYR CG  CD1  doub Y N 313 
TYR CG  CD2  sing Y N 314 
TYR CD1 CE1  sing Y N 315 
TYR CD1 HD1  sing N N 316 
TYR CD2 CE2  doub Y N 317 
TYR CD2 HD2  sing N N 318 
TYR CE1 CZ   doub Y N 319 
TYR CE1 HE1  sing N N 320 
TYR CE2 CZ   sing Y N 321 
TYR CE2 HE2  sing N N 322 
TYR CZ  OH   sing N N 323 
TYR OH  HH   sing N N 324 
TYR OXT HXT  sing N N 325 
VAL N   CA   sing N N 326 
VAL N   H    sing N N 327 
VAL N   H2   sing N N 328 
VAL CA  C    sing N N 329 
VAL CA  CB   sing N N 330 
VAL CA  HA   sing N N 331 
VAL C   O    doub N N 332 
VAL C   OXT  sing N N 333 
VAL CB  CG1  sing N N 334 
VAL CB  CG2  sing N N 335 
VAL CB  HB   sing N N 336 
VAL CG1 HG11 sing N N 337 
VAL CG1 HG12 sing N N 338 
VAL CG1 HG13 sing N N 339 
VAL CG2 HG21 sing N N 340 
VAL CG2 HG22 sing N N 341 
VAL CG2 HG23 sing N N 342 
VAL OXT HXT  sing N N 343 
XCP N   H    sing N N 344 
XCP N   H2   sing N N 345 
XCP CB  N    sing N N 346 
XCP CB  CG   sing N N 347 
XCP CG  HGA  sing N N 348 
XCP CD  CG   sing N N 349 
XCP CD  HD   sing N N 350 
XCP CE  CD   sing N N 351 
XCP CE  CA   sing N N 352 
XCP CE  HE   sing N N 353 
XCP CA  CB   sing N N 354 
XCP CA  HA   sing N N 355 
XCP C   CA   sing N N 356 
XCP C   OXT  sing N N 357 
XCP O   C    doub N N 358 
XCP HB  CB   sing N N 359 
XCP HG  CG   sing N N 360 
XCP HDA CD   sing N N 361 
XCP HEA CE   sing N N 362 
XCP OXT HXT  sing N N 363 
XPC N   H    sing N N 364 
XPC N   H2   sing N N 365 
XPC CB  N    sing N N 366 
XPC CB  CG   sing N N 367 
XPC CG  HGA  sing N N 368 
XPC ND  CG   sing N N 369 
XPC ND  HND  sing N N 370 
XPC CE  ND   sing N N 371 
XPC CE  HE   sing N N 372 
XPC CE  CA   sing N N 373 
XPC CA  CB   sing N N 374 
XPC CA  HA   sing N N 375 
XPC C   CA   sing N N 376 
XPC C   OXT  sing N N 377 
XPC O   C    doub N N 378 
XPC HB  CB   sing N N 379 
XPC HG  CG   sing N N 380 
XPC HEA CE   sing N N 381 
XPC OXT HXT  sing N N 382 
# 
loop_
_pdbx_entity_nonpoly.entity_id 
_pdbx_entity_nonpoly.name 
_pdbx_entity_nonpoly.comp_id 
3 'ACETYL GROUP' ACE 
4 GLYCEROL       GOL 
5 water          HOH 
# 
loop_
_pdbx_initial_refinement_model.id 
_pdbx_initial_refinement_model.entity_id_list 
_pdbx_initial_refinement_model.type 
_pdbx_initial_refinement_model.source_name 
_pdbx_initial_refinement_model.accession_code 
_pdbx_initial_refinement_model.details 
1 ? 'experimental model' PDB 3F4Y 'PDB entries 3F4Y, 3F50' 
2 ? 'experimental model' PDB 3F50 'PDB entries 3F4Y, 3F50' 
# 
